data_6L6C
# 
_entry.id   6L6C 
# 
_audit_conform.dict_name       mmcif_pdbx.dic 
_audit_conform.dict_version    5.380 
_audit_conform.dict_location   http://mmcif.pdb.org/dictionaries/ascii/mmcif_pdbx.dic 
# 
loop_
_database_2.database_id 
_database_2.database_code 
_database_2.pdbx_database_accession 
_database_2.pdbx_DOI 
PDB   6L6C         pdb_00006l6c 10.2210/pdb6l6c/pdb 
WWPDB D_1300014291 ?            ?                   
# 
_pdbx_database_status.status_code                     REL 
_pdbx_database_status.status_code_sf                  REL 
_pdbx_database_status.status_code_mr                  ? 
_pdbx_database_status.entry_id                        6L6C 
_pdbx_database_status.recvd_initial_deposition_date   2019-10-28 
_pdbx_database_status.SG_entry                        N 
_pdbx_database_status.deposit_site                    PDBJ 
_pdbx_database_status.process_site                    PDBJ 
_pdbx_database_status.status_code_cs                  ? 
_pdbx_database_status.methods_development_category    ? 
_pdbx_database_status.pdb_format_compatible           Y 
_pdbx_database_status.status_code_nmr_data            ? 
# 
_audit_author.name               'Kamitori, S.' 
_audit_author.pdbx_ordinal       1 
_audit_author.identifier_ORCID   0000-0002-3950-3372 
# 
_citation.abstract                  ? 
_citation.abstract_id_CAS           ? 
_citation.book_id_ISBN              ? 
_citation.book_publisher            ? 
_citation.book_publisher_city       ? 
_citation.book_title                ? 
_citation.coordinate_linkage        ? 
_citation.country                   US 
_citation.database_id_Medline       ? 
_citation.details                   ? 
_citation.id                        primary 
_citation.journal_abbrev            Biochem.Biophys.Res.Commun. 
_citation.journal_id_ASTM           BBRCA9 
_citation.journal_id_CSD            0146 
_citation.journal_id_ISSN           1090-2104 
_citation.journal_full              ? 
_citation.journal_issue             ? 
_citation.journal_volume            ? 
_citation.language                  ? 
_citation.page_first                ? 
_citation.page_last                 ? 
_citation.title                     
;Structures of human galectin-10/monosaccharide complexes demonstrate potential of monosaccharides as effectors in forming Charcot-Leyden crystals.
;
_citation.year                      2020 
_citation.database_id_CSD           ? 
_citation.pdbx_database_id_DOI      10.1016/j.bbrc.2020.02.037 
_citation.pdbx_database_id_PubMed   32081418 
_citation.unpublished_flag          ? 
# 
loop_
_citation_author.citation_id 
_citation_author.name 
_citation_author.ordinal 
_citation_author.identifier_ORCID 
primary 'Itoh, A.'       1 ? 
primary 'Nonaka, Y.'     2 ? 
primary 'Nakakita, S.I.' 3 ? 
primary 'Yoshida, H.'    4 ? 
primary 'Nishi, N.'      5 ? 
primary 'Nakamura, T.'   6 ? 
primary 'Kamitori, S.'   7 ? 
# 
_cell.angle_alpha                  90.000 
_cell.angle_alpha_esd              ? 
_cell.angle_beta                   90.000 
_cell.angle_beta_esd               ? 
_cell.angle_gamma                  120.000 
_cell.angle_gamma_esd              ? 
_cell.entry_id                     6L6C 
_cell.details                      ? 
_cell.formula_units_Z              ? 
_cell.length_a                     48.780 
_cell.length_a_esd                 ? 
_cell.length_b                     48.780 
_cell.length_b_esd                 ? 
_cell.length_c                     260.210 
_cell.length_c_esd                 ? 
_cell.volume                       ? 
_cell.volume_esd                   ? 
_cell.Z_PDB                        12 
_cell.reciprocal_angle_alpha       ? 
_cell.reciprocal_angle_beta        ? 
_cell.reciprocal_angle_gamma       ? 
_cell.reciprocal_angle_alpha_esd   ? 
_cell.reciprocal_angle_beta_esd    ? 
_cell.reciprocal_angle_gamma_esd   ? 
_cell.reciprocal_length_a          ? 
_cell.reciprocal_length_b          ? 
_cell.reciprocal_length_c          ? 
_cell.reciprocal_length_a_esd      ? 
_cell.reciprocal_length_b_esd      ? 
_cell.reciprocal_length_c_esd      ? 
_cell.pdbx_unique_axis             ? 
# 
_symmetry.entry_id                         6L6C 
_symmetry.cell_setting                     ? 
_symmetry.Int_Tables_number                179 
_symmetry.space_group_name_Hall            ? 
_symmetry.space_group_name_H-M             'P 65 2 2' 
_symmetry.pdbx_full_space_group_name_H-M   ? 
# 
loop_
_entity.id 
_entity.type 
_entity.src_method 
_entity.pdbx_description 
_entity.formula_weight 
_entity.pdbx_number_of_molecules 
_entity.pdbx_ec 
_entity.pdbx_mutation 
_entity.pdbx_fragment 
_entity.details 
1 polymer     man Galectin-10             16644.016 1  ? ? ? ? 
2 non-polymer syn alpha-D-arabinopyranose 150.130   2  ? ? ? ? 
3 water       nat water                   18.015    61 ? ? ? ? 
# 
_entity_name_com.entity_id   1 
_entity_name_com.name        'Gal-10,Charcot-Leyden crystal protein,CLC,Eosinophil lysophospholipase,Lysolecithin acylhydrolase' 
# 
_entity_poly.entity_id                      1 
_entity_poly.type                           'polypeptide(L)' 
_entity_poly.nstd_linkage                   no 
_entity_poly.nstd_monomer                   no 
_entity_poly.pdbx_seq_one_letter_code       
;GSMSLLPVPYTEAASLSTGSTVTIKGRPLVCFLNEPYLQVDFHTEMKEESDIVFHFQVCFGRRVVMNSREYGAWKQQVES
KNMPFQDGQEFELSISVLPDKYQVMVNGQSSYTFDHRIKPEAVKMVQVWRDISLTKFNVSYLKR
;
_entity_poly.pdbx_seq_one_letter_code_can   
;GSMSLLPVPYTEAASLSTGSTVTIKGRPLVCFLNEPYLQVDFHTEMKEESDIVFHFQVCFGRRVVMNSREYGAWKQQVES
KNMPFQDGQEFELSISVLPDKYQVMVNGQSSYTFDHRIKPEAVKMVQVWRDISLTKFNVSYLKR
;
_entity_poly.pdbx_strand_id                 A 
_entity_poly.pdbx_target_identifier         ? 
# 
loop_
_entity_poly_seq.entity_id 
_entity_poly_seq.num 
_entity_poly_seq.mon_id 
_entity_poly_seq.hetero 
1 1   GLY n 
1 2   SER n 
1 3   MET n 
1 4   SER n 
1 5   LEU n 
1 6   LEU n 
1 7   PRO n 
1 8   VAL n 
1 9   PRO n 
1 10  TYR n 
1 11  THR n 
1 12  GLU n 
1 13  ALA n 
1 14  ALA n 
1 15  SER n 
1 16  LEU n 
1 17  SER n 
1 18  THR n 
1 19  GLY n 
1 20  SER n 
1 21  THR n 
1 22  VAL n 
1 23  THR n 
1 24  ILE n 
1 25  LYS n 
1 26  GLY n 
1 27  ARG n 
1 28  PRO n 
1 29  LEU n 
1 30  VAL n 
1 31  CYS n 
1 32  PHE n 
1 33  LEU n 
1 34  ASN n 
1 35  GLU n 
1 36  PRO n 
1 37  TYR n 
1 38  LEU n 
1 39  GLN n 
1 40  VAL n 
1 41  ASP n 
1 42  PHE n 
1 43  HIS n 
1 44  THR n 
1 45  GLU n 
1 46  MET n 
1 47  LYS n 
1 48  GLU n 
1 49  GLU n 
1 50  SER n 
1 51  ASP n 
1 52  ILE n 
1 53  VAL n 
1 54  PHE n 
1 55  HIS n 
1 56  PHE n 
1 57  GLN n 
1 58  VAL n 
1 59  CYS n 
1 60  PHE n 
1 61  GLY n 
1 62  ARG n 
1 63  ARG n 
1 64  VAL n 
1 65  VAL n 
1 66  MET n 
1 67  ASN n 
1 68  SER n 
1 69  ARG n 
1 70  GLU n 
1 71  TYR n 
1 72  GLY n 
1 73  ALA n 
1 74  TRP n 
1 75  LYS n 
1 76  GLN n 
1 77  GLN n 
1 78  VAL n 
1 79  GLU n 
1 80  SER n 
1 81  LYS n 
1 82  ASN n 
1 83  MET n 
1 84  PRO n 
1 85  PHE n 
1 86  GLN n 
1 87  ASP n 
1 88  GLY n 
1 89  GLN n 
1 90  GLU n 
1 91  PHE n 
1 92  GLU n 
1 93  LEU n 
1 94  SER n 
1 95  ILE n 
1 96  SER n 
1 97  VAL n 
1 98  LEU n 
1 99  PRO n 
1 100 ASP n 
1 101 LYS n 
1 102 TYR n 
1 103 GLN n 
1 104 VAL n 
1 105 MET n 
1 106 VAL n 
1 107 ASN n 
1 108 GLY n 
1 109 GLN n 
1 110 SER n 
1 111 SER n 
1 112 TYR n 
1 113 THR n 
1 114 PHE n 
1 115 ASP n 
1 116 HIS n 
1 117 ARG n 
1 118 ILE n 
1 119 LYS n 
1 120 PRO n 
1 121 GLU n 
1 122 ALA n 
1 123 VAL n 
1 124 LYS n 
1 125 MET n 
1 126 VAL n 
1 127 GLN n 
1 128 VAL n 
1 129 TRP n 
1 130 ARG n 
1 131 ASP n 
1 132 ILE n 
1 133 SER n 
1 134 LEU n 
1 135 THR n 
1 136 LYS n 
1 137 PHE n 
1 138 ASN n 
1 139 VAL n 
1 140 SER n 
1 141 TYR n 
1 142 LEU n 
1 143 LYS n 
1 144 ARG n 
# 
_entity_src_gen.entity_id                          1 
_entity_src_gen.pdbx_src_id                        1 
_entity_src_gen.pdbx_alt_source_flag               sample 
_entity_src_gen.pdbx_seq_type                      'Biological sequence' 
_entity_src_gen.pdbx_beg_seq_num                   1 
_entity_src_gen.pdbx_end_seq_num                   144 
_entity_src_gen.gene_src_common_name               Human 
_entity_src_gen.gene_src_genus                     ? 
_entity_src_gen.pdbx_gene_src_gene                 'CLC, LGALS10, LGALS10A' 
_entity_src_gen.gene_src_species                   ? 
_entity_src_gen.gene_src_strain                    ? 
_entity_src_gen.gene_src_tissue                    ? 
_entity_src_gen.gene_src_tissue_fraction           ? 
_entity_src_gen.gene_src_details                   ? 
_entity_src_gen.pdbx_gene_src_fragment             ? 
_entity_src_gen.pdbx_gene_src_scientific_name      'Homo sapiens' 
_entity_src_gen.pdbx_gene_src_ncbi_taxonomy_id     9606 
_entity_src_gen.pdbx_gene_src_variant              ? 
_entity_src_gen.pdbx_gene_src_cell_line            ? 
_entity_src_gen.pdbx_gene_src_atcc                 ? 
_entity_src_gen.pdbx_gene_src_organ                ? 
_entity_src_gen.pdbx_gene_src_organelle            ? 
_entity_src_gen.pdbx_gene_src_cell                 ? 
_entity_src_gen.pdbx_gene_src_cellular_location    ? 
_entity_src_gen.host_org_common_name               ? 
_entity_src_gen.pdbx_host_org_scientific_name      'Escherichia coli' 
_entity_src_gen.pdbx_host_org_ncbi_taxonomy_id     562 
_entity_src_gen.host_org_genus                     ? 
_entity_src_gen.pdbx_host_org_gene                 ? 
_entity_src_gen.pdbx_host_org_organ                ? 
_entity_src_gen.host_org_species                   ? 
_entity_src_gen.pdbx_host_org_tissue               ? 
_entity_src_gen.pdbx_host_org_tissue_fraction      ? 
_entity_src_gen.pdbx_host_org_strain               ? 
_entity_src_gen.pdbx_host_org_variant              ? 
_entity_src_gen.pdbx_host_org_cell_line            ? 
_entity_src_gen.pdbx_host_org_atcc                 ? 
_entity_src_gen.pdbx_host_org_culture_collection   ? 
_entity_src_gen.pdbx_host_org_cell                 ? 
_entity_src_gen.pdbx_host_org_organelle            ? 
_entity_src_gen.pdbx_host_org_cellular_location    ? 
_entity_src_gen.pdbx_host_org_vector_type          ? 
_entity_src_gen.pdbx_host_org_vector               ? 
_entity_src_gen.host_org_details                   ? 
_entity_src_gen.expression_system_id               ? 
_entity_src_gen.plasmid_name                       ? 
_entity_src_gen.plasmid_details                    ? 
_entity_src_gen.pdbx_description                   ? 
# 
_struct_ref.id                         1 
_struct_ref.db_name                    UNP 
_struct_ref.db_code                    LEG10_HUMAN 
_struct_ref.pdbx_db_accession          Q05315 
_struct_ref.pdbx_db_isoform            ? 
_struct_ref.entity_id                  1 
_struct_ref.pdbx_seq_one_letter_code   
;MSLLPVPYTEAASLSTGSTVTIKGRPLACFLNEPYLQVDFHTEMKEESDIVFHFQVCFGRRVVMNSREYGAWKQQVESKN
MPFQDGQEFELSISVLPDKYQVMVNGQSSYTFDHRIKPEAVKMVQVWRDISLTKFNVSYLKR
;
_struct_ref.pdbx_align_begin           1 
# 
_struct_ref_seq.align_id                      1 
_struct_ref_seq.ref_id                        1 
_struct_ref_seq.pdbx_PDB_id_code              6L6C 
_struct_ref_seq.pdbx_strand_id                A 
_struct_ref_seq.seq_align_beg                 3 
_struct_ref_seq.pdbx_seq_align_beg_ins_code   ? 
_struct_ref_seq.seq_align_end                 144 
_struct_ref_seq.pdbx_seq_align_end_ins_code   ? 
_struct_ref_seq.pdbx_db_accession             Q05315 
_struct_ref_seq.db_align_beg                  1 
_struct_ref_seq.pdbx_db_align_beg_ins_code    ? 
_struct_ref_seq.db_align_end                  142 
_struct_ref_seq.pdbx_db_align_end_ins_code    ? 
_struct_ref_seq.pdbx_auth_seq_align_beg       1 
_struct_ref_seq.pdbx_auth_seq_align_end       142 
# 
loop_
_struct_ref_seq_dif.align_id 
_struct_ref_seq_dif.pdbx_pdb_id_code 
_struct_ref_seq_dif.mon_id 
_struct_ref_seq_dif.pdbx_pdb_strand_id 
_struct_ref_seq_dif.seq_num 
_struct_ref_seq_dif.pdbx_pdb_ins_code 
_struct_ref_seq_dif.pdbx_seq_db_name 
_struct_ref_seq_dif.pdbx_seq_db_accession_code 
_struct_ref_seq_dif.db_mon_id 
_struct_ref_seq_dif.pdbx_seq_db_seq_num 
_struct_ref_seq_dif.details 
_struct_ref_seq_dif.pdbx_auth_seq_num 
_struct_ref_seq_dif.pdbx_ordinal 
1 6L6C GLY A 1  ? UNP Q05315 ?   ?  'expression tag' -1 1 
1 6L6C SER A 2  ? UNP Q05315 ?   ?  'expression tag' 0  2 
1 6L6C VAL A 30 ? UNP Q05315 ALA 28 variant          28 3 
# 
loop_
_chem_comp.id 
_chem_comp.type 
_chem_comp.mon_nstd_flag 
_chem_comp.name 
_chem_comp.pdbx_synonyms 
_chem_comp.formula 
_chem_comp.formula_weight 
64K 'D-saccharide, alpha linking' . alpha-D-arabinopyranose 'alpha-D-arabinose; D-arabinose; arabinose' 'C5 H10 O5'      150.130 
ALA 'L-peptide linking'           y ALANINE                 ?                                           'C3 H7 N O2'     89.093  
ARG 'L-peptide linking'           y ARGININE                ?                                           'C6 H15 N4 O2 1' 175.209 
ASN 'L-peptide linking'           y ASPARAGINE              ?                                           'C4 H8 N2 O3'    132.118 
ASP 'L-peptide linking'           y 'ASPARTIC ACID'         ?                                           'C4 H7 N O4'     133.103 
CYS 'L-peptide linking'           y CYSTEINE                ?                                           'C3 H7 N O2 S'   121.158 
GLN 'L-peptide linking'           y GLUTAMINE               ?                                           'C5 H10 N2 O3'   146.144 
GLU 'L-peptide linking'           y 'GLUTAMIC ACID'         ?                                           'C5 H9 N O4'     147.129 
GLY 'peptide linking'             y GLYCINE                 ?                                           'C2 H5 N O2'     75.067  
HIS 'L-peptide linking'           y HISTIDINE               ?                                           'C6 H10 N3 O2 1' 156.162 
HOH non-polymer                   . WATER                   ?                                           'H2 O'           18.015  
ILE 'L-peptide linking'           y ISOLEUCINE              ?                                           'C6 H13 N O2'    131.173 
LEU 'L-peptide linking'           y LEUCINE                 ?                                           'C6 H13 N O2'    131.173 
LYS 'L-peptide linking'           y LYSINE                  ?                                           'C6 H15 N2 O2 1' 147.195 
MET 'L-peptide linking'           y METHIONINE              ?                                           'C5 H11 N O2 S'  149.211 
PHE 'L-peptide linking'           y PHENYLALANINE           ?                                           'C9 H11 N O2'    165.189 
PRO 'L-peptide linking'           y PROLINE                 ?                                           'C5 H9 N O2'     115.130 
SER 'L-peptide linking'           y SERINE                  ?                                           'C3 H7 N O3'     105.093 
THR 'L-peptide linking'           y THREONINE               ?                                           'C4 H9 N O3'     119.119 
TRP 'L-peptide linking'           y TRYPTOPHAN              ?                                           'C11 H12 N2 O2'  204.225 
TYR 'L-peptide linking'           y TYROSINE                ?                                           'C9 H11 N O3'    181.189 
VAL 'L-peptide linking'           y VALINE                  ?                                           'C5 H11 N O2'    117.146 
# 
_exptl.absorpt_coefficient_mu     ? 
_exptl.absorpt_correction_T_max   ? 
_exptl.absorpt_correction_T_min   ? 
_exptl.absorpt_correction_type    ? 
_exptl.absorpt_process_details    ? 
_exptl.entry_id                   6L6C 
_exptl.crystals_number            1 
_exptl.details                    ? 
_exptl.method                     'X-RAY DIFFRACTION' 
_exptl.method_details             ? 
# 
_exptl_crystal.colour                      ? 
_exptl_crystal.density_diffrn              ? 
_exptl_crystal.density_Matthews            2.68 
_exptl_crystal.density_method              ? 
_exptl_crystal.density_percent_sol         54.19 
_exptl_crystal.description                 ? 
_exptl_crystal.F_000                       ? 
_exptl_crystal.id                          1 
_exptl_crystal.preparation                 ? 
_exptl_crystal.size_max                    ? 
_exptl_crystal.size_mid                    ? 
_exptl_crystal.size_min                    ? 
_exptl_crystal.size_rad                    ? 
_exptl_crystal.colour_lustre               ? 
_exptl_crystal.colour_modifier             ? 
_exptl_crystal.colour_primary              ? 
_exptl_crystal.density_meas                ? 
_exptl_crystal.density_meas_esd            ? 
_exptl_crystal.density_meas_gt             ? 
_exptl_crystal.density_meas_lt             ? 
_exptl_crystal.density_meas_temp           ? 
_exptl_crystal.density_meas_temp_esd       ? 
_exptl_crystal.density_meas_temp_gt        ? 
_exptl_crystal.density_meas_temp_lt        ? 
_exptl_crystal.pdbx_crystal_image_url      ? 
_exptl_crystal.pdbx_crystal_image_format   ? 
_exptl_crystal.pdbx_mosaicity              ? 
_exptl_crystal.pdbx_mosaicity_esd          ? 
# 
_exptl_crystal_grow.apparatus       ? 
_exptl_crystal_grow.atmosphere      ? 
_exptl_crystal_grow.crystal_id      1 
_exptl_crystal_grow.details         ? 
_exptl_crystal_grow.method          'VAPOR DIFFUSION, SITTING DROP' 
_exptl_crystal_grow.method_ref      ? 
_exptl_crystal_grow.pH              ? 
_exptl_crystal_grow.pressure        ? 
_exptl_crystal_grow.pressure_esd    ? 
_exptl_crystal_grow.seeding         ? 
_exptl_crystal_grow.seeding_ref     ? 
_exptl_crystal_grow.temp            293 
_exptl_crystal_grow.temp_details    ? 
_exptl_crystal_grow.temp_esd        ? 
_exptl_crystal_grow.time            ? 
_exptl_crystal_grow.pdbx_details    '1.6 M ammonium sulfate, 0.1 M MES monohydrate pH 6.5, 10 % (v/v) 1,4-dioxane' 
_exptl_crystal_grow.pdbx_pH_range   ? 
# 
_diffrn.ambient_environment              ? 
_diffrn.ambient_temp                     100 
_diffrn.ambient_temp_details             ? 
_diffrn.ambient_temp_esd                 ? 
_diffrn.crystal_id                       1 
_diffrn.crystal_support                  ? 
_diffrn.crystal_treatment                ? 
_diffrn.details                          ? 
_diffrn.id                               1 
_diffrn.ambient_pressure                 ? 
_diffrn.ambient_pressure_esd             ? 
_diffrn.ambient_pressure_gt              ? 
_diffrn.ambient_pressure_lt              ? 
_diffrn.ambient_temp_gt                  ? 
_diffrn.ambient_temp_lt                  ? 
_diffrn.pdbx_serial_crystal_experiment   N 
# 
_diffrn_detector.details                      ? 
_diffrn_detector.detector                     'IMAGE PLATE' 
_diffrn_detector.diffrn_id                    1 
_diffrn_detector.type                         RIGAKU 
_diffrn_detector.area_resol_mean              ? 
_diffrn_detector.dtime                        ? 
_diffrn_detector.pdbx_frames_total            ? 
_diffrn_detector.pdbx_collection_time_total   ? 
_diffrn_detector.pdbx_collection_date         2018-11-19 
_diffrn_detector.pdbx_frequency               ? 
# 
_diffrn_radiation.collimation                      ? 
_diffrn_radiation.diffrn_id                        1 
_diffrn_radiation.filter_edge                      ? 
_diffrn_radiation.inhomogeneity                    ? 
_diffrn_radiation.monochromator                    ? 
_diffrn_radiation.polarisn_norm                    ? 
_diffrn_radiation.polarisn_ratio                   ? 
_diffrn_radiation.probe                            ? 
_diffrn_radiation.type                             ? 
_diffrn_radiation.xray_symbol                      ? 
_diffrn_radiation.wavelength_id                    1 
_diffrn_radiation.pdbx_monochromatic_or_laue_m_l   M 
_diffrn_radiation.pdbx_wavelength_list             ? 
_diffrn_radiation.pdbx_wavelength                  ? 
_diffrn_radiation.pdbx_diffrn_protocol             'SINGLE WAVELENGTH' 
_diffrn_radiation.pdbx_analyzer                    ? 
_diffrn_radiation.pdbx_scattering_type             x-ray 
# 
_diffrn_radiation_wavelength.id           1 
_diffrn_radiation_wavelength.wavelength   1.5418 
_diffrn_radiation_wavelength.wt           1.0 
# 
_diffrn_source.current                     ? 
_diffrn_source.details                     ? 
_diffrn_source.diffrn_id                   1 
_diffrn_source.power                       ? 
_diffrn_source.size                        ? 
_diffrn_source.source                      'ROTATING ANODE' 
_diffrn_source.target                      ? 
_diffrn_source.type                        RIGAKU 
_diffrn_source.voltage                     ? 
_diffrn_source.take-off_angle              ? 
_diffrn_source.pdbx_wavelength_list        1.5418 
_diffrn_source.pdbx_wavelength             ? 
_diffrn_source.pdbx_synchrotron_beamline   ? 
_diffrn_source.pdbx_synchrotron_site       ? 
# 
_reflns.B_iso_Wilson_estimate            ? 
_reflns.entry_id                         6L6C 
_reflns.data_reduction_details           ? 
_reflns.data_reduction_method            ? 
_reflns.d_resolution_high                1.770 
_reflns.d_resolution_low                 19.513 
_reflns.details                          ? 
_reflns.limit_h_max                      ? 
_reflns.limit_h_min                      ? 
_reflns.limit_k_max                      ? 
_reflns.limit_k_min                      ? 
_reflns.limit_l_max                      ? 
_reflns.limit_l_min                      ? 
_reflns.number_all                       ? 
_reflns.number_obs                       19058 
_reflns.observed_criterion               ? 
_reflns.observed_criterion_F_max         ? 
_reflns.observed_criterion_F_min         ? 
_reflns.observed_criterion_I_max         ? 
_reflns.observed_criterion_I_min         ? 
_reflns.observed_criterion_sigma_F       ? 
_reflns.observed_criterion_sigma_I       ? 
_reflns.percent_possible_obs             99.9 
_reflns.R_free_details                   ? 
_reflns.Rmerge_F_all                     ? 
_reflns.Rmerge_F_obs                     ? 
_reflns.Friedel_coverage                 ? 
_reflns.number_gt                        ? 
_reflns.threshold_expression             ? 
_reflns.pdbx_redundancy                  16.1 
_reflns.pdbx_Rmerge_I_obs                ? 
_reflns.pdbx_Rmerge_I_all                ? 
_reflns.pdbx_Rsym_value                  ? 
_reflns.pdbx_netI_over_av_sigmaI         ? 
_reflns.pdbx_netI_over_sigmaI            16.1 
_reflns.pdbx_res_netI_over_av_sigmaI_2   ? 
_reflns.pdbx_res_netI_over_sigmaI_2      ? 
_reflns.pdbx_chi_squared                 ? 
_reflns.pdbx_scaling_rejects             ? 
_reflns.pdbx_d_res_high_opt              ? 
_reflns.pdbx_d_res_low_opt               ? 
_reflns.pdbx_d_res_opt_method            ? 
_reflns.phase_calculation_details        ? 
_reflns.pdbx_Rrim_I_all                  ? 
_reflns.pdbx_Rpim_I_all                  ? 
_reflns.pdbx_d_opt                       ? 
_reflns.pdbx_number_measured_all         ? 
_reflns.pdbx_diffrn_id                   1 
_reflns.pdbx_ordinal                     1 
_reflns.pdbx_CC_half                     0.998 
_reflns.pdbx_CC_star                     ? 
_reflns.pdbx_R_split                     ? 
# 
_reflns_shell.d_res_high                  1.77 
_reflns_shell.d_res_low                   1.82 
_reflns_shell.meanI_over_sigI_all         ? 
_reflns_shell.meanI_over_sigI_obs         ? 
_reflns_shell.number_measured_all         ? 
_reflns_shell.number_measured_obs         ? 
_reflns_shell.number_possible             ? 
_reflns_shell.number_unique_all           ? 
_reflns_shell.number_unique_obs           1366 
_reflns_shell.percent_possible_all        ? 
_reflns_shell.percent_possible_obs        ? 
_reflns_shell.Rmerge_F_all                ? 
_reflns_shell.Rmerge_F_obs                ? 
_reflns_shell.Rmerge_I_all                ? 
_reflns_shell.Rmerge_I_obs                ? 
_reflns_shell.meanI_over_sigI_gt          ? 
_reflns_shell.meanI_over_uI_all           ? 
_reflns_shell.meanI_over_uI_gt            ? 
_reflns_shell.number_measured_gt          ? 
_reflns_shell.number_unique_gt            ? 
_reflns_shell.percent_possible_gt         ? 
_reflns_shell.Rmerge_F_gt                 ? 
_reflns_shell.Rmerge_I_gt                 ? 
_reflns_shell.pdbx_redundancy             ? 
_reflns_shell.pdbx_Rsym_value             ? 
_reflns_shell.pdbx_chi_squared            ? 
_reflns_shell.pdbx_netI_over_sigmaI_all   ? 
_reflns_shell.pdbx_netI_over_sigmaI_obs   ? 
_reflns_shell.pdbx_Rrim_I_all             ? 
_reflns_shell.pdbx_Rpim_I_all             ? 
_reflns_shell.pdbx_rejects                ? 
_reflns_shell.pdbx_ordinal                1 
_reflns_shell.pdbx_diffrn_id              1 
_reflns_shell.pdbx_CC_half                0.928 
_reflns_shell.pdbx_CC_star                ? 
_reflns_shell.pdbx_R_split                ? 
# 
_refine.aniso_B[1][1]                            -0.001 
_refine.aniso_B[1][2]                            0.000 
_refine.aniso_B[1][3]                            0.000 
_refine.aniso_B[2][2]                            -0.001 
_refine.aniso_B[2][3]                            0.000 
_refine.aniso_B[3][3]                            0.002 
_refine.B_iso_max                                ? 
_refine.B_iso_mean                               19.852 
_refine.B_iso_min                                ? 
_refine.correlation_coeff_Fo_to_Fc               0.925 
_refine.correlation_coeff_Fo_to_Fc_free          0.885 
_refine.details                                  'Hydrogens have been added in their riding positions' 
_refine.diff_density_max                         ? 
_refine.diff_density_max_esd                     ? 
_refine.diff_density_min                         ? 
_refine.diff_density_min_esd                     ? 
_refine.diff_density_rms                         ? 
_refine.diff_density_rms_esd                     ? 
_refine.entry_id                                 6L6C 
_refine.pdbx_refine_id                           'X-RAY DIFFRACTION' 
_refine.ls_abs_structure_details                 ? 
_refine.ls_abs_structure_Flack                   ? 
_refine.ls_abs_structure_Flack_esd               ? 
_refine.ls_abs_structure_Rogers                  ? 
_refine.ls_abs_structure_Rogers_esd              ? 
_refine.ls_d_res_high                            1.770 
_refine.ls_d_res_low                             19.513 
_refine.ls_extinction_coef                       ? 
_refine.ls_extinction_coef_esd                   ? 
_refine.ls_extinction_expression                 ? 
_refine.ls_extinction_method                     ? 
_refine.ls_goodness_of_fit_all                   ? 
_refine.ls_goodness_of_fit_all_esd               ? 
_refine.ls_goodness_of_fit_obs                   ? 
_refine.ls_goodness_of_fit_obs_esd               ? 
_refine.ls_hydrogen_treatment                    ? 
_refine.ls_matrix_type                           ? 
_refine.ls_number_constraints                    ? 
_refine.ls_number_parameters                     ? 
_refine.ls_number_reflns_all                     ? 
_refine.ls_number_reflns_obs                     19058 
_refine.ls_number_reflns_R_free                  981 
_refine.ls_number_reflns_R_work                  ? 
_refine.ls_number_restraints                     ? 
_refine.ls_percent_reflns_obs                    99.853 
_refine.ls_percent_reflns_R_free                 5.147 
_refine.ls_R_factor_all                          0.235 
_refine.ls_R_factor_obs                          ? 
_refine.ls_R_factor_R_free                       0.2682 
_refine.ls_R_factor_R_free_error                 ? 
_refine.ls_R_factor_R_free_error_details         ? 
_refine.ls_R_factor_R_work                       0.2328 
_refine.ls_R_Fsqd_factor_obs                     ? 
_refine.ls_R_I_factor_obs                        ? 
_refine.ls_redundancy_reflns_all                 ? 
_refine.ls_redundancy_reflns_obs                 ? 
_refine.ls_restrained_S_all                      ? 
_refine.ls_restrained_S_obs                      ? 
_refine.ls_shift_over_esd_max                    ? 
_refine.ls_shift_over_esd_mean                   ? 
_refine.ls_structure_factor_coef                 ? 
_refine.ls_weighting_details                     ? 
_refine.ls_weighting_scheme                      ? 
_refine.ls_wR_factor_all                         ? 
_refine.ls_wR_factor_obs                         ? 
_refine.ls_wR_factor_R_free                      ? 
_refine.ls_wR_factor_R_work                      ? 
_refine.occupancy_max                            ? 
_refine.occupancy_min                            ? 
_refine.solvent_model_details                    ? 
_refine.solvent_model_param_bsol                 ? 
_refine.solvent_model_param_ksol                 ? 
_refine.pdbx_R_complete                          ? 
_refine.ls_R_factor_gt                           ? 
_refine.ls_goodness_of_fit_gt                    ? 
_refine.ls_goodness_of_fit_ref                   ? 
_refine.ls_shift_over_su_max                     ? 
_refine.ls_shift_over_su_max_lt                  ? 
_refine.ls_shift_over_su_mean                    ? 
_refine.ls_shift_over_su_mean_lt                 ? 
_refine.pdbx_ls_sigma_I                          ? 
_refine.pdbx_ls_sigma_F                          ? 
_refine.pdbx_ls_sigma_Fsqd                       ? 
_refine.pdbx_data_cutoff_high_absF               ? 
_refine.pdbx_data_cutoff_high_rms_absF           ? 
_refine.pdbx_data_cutoff_low_absF                ? 
_refine.pdbx_isotropic_thermal_model             ? 
_refine.pdbx_ls_cross_valid_method               'FREE R-VALUE' 
_refine.pdbx_method_to_determine_struct          'MOLECULAR REPLACEMENT' 
_refine.pdbx_starting_model                      1QKQ 
_refine.pdbx_stereochemistry_target_values       ? 
_refine.pdbx_R_Free_selection_details            ? 
_refine.pdbx_stereochem_target_val_spec_case     ? 
_refine.pdbx_overall_ESU_R                       0.127 
_refine.pdbx_overall_ESU_R_Free                  0.126 
_refine.pdbx_solvent_vdw_probe_radii             1.200 
_refine.pdbx_solvent_ion_probe_radii             0.800 
_refine.pdbx_solvent_shrinkage_radii             0.800 
_refine.pdbx_real_space_R                        ? 
_refine.pdbx_density_correlation                 ? 
_refine.pdbx_pd_number_of_powder_patterns        ? 
_refine.pdbx_pd_number_of_points                 ? 
_refine.pdbx_pd_meas_number_of_points            ? 
_refine.pdbx_pd_proc_ls_prof_R_factor            ? 
_refine.pdbx_pd_proc_ls_prof_wR_factor           ? 
_refine.pdbx_pd_Marquardt_correlation_coeff      ? 
_refine.pdbx_pd_Fsqrd_R_factor                   ? 
_refine.pdbx_pd_ls_matrix_band_width             ? 
_refine.pdbx_overall_phase_error                 ? 
_refine.pdbx_overall_SU_R_free_Cruickshank_DPI   ? 
_refine.pdbx_overall_SU_R_free_Blow_DPI          ? 
_refine.pdbx_overall_SU_R_Blow_DPI               ? 
_refine.pdbx_TLS_residual_ADP_flag               ? 
_refine.pdbx_diffrn_id                           1 
_refine.overall_SU_B                             2.766 
_refine.overall_SU_ML                            0.089 
_refine.overall_SU_R_Cruickshank_DPI             ? 
_refine.overall_SU_R_free                        ? 
_refine.overall_FOM_free_R_set                   ? 
_refine.overall_FOM_work_R_set                   ? 
_refine.pdbx_average_fsc_overall                 ? 
_refine.pdbx_average_fsc_work                    ? 
_refine.pdbx_average_fsc_free                    ? 
# 
_refine_hist.pdbx_refine_id                   'X-RAY DIFFRACTION' 
_refine_hist.cycle_id                         LAST 
_refine_hist.pdbx_number_atoms_protein        1138 
_refine_hist.pdbx_number_atoms_nucleic_acid   0 
_refine_hist.pdbx_number_atoms_ligand         20 
_refine_hist.number_atoms_solvent             61 
_refine_hist.number_atoms_total               1219 
_refine_hist.d_res_high                       1.770 
_refine_hist.d_res_low                        19.513 
# 
loop_
_refine_ls_restr.pdbx_refine_id 
_refine_ls_restr.criterion 
_refine_ls_restr.dev_ideal 
_refine_ls_restr.dev_ideal_target 
_refine_ls_restr.number 
_refine_ls_restr.rejects 
_refine_ls_restr.type 
_refine_ls_restr.weight 
_refine_ls_restr.pdbx_restraint_function 
'X-RAY DIFFRACTION' ? 0.006  0.013  1186 ? r_bond_refined_d               ? ? 
'X-RAY DIFFRACTION' ? 0.002  0.017  1075 ? r_bond_other_d                 ? ? 
'X-RAY DIFFRACTION' ? 1.433  1.667  1606 ? r_angle_refined_deg            ? ? 
'X-RAY DIFFRACTION' ? 1.220  1.590  2506 ? r_angle_other_deg              ? ? 
'X-RAY DIFFRACTION' ? 9.285  5.000  139  ? r_dihedral_angle_1_deg         ? ? 
'X-RAY DIFFRACTION' ? 37.762 22.903 62   ? r_dihedral_angle_2_deg         ? ? 
'X-RAY DIFFRACTION' ? 16.290 15.000 205  ? r_dihedral_angle_3_deg         ? ? 
'X-RAY DIFFRACTION' ? 14.921 15.000 6    ? r_dihedral_angle_4_deg         ? ? 
'X-RAY DIFFRACTION' ? 0.060  0.200  154  ? r_chiral_restr                 ? ? 
'X-RAY DIFFRACTION' ? 0.007  0.020  1285 ? r_gen_planes_refined           ? ? 
'X-RAY DIFFRACTION' ? 0.002  0.020  249  ? r_gen_planes_other             ? ? 
'X-RAY DIFFRACTION' ? 0.175  0.150  171  ? r_nbd_refined                  ? ? 
'X-RAY DIFFRACTION' ? 0.162  0.150  989  ? r_symmetry_nbd_other           ? ? 
'X-RAY DIFFRACTION' ? 0.160  0.150  557  ? r_nbtor_refined                ? ? 
'X-RAY DIFFRACTION' ? 0.073  0.150  577  ? r_symmetry_nbtor_other         ? ? 
'X-RAY DIFFRACTION' ? 0.120  0.150  45   ? r_xyhbond_nbd_refined          ? ? 
'X-RAY DIFFRACTION' ? 0.077  0.150  5    ? r_symmetry_nbd_refined         ? ? 
'X-RAY DIFFRACTION' ? 0.170  0.150  30   ? r_nbd_other                    ? ? 
'X-RAY DIFFRACTION' ? 0.148  0.150  13   ? r_symmetry_xyhbond_nbd_refined ? ? 
'X-RAY DIFFRACTION' ? 1.168  1.962  559  ? r_mcbond_it                    ? ? 
'X-RAY DIFFRACTION' ? 1.164  1.957  558  ? r_mcbond_other                 ? ? 
'X-RAY DIFFRACTION' ? 1.824  2.930  697  ? r_mcangle_it                   ? ? 
'X-RAY DIFFRACTION' ? 1.824  2.935  698  ? r_mcangle_other                ? ? 
'X-RAY DIFFRACTION' ? 1.431  2.204  627  ? r_scbond_it                    ? ? 
'X-RAY DIFFRACTION' ? 1.423  2.204  627  ? r_scbond_other                 ? ? 
'X-RAY DIFFRACTION' ? 2.258  3.229  909  ? r_scangle_it                   ? ? 
'X-RAY DIFFRACTION' ? 2.260  3.236  910  ? r_scangle_other                ? ? 
'X-RAY DIFFRACTION' ? 4.026  22.327 1218 ? r_lrange_it                    ? ? 
'X-RAY DIFFRACTION' ? 4.022  22.201 1214 ? r_lrange_other                 ? ? 
# 
loop_
_refine_ls_shell.pdbx_refine_id 
_refine_ls_shell.d_res_high 
_refine_ls_shell.d_res_low 
_refine_ls_shell.number_reflns_all 
_refine_ls_shell.number_reflns_obs 
_refine_ls_shell.number_reflns_R_free 
_refine_ls_shell.number_reflns_R_work 
_refine_ls_shell.percent_reflns_obs 
_refine_ls_shell.percent_reflns_R_free 
_refine_ls_shell.R_factor_all 
_refine_ls_shell.R_factor_obs 
_refine_ls_shell.R_factor_R_free 
_refine_ls_shell.R_factor_R_free_error 
_refine_ls_shell.R_factor_R_work 
_refine_ls_shell.redundancy_reflns_all 
_refine_ls_shell.redundancy_reflns_obs 
_refine_ls_shell.wR_factor_all 
_refine_ls_shell.wR_factor_obs 
_refine_ls_shell.wR_factor_R_free 
_refine_ls_shell.wR_factor_R_work 
_refine_ls_shell.pdbx_R_complete 
_refine_ls_shell.pdbx_total_number_of_bins_used 
_refine_ls_shell.pdbx_phase_error 
_refine_ls_shell.pdbx_fsc_work 
_refine_ls_shell.pdbx_fsc_free 
'X-RAY DIFFRACTION' 1.770 1.816  1366 . 67 1299 100.0000 . 0.244 . 0.283 . 0.242 . . . . . 0.217 . 20 . 0.886 0.872 
'X-RAY DIFFRACTION' 1.816 1.865  1310 . 68 1242 100.0000 . 0.237 . 0.264 . 0.235 . . . . . 0.211 . 20 . 0.908 0.893 
'X-RAY DIFFRACTION' 1.865 1.919  1283 . 73 1210 100.0000 . 0.241 . 0.282 . 0.239 . . . . . 0.216 . 20 . 0.899 0.889 
'X-RAY DIFFRACTION' 1.919 1.977  1242 . 73 1169 100.0000 . 0.236 . 0.267 . 0.234 . . . . . 0.210 . 20 . 0.905 0.884 
'X-RAY DIFFRACTION' 1.977 2.041  1235 . 65 1170 100.0000 . 0.248 . 0.264 . 0.247 . . . . . 0.227 . 20 . 0.906 0.900 
'X-RAY DIFFRACTION' 2.041 2.112  1182 . 58 1124 100.0000 . 0.234 . 0.253 . 0.233 . . . . . 0.217 . 20 . 0.915 0.910 
'X-RAY DIFFRACTION' 2.112 2.191  1129 . 58 1071 100.0000 . 0.245 . 0.275 . 0.243 . . . . . 0.232 . 20 . 0.917 0.906 
'X-RAY DIFFRACTION' 2.191 2.279  1106 . 61 1045 100.0000 . 0.234 . 0.258 . 0.233 . . . . . 0.221 . 20 . 0.921 0.925 
'X-RAY DIFFRACTION' 2.279 2.379  1059 . 59 1000 100.0000 . 0.250 . 0.288 . 0.248 . . . . . 0.236 . 20 . 0.906 0.907 
'X-RAY DIFFRACTION' 2.379 2.493  1035 . 58 977  100.0000 . 0.245 . 0.288 . 0.243 . . . . . 0.231 . 20 . 0.904 0.883 
'X-RAY DIFFRACTION' 2.493 2.626  981  . 50 931  100.0000 . 0.254 . 0.321 . 0.251 . . . . . 0.244 . 20 . 0.914 0.896 
'X-RAY DIFFRACTION' 2.626 2.782  919  . 39 880  100.0000 . 0.253 . 0.254 . 0.252 . . . . . 0.247 . 20 . 0.913 0.909 
'X-RAY DIFFRACTION' 2.782 2.969  881  . 44 837  100.0000 . 0.254 . 0.312 . 0.251 . . . . . 0.253 . 20 . 0.895 0.861 
'X-RAY DIFFRACTION' 2.969 3.201  839  . 40 799  100.0000 . 0.259 . 0.288 . 0.258 . . . . . 0.265 . 20 . 0.898 0.869 
'X-RAY DIFFRACTION' 3.201 3.497  791  . 42 749  100.0000 . 0.245 . 0.329 . 0.240 . . . . . 0.254 . 20 . 0.903 0.874 
'X-RAY DIFFRACTION' 3.497 3.894  694  . 30 664  100.0000 . 0.215 . 0.226 . 0.215 . . . . . 0.226 . 20 . 0.947 0.941 
'X-RAY DIFFRACTION' 3.894 4.467  656  . 29 627  100.0000 . 0.192 . 0.233 . 0.190 . . . . . 0.212 . 20 . 0.959 0.948 
'X-RAY DIFFRACTION' 4.467 5.401  561  . 27 534  100.0000 . 0.210 . 0.221 . 0.210 . . . . . 0.239 . 20 . 0.957 0.955 
'X-RAY DIFFRACTION' 5.401 7.361  461  . 20 441  100.0000 . 0.224 . 0.237 . 0.223 . . . . . 0.247 . 20 . 0.957 0.968 
'X-RAY DIFFRACTION' 7.361 19.513 328  . 20 308  100.0000 . 0.211 . 0.192 . 0.212 . . . . . 0.251 . 20 . 0.970 0.972 
# 
_struct.entry_id                     6L6C 
_struct.title                        'X-ray structure of human galectin-10 in complex with D-arabinose' 
_struct.pdbx_model_details           ? 
_struct.pdbx_formula_weight          ? 
_struct.pdbx_formula_weight_method   ? 
_struct.pdbx_model_type_details      ? 
_struct.pdbx_CASP_flag               N 
# 
_struct_keywords.entry_id        6L6C 
_struct_keywords.text            'beta-sandwich structure, lectin, SUGAR BINDING PROTEIN' 
_struct_keywords.pdbx_keywords   'SUGAR BINDING PROTEIN' 
# 
loop_
_struct_asym.id 
_struct_asym.pdbx_blank_PDB_chainid_flag 
_struct_asym.pdbx_modified 
_struct_asym.entity_id 
_struct_asym.details 
A N N 1 ? 
B N N 2 ? 
C N N 2 ? 
D N N 3 ? 
# 
loop_
_struct_conf.conf_type_id 
_struct_conf.id 
_struct_conf.pdbx_PDB_helix_id 
_struct_conf.beg_label_comp_id 
_struct_conf.beg_label_asym_id 
_struct_conf.beg_label_seq_id 
_struct_conf.pdbx_beg_PDB_ins_code 
_struct_conf.end_label_comp_id 
_struct_conf.end_label_asym_id 
_struct_conf.end_label_seq_id 
_struct_conf.pdbx_end_PDB_ins_code 
_struct_conf.beg_auth_comp_id 
_struct_conf.beg_auth_asym_id 
_struct_conf.beg_auth_seq_id 
_struct_conf.end_auth_comp_id 
_struct_conf.end_auth_asym_id 
_struct_conf.end_auth_seq_id 
_struct_conf.pdbx_PDB_helix_class 
_struct_conf.details 
_struct_conf.pdbx_PDB_helix_length 
HELX_P HELX_P1 AA1 CYS A 31  ? GLU A 35  ? CYS A 29  GLU A 33  5 ? 5 
HELX_P HELX_P2 AA2 LYS A 119 ? VAL A 123 ? LYS A 117 VAL A 121 5 ? 5 
# 
_struct_conf_type.id          HELX_P 
_struct_conf_type.criteria    ? 
_struct_conf_type.reference   ? 
# 
_struct_mon_prot_cis.pdbx_id                1 
_struct_mon_prot_cis.label_comp_id          VAL 
_struct_mon_prot_cis.label_seq_id           8 
_struct_mon_prot_cis.label_asym_id          A 
_struct_mon_prot_cis.label_alt_id           . 
_struct_mon_prot_cis.pdbx_PDB_ins_code      ? 
_struct_mon_prot_cis.auth_comp_id           VAL 
_struct_mon_prot_cis.auth_seq_id            6 
_struct_mon_prot_cis.auth_asym_id           A 
_struct_mon_prot_cis.pdbx_label_comp_id_2   PRO 
_struct_mon_prot_cis.pdbx_label_seq_id_2    9 
_struct_mon_prot_cis.pdbx_label_asym_id_2   A 
_struct_mon_prot_cis.pdbx_PDB_ins_code_2    ? 
_struct_mon_prot_cis.pdbx_auth_comp_id_2    PRO 
_struct_mon_prot_cis.pdbx_auth_seq_id_2     7 
_struct_mon_prot_cis.pdbx_auth_asym_id_2    A 
_struct_mon_prot_cis.pdbx_PDB_model_num     1 
_struct_mon_prot_cis.pdbx_omega_angle       1.80 
# 
loop_
_struct_sheet.id 
_struct_sheet.type 
_struct_sheet.number_strands 
_struct_sheet.details 
AA1 ? 6 ? 
AA2 ? 6 ? 
AA3 ? 5 ? 
# 
loop_
_struct_sheet_order.sheet_id 
_struct_sheet_order.range_id_1 
_struct_sheet_order.range_id_2 
_struct_sheet_order.offset 
_struct_sheet_order.sense 
AA1 1 2 ? anti-parallel 
AA1 2 3 ? anti-parallel 
AA1 3 4 ? anti-parallel 
AA1 4 5 ? anti-parallel 
AA1 5 6 ? anti-parallel 
AA2 1 2 ? anti-parallel 
AA2 2 3 ? anti-parallel 
AA2 3 4 ? anti-parallel 
AA2 4 5 ? anti-parallel 
AA2 5 6 ? anti-parallel 
AA3 1 2 ? anti-parallel 
AA3 2 3 ? anti-parallel 
AA3 3 4 ? anti-parallel 
AA3 4 5 ? anti-parallel 
# 
loop_
_struct_sheet_range.sheet_id 
_struct_sheet_range.id 
_struct_sheet_range.beg_label_comp_id 
_struct_sheet_range.beg_label_asym_id 
_struct_sheet_range.beg_label_seq_id 
_struct_sheet_range.pdbx_beg_PDB_ins_code 
_struct_sheet_range.end_label_comp_id 
_struct_sheet_range.end_label_asym_id 
_struct_sheet_range.end_label_seq_id 
_struct_sheet_range.pdbx_end_PDB_ins_code 
_struct_sheet_range.beg_auth_comp_id 
_struct_sheet_range.beg_auth_asym_id 
_struct_sheet_range.beg_auth_seq_id 
_struct_sheet_range.end_auth_comp_id 
_struct_sheet_range.end_auth_asym_id 
_struct_sheet_range.end_auth_seq_id 
AA1 1 TYR A 10  ? ALA A 13  ? TYR A 8   ALA A 11  
AA1 2 MET A 125 ? ARG A 130 ? MET A 123 ARG A 128 
AA1 3 TYR A 37  ? HIS A 43  ? TYR A 35  HIS A 41  
AA1 4 ILE A 52  ? CYS A 59  ? ILE A 50  CYS A 57  
AA1 5 ARG A 63  ? GLU A 70  ? ARG A 61  GLU A 68  
AA1 6 ALA A 73  ? TRP A 74  ? ALA A 71  TRP A 72  
AA2 1 TYR A 10  ? ALA A 13  ? TYR A 8   ALA A 11  
AA2 2 MET A 125 ? ARG A 130 ? MET A 123 ARG A 128 
AA2 3 TYR A 37  ? HIS A 43  ? TYR A 35  HIS A 41  
AA2 4 ILE A 52  ? CYS A 59  ? ILE A 50  CYS A 57  
AA2 5 ARG A 63  ? GLU A 70  ? ARG A 61  GLU A 68  
AA2 6 VAL A 78  ? SER A 80  ? VAL A 76  SER A 78  
AA3 1 GLN A 109 ? ASP A 115 ? GLN A 107 ASP A 113 
AA3 2 LYS A 101 ? VAL A 106 ? LYS A 99  VAL A 104 
AA3 3 PHE A 91  ? VAL A 97  ? PHE A 89  VAL A 95  
AA3 4 SER A 20  ? PRO A 28  ? SER A 18  PRO A 26  
AA3 5 ILE A 132 ? TYR A 141 ? ILE A 130 TYR A 139 
# 
loop_
_pdbx_struct_sheet_hbond.sheet_id 
_pdbx_struct_sheet_hbond.range_id_1 
_pdbx_struct_sheet_hbond.range_id_2 
_pdbx_struct_sheet_hbond.range_1_label_atom_id 
_pdbx_struct_sheet_hbond.range_1_label_comp_id 
_pdbx_struct_sheet_hbond.range_1_label_asym_id 
_pdbx_struct_sheet_hbond.range_1_label_seq_id 
_pdbx_struct_sheet_hbond.range_1_PDB_ins_code 
_pdbx_struct_sheet_hbond.range_1_auth_atom_id 
_pdbx_struct_sheet_hbond.range_1_auth_comp_id 
_pdbx_struct_sheet_hbond.range_1_auth_asym_id 
_pdbx_struct_sheet_hbond.range_1_auth_seq_id 
_pdbx_struct_sheet_hbond.range_2_label_atom_id 
_pdbx_struct_sheet_hbond.range_2_label_comp_id 
_pdbx_struct_sheet_hbond.range_2_label_asym_id 
_pdbx_struct_sheet_hbond.range_2_label_seq_id 
_pdbx_struct_sheet_hbond.range_2_PDB_ins_code 
_pdbx_struct_sheet_hbond.range_2_auth_atom_id 
_pdbx_struct_sheet_hbond.range_2_auth_comp_id 
_pdbx_struct_sheet_hbond.range_2_auth_asym_id 
_pdbx_struct_sheet_hbond.range_2_auth_seq_id 
AA1 1 2 N TYR A 10  ? N TYR A 8   O VAL A 128 ? O VAL A 126 
AA1 2 3 O MET A 125 ? O MET A 123 N HIS A 43  ? N HIS A 41  
AA1 3 4 N LEU A 38  ? N LEU A 36  O VAL A 58  ? O VAL A 56  
AA1 4 5 N CYS A 59  ? N CYS A 57  O ARG A 63  ? O ARG A 61  
AA1 5 6 N GLU A 70  ? N GLU A 68  O ALA A 73  ? O ALA A 71  
AA2 1 2 N TYR A 10  ? N TYR A 8   O VAL A 128 ? O VAL A 126 
AA2 2 3 O MET A 125 ? O MET A 123 N HIS A 43  ? N HIS A 41  
AA2 3 4 N LEU A 38  ? N LEU A 36  O VAL A 58  ? O VAL A 56  
AA2 4 5 N CYS A 59  ? N CYS A 57  O ARG A 63  ? O ARG A 61  
AA2 5 6 N VAL A 64  ? N VAL A 62  O SER A 80  ? O SER A 78  
AA3 1 2 O TYR A 112 ? O TYR A 110 N VAL A 104 ? N VAL A 102 
AA3 2 3 O MET A 105 ? O MET A 103 N SER A 94  ? N SER A 92  
AA3 3 4 O LEU A 93  ? O LEU A 91  N ILE A 24  ? N ILE A 22  
AA3 4 5 N THR A 23  ? N THR A 21  O ASN A 138 ? O ASN A 136 
# 
_atom_sites.entry_id                    6L6C 
_atom_sites.Cartn_transf_matrix[1][1]   ? 
_atom_sites.Cartn_transf_matrix[1][2]   ? 
_atom_sites.Cartn_transf_matrix[1][3]   ? 
_atom_sites.Cartn_transf_matrix[2][1]   ? 
_atom_sites.Cartn_transf_matrix[2][2]   ? 
_atom_sites.Cartn_transf_matrix[2][3]   ? 
_atom_sites.Cartn_transf_matrix[3][1]   ? 
_atom_sites.Cartn_transf_matrix[3][2]   ? 
_atom_sites.Cartn_transf_matrix[3][3]   ? 
_atom_sites.Cartn_transf_vector[1]      ? 
_atom_sites.Cartn_transf_vector[2]      ? 
_atom_sites.Cartn_transf_vector[3]      ? 
_atom_sites.fract_transf_matrix[1][1]   -0.02076495 
_atom_sites.fract_transf_matrix[1][2]   -0.00236932 
_atom_sites.fract_transf_matrix[1][3]   0.01111504 
_atom_sites.fract_transf_matrix[2][1]   -0.00263132 
_atom_sites.fract_transf_matrix[2][2]   0.00821766 
_atom_sites.fract_transf_matrix[2][3]   0.02204336 
_atom_sites.fract_transf_matrix[3][1]   -0.00113694 
_atom_sites.fract_transf_matrix[3][2]   0.00339324 
_atom_sites.fract_transf_matrix[3][3]   -0.00140070 
_atom_sites.fract_transf_vector[1]      0.268566 
_atom_sites.fract_transf_vector[2]      0.694334 
_atom_sites.fract_transf_vector[3]      0.301583 
_atom_sites.solution_primary            ? 
_atom_sites.solution_secondary          ? 
_atom_sites.solution_hydrogens          ? 
_atom_sites.special_details             ? 
# 
loop_
_atom_type.symbol 
_atom_type.pdbx_scat_Z 
_atom_type.pdbx_N_electrons 
_atom_type.scat_Cromer_Mann_a1 
_atom_type.scat_Cromer_Mann_b1 
_atom_type.scat_Cromer_Mann_a2 
_atom_type.scat_Cromer_Mann_b2 
_atom_type.scat_Cromer_Mann_a3 
_atom_type.scat_Cromer_Mann_b3 
_atom_type.scat_Cromer_Mann_a4 
_atom_type.scat_Cromer_Mann_b4 
_atom_type.scat_Cromer_Mann_c 
C 6  6  2.310  20.844 1.020 10.208 1.589 0.569  0.865 51.651 0.216   
H 1  1  0.493  10.511 0.323 26.126 0.140 3.142  0.041 57.800 0.003   
N 7  7  12.222 0.006  3.135 9.893  2.014 28.997 1.167 0.583  -11.538 
O 8  8  3.049  13.277 2.287 5.701  1.546 0.324  0.867 32.909 0.251   
S 16 16 6.905  1.468  5.203 22.215 1.438 0.254  1.586 56.172 1.184   
# 
loop_
_atom_site.group_PDB 
_atom_site.id 
_atom_site.type_symbol 
_atom_site.label_atom_id 
_atom_site.label_alt_id 
_atom_site.label_comp_id 
_atom_site.label_asym_id 
_atom_site.label_entity_id 
_atom_site.label_seq_id 
_atom_site.pdbx_PDB_ins_code 
_atom_site.Cartn_x 
_atom_site.Cartn_y 
_atom_site.Cartn_z 
_atom_site.occupancy 
_atom_site.B_iso_or_equiv 
_atom_site.pdbx_formal_charge 
_atom_site.auth_seq_id 
_atom_site.auth_comp_id 
_atom_site.auth_asym_id 
_atom_site.auth_atom_id 
_atom_site.pdbx_PDB_model_num 
ATOM   1    N N   . MET A 1 3   ? 8.285   4.466   18.264  1.000 57.034 ? 1   MET A N   1 
ATOM   2    C CA  . MET A 1 3   ? 7.344   4.654   19.412  1.000 55.909 ? 1   MET A CA  1 
ATOM   3    C C   . MET A 1 3   ? 6.193   3.637   19.287  1.000 53.371 ? 1   MET A C   1 
ATOM   4    O O   . MET A 1 3   ? 6.475   2.516   18.813  1.000 55.881 ? 1   MET A O   1 
ATOM   5    C CB  . MET A 1 3   ? 6.840   6.102   19.452  1.000 58.319 ? 1   MET A CB  1 
ATOM   6    C CG  . MET A 1 3   ? 6.198   6.577   18.161  1.000 59.984 ? 1   MET A CG  1 
ATOM   7    S SD  . MET A 1 3   ? 5.725   8.316   18.279  1.000 64.459 ? 1   MET A SD  1 
ATOM   8    C CE  . MET A 1 3   ? 4.208   8.180   19.223  1.000 62.963 ? 1   MET A CE  1 
ATOM   9    N N   . SER A 1 4   ? 4.966   3.972   19.715  1.000 49.744 ? 2   SER A N   1 
ATOM   10   C CA  . SER A 1 4   ? 3.882   3.000   20.033  1.000 46.376 ? 2   SER A CA  1 
ATOM   11   C C   . SER A 1 4   ? 3.466   2.257   18.754  1.000 41.760 ? 2   SER A C   1 
ATOM   12   O O   . SER A 1 4   ? 3.385   2.919   17.701  1.000 40.501 ? 2   SER A O   1 
ATOM   13   C CB  . SER A 1 4   ? 2.698   3.686   20.683  1.000 46.411 ? 2   SER A CB  1 
ATOM   14   O OG  . SER A 1 4   ? 3.084   4.916   21.282  1.000 49.518 ? 2   SER A OG  1 
ATOM   15   N N   . LEU A 1 5   ? 3.230   0.940   18.837  1.000 35.770 ? 3   LEU A N   1 
ATOM   16   C CA  . LEU A 1 5   ? 2.782   0.110   17.682  1.000 31.760 ? 3   LEU A CA  1 
ATOM   17   C C   . LEU A 1 5   ? 1.294   0.385   17.435  1.000 29.243 ? 3   LEU A C   1 
ATOM   18   O O   . LEU A 1 5   ? 0.548   0.507   18.422  1.000 27.937 ? 3   LEU A O   1 
ATOM   19   C CB  . LEU A 1 5   ? 3.041   -1.379  17.960  1.000 32.553 ? 3   LEU A CB  1 
ATOM   20   C CG  . LEU A 1 5   ? 4.500   -1.860  17.916  1.000 33.129 ? 3   LEU A CG  1 
ATOM   21   C CD1 . LEU A 1 5   ? 4.595   -3.286  17.386  1.000 33.718 ? 3   LEU A CD1 1 
ATOM   22   C CD2 . LEU A 1 5   ? 5.404   -0.953  17.097  1.000 32.477 ? 3   LEU A CD2 1 
ATOM   23   N N   . LEU A 1 6   ? 0.889   0.489   16.167  1.000 25.817 ? 4   LEU A N   1 
ATOM   24   C CA  . LEU A 1 6   ? -0.538  0.614   15.747  1.000 23.443 ? 4   LEU A CA  1 
ATOM   25   C C   . LEU A 1 6   ? -1.118  -0.786  15.539  1.000 22.958 ? 4   LEU A C   1 
ATOM   26   O O   . LEU A 1 6   ? -0.390  -1.705  15.142  1.000 23.229 ? 4   LEU A O   1 
ATOM   27   C CB  . LEU A 1 6   ? -0.612  1.444   14.460  1.000 22.175 ? 4   LEU A CB  1 
ATOM   28   C CG  . LEU A 1 6   ? -0.140  2.890   14.589  1.000 22.405 ? 4   LEU A CG  1 
ATOM   29   C CD1 . LEU A 1 6   ? 0.066   3.520   13.218  1.000 20.868 ? 4   LEU A CD1 1 
ATOM   30   C CD2 . LEU A 1 6   ? -1.126  3.706   15.419  1.000 22.201 ? 4   LEU A CD2 1 
ATOM   31   N N   . PRO A 1 7   ? -2.439  -1.002  15.768  1.000 22.264 ? 5   PRO A N   1 
ATOM   32   C CA  . PRO A 1 7   ? -3.077  -2.287  15.465  1.000 22.257 ? 5   PRO A CA  1 
ATOM   33   C C   . PRO A 1 7   ? -2.782  -2.707  14.017  1.000 21.675 ? 5   PRO A C   1 
ATOM   34   O O   . PRO A 1 7   ? -2.808  -1.842  13.175  1.000 23.942 ? 5   PRO A O   1 
ATOM   35   C CB  . PRO A 1 7   ? -4.584  -2.019  15.641  1.000 23.163 ? 5   PRO A CB  1 
ATOM   36   C CG  . PRO A 1 7   ? -4.654  -0.818  16.570  1.000 24.083 ? 5   PRO A CG  1 
ATOM   37   C CD  . PRO A 1 7   ? -3.404  -0.012  16.284  1.000 23.245 ? 5   PRO A CD  1 
ATOM   38   N N   . VAL A 1 8   ? -2.488  -3.988  13.782  1.000 20.858 ? 6   VAL A N   1 
ATOM   39   C CA  . VAL A 1 8   ? -2.417  -4.634  12.431  1.000 20.104 ? 6   VAL A CA  1 
ATOM   40   C C   . VAL A 1 8   ? -3.319  -5.860  12.462  1.000 21.015 ? 6   VAL A C   1 
ATOM   41   O O   . VAL A 1 8   ? -3.123  -6.713  13.330  1.000 21.115 ? 6   VAL A O   1 
ATOM   42   C CB  . VAL A 1 8   ? -0.973  -5.024  12.060  1.000 21.043 ? 6   VAL A CB  1 
ATOM   43   C CG1 . VAL A 1 8   ? -0.890  -5.738  10.710  1.000 21.549 ? 6   VAL A CG1 1 
ATOM   44   C CG2 . VAL A 1 8   ? -0.051  -3.815  12.091  1.000 21.517 ? 6   VAL A CG2 1 
ATOM   45   N N   . PRO A 1 9   ? -4.314  -6.012  11.551  1.000 20.277 ? 7   PRO A N   1 
ATOM   46   C CA  . PRO A 1 9   ? -4.576  -5.061  10.468  1.000 20.445 ? 7   PRO A CA  1 
ATOM   47   C C   . PRO A 1 9   ? -4.950  -3.641  10.927  1.000 21.519 ? 7   PRO A C   1 
ATOM   48   O O   . PRO A 1 9   ? -5.623  -3.478  11.930  1.000 21.060 ? 7   PRO A O   1 
ATOM   49   C CB  . PRO A 1 9   ? -5.764  -5.676  9.708   1.000 20.408 ? 7   PRO A CB  1 
ATOM   50   C CG  . PRO A 1 9   ? -5.732  -7.147  10.071  1.000 20.213 ? 7   PRO A CG  1 
ATOM   51   C CD  . PRO A 1 9   ? -5.232  -7.159  11.499  1.000 20.998 ? 7   PRO A CD  1 
ATOM   52   N N   . TYR A 1 10  ? -4.493  -2.636  10.181  1.000 20.027 ? 8   TYR A N   1 
ATOM   53   C CA  . TYR A 1 10  ? -4.756  -1.206  10.467  1.000 20.499 ? 8   TYR A CA  1 
ATOM   54   C C   . TYR A 1 10  ? -5.733  -0.672  9.426   1.000 19.686 ? 8   TYR A C   1 
ATOM   55   O O   . TYR A 1 10  ? -5.422  -0.767  8.243   1.000 18.286 ? 8   TYR A O   1 
ATOM   56   C CB  . TYR A 1 10  ? -3.470  -0.380  10.431  1.000 21.915 ? 8   TYR A CB  1 
ATOM   57   C CG  . TYR A 1 10  ? -3.695  1.062   10.790  1.000 23.085 ? 8   TYR A CG  1 
ATOM   58   C CD1 . TYR A 1 10  ? -3.840  1.449   12.114  1.000 23.426 ? 8   TYR A CD1 1 
ATOM   59   C CD2 . TYR A 1 10  ? -3.811  2.033   9.806   1.000 24.524 ? 8   TYR A CD2 1 
ATOM   60   C CE1 . TYR A 1 10  ? -4.079  2.772   12.454  1.000 24.938 ? 8   TYR A CE1 1 
ATOM   61   C CE2 . TYR A 1 10  ? -4.033  3.361   10.131  1.000 24.665 ? 8   TYR A CE2 1 
ATOM   62   C CZ  . TYR A 1 10  ? -4.174  3.728   11.458  1.000 24.944 ? 8   TYR A CZ  1 
ATOM   63   O OH  . TYR A 1 10  ? -4.408  5.026   11.792  1.000 29.995 ? 8   TYR A OH  1 
ATOM   64   N N   . THR A 1 11  ? -6.859  -0.115  9.871   1.000 19.709 ? 9   THR A N   1 
ATOM   65   C CA  . THR A 1 11  ? -7.924  0.454   9.006   1.000 20.355 ? 9   THR A CA  1 
ATOM   66   C C   . THR A 1 11  ? -8.033  1.946   9.356   1.000 20.900 ? 9   THR A C   1 
ATOM   67   O O   . THR A 1 11  ? -8.081  2.255   10.557  1.000 21.797 ? 9   THR A O   1 
ATOM   68   C CB  . THR A 1 11  ? -9.227  -0.341  9.181   1.000 20.546 ? 9   THR A CB  1 
ATOM   69   O OG1 . THR A 1 11  ? -8.997  -1.703  8.814   1.000 20.748 ? 9   THR A OG1 1 
ATOM   70   C CG2 . THR A 1 11  ? -10.377 0.201   8.361   1.000 19.880 ? 9   THR A CG2 1 
ATOM   71   N N   . GLU A 1 12  ? -7.999  2.842   8.368   1.000 19.744 ? 10  GLU A N   1 
ATOM   72   C CA  . GLU A 1 12  ? -8.295  4.284   8.588   1.000 19.107 ? 10  GLU A CA  1 
ATOM   73   C C   . GLU A 1 12  ? -9.180  4.786   7.445   1.000 18.813 ? 10  GLU A C   1 
ATOM   74   O O   . GLU A 1 12  ? -8.835  4.554   6.272   1.000 17.755 ? 10  GLU A O   1 
ATOM   75   C CB  . GLU A 1 12  ? -7.005  5.093   8.730   1.000 19.945 ? 10  GLU A CB  1 
ATOM   76   C CG  . GLU A 1 12  ? -7.210  6.480   9.320   1.000 21.422 ? 10  GLU A CG  1 
ATOM   77   C CD  . GLU A 1 12  ? -5.931  7.294   9.469   1.000 22.145 ? 10  GLU A CD  1 
ATOM   78   O OE1 . GLU A 1 12  ? -5.106  6.936   10.339  1.000 22.177 ? 10  GLU A OE1 1 
ATOM   79   O OE2 . GLU A 1 12  ? -5.753  8.274   8.711   1.000 22.142 ? 10  GLU A OE2 1 
ATOM   80   N N   . ALA A 1 13  ? -10.280 5.469   7.769   1.000 18.136 ? 11  ALA A N   1 
ATOM   81   C CA  . ALA A 1 13  ? -11.092 6.197   6.765   1.000 18.723 ? 11  ALA A CA  1 
ATOM   82   C C   . ALA A 1 13  ? -10.191 7.248   6.103   1.000 18.736 ? 11  ALA A C   1 
ATOM   83   O O   . ALA A 1 13  ? -9.326  7.789   6.784   1.000 18.803 ? 11  ALA A O   1 
ATOM   84   C CB  . ALA A 1 13  ? -12.304 6.815   7.423   1.000 19.916 ? 11  ALA A CB  1 
ATOM   85   N N   . ALA A 1 14  ? -10.371 7.508   4.810   1.000 19.160 ? 12  ALA A N   1 
ATOM   86   C CA  . ALA A 1 14  ? -9.464  8.352   4.001   1.000 20.103 ? 12  ALA A CA  1 
ATOM   87   C C   . ALA A 1 14  ? -10.240 8.963   2.836   1.000 19.865 ? 12  ALA A C   1 
ATOM   88   O O   . ALA A 1 14  ? -11.192 8.329   2.367   1.000 22.898 ? 12  ALA A O   1 
ATOM   89   C CB  . ALA A 1 14  ? -8.308  7.534   3.496   1.000 19.114 ? 12  ALA A CB  1 
ATOM   90   N N   . SER A 1 15  ? -9.829  10.155  2.417   1.000 20.655 ? 13  SER A N   1 
ATOM   91   C CA  . SER A 1 15  ? -10.142 10.771  1.105   1.000 21.583 ? 13  SER A CA  1 
ATOM   92   C C   . SER A 1 15  ? -8.821  11.078  0.405   1.000 22.577 ? 13  SER A C   1 
ATOM   93   O O   . SER A 1 15  ? -7.874  11.547  1.088   1.000 23.711 ? 13  SER A O   1 
ATOM   94   C CB  . SER A 1 15  ? -10.984 12.015  1.272   1.000 21.480 ? 13  SER A CB  1 
ATOM   95   O OG  . SER A 1 15  ? -12.159 11.715  2.002   1.000 23.064 ? 13  SER A OG  1 
ATOM   96   N N   . LEU A 1 16  ? -8.765  10.820  -0.899  1.000 21.289 ? 14  LEU A N   1 
ATOM   97   C CA  . LEU A 1 16  ? -7.567  11.046  -1.732  1.000 21.449 ? 14  LEU A CA  1 
ATOM   98   C C   . LEU A 1 16  ? -7.990  11.867  -2.945  1.000 21.754 ? 14  LEU A C   1 
ATOM   99   O O   . LEU A 1 16  ? -9.158  11.774  -3.381  1.000 21.363 ? 14  LEU A O   1 
ATOM   100  C CB  . LEU A 1 16  ? -6.945  9.700   -2.124  1.000 21.203 ? 14  LEU A CB  1 
ATOM   101  C CG  . LEU A 1 16  ? -6.650  8.759   -0.953  1.000 19.702 ? 14  LEU A CG  1 
ATOM   102  C CD1 . LEU A 1 16  ? -6.138  7.417   -1.445  1.000 19.302 ? 14  LEU A CD1 1 
ATOM   103  C CD2 . LEU A 1 16  ? -5.641  9.382   0.009   1.000 20.256 ? 14  LEU A CD2 1 
ATOM   104  N N   . SER A 1 17  ? -7.060  12.681  -3.422  1.000 23.281 ? 15  SER A N   1 
ATOM   105  C CA  . SER A 1 17  ? -7.130  13.412  -4.707  1.000 23.632 ? 15  SER A CA  1 
ATOM   106  C C   . SER A 1 17  ? -5.697  13.630  -5.198  1.000 22.714 ? 15  SER A C   1 
ATOM   107  O O   . SER A 1 17  ? -4.742  13.310  -4.445  1.000 24.184 ? 15  SER A O   1 
ATOM   108  C CB  . SER A 1 17  ? -7.875  14.706  -4.529  1.000 23.918 ? 15  SER A CB  1 
ATOM   109  O OG  . SER A 1 17  ? -7.081  15.624  -3.795  1.000 26.312 ? 15  SER A OG  1 
ATOM   110  N N   . THR A 1 18  ? -5.524  14.175  -6.397  1.000 21.810 ? 16  THR A N   1 
ATOM   111  C CA  . THR A 1 18  ? -4.183  14.556  -6.900  1.000 21.291 ? 16  THR A CA  1 
ATOM   112  C C   . THR A 1 18  ? -3.460  15.415  -5.852  1.000 22.006 ? 16  THR A C   1 
ATOM   113  O O   . THR A 1 18  ? -3.988  16.488  -5.508  1.000 23.017 ? 16  THR A O   1 
ATOM   114  C CB  . THR A 1 18  ? -4.267  15.353  -8.201  1.000 21.698 ? 16  THR A CB  1 
ATOM   115  O OG1 . THR A 1 18  ? -5.053  14.601  -9.120  1.000 22.765 ? 16  THR A OG1 1 
ATOM   116  C CG2 . THR A 1 18  ? -2.898  15.662  -8.759  1.000 22.099 ? 16  THR A CG2 1 
ATOM   117  N N   . GLY A 1 19  ? -2.282  14.980  -5.398  1.000 21.638 ? 17  GLY A N   1 
ATOM   118  C CA  . GLY A 1 19  ? -1.461  15.713  -4.416  1.000 21.705 ? 17  GLY A CA  1 
ATOM   119  C C   . GLY A 1 19  ? -1.529  15.108  -3.021  1.000 21.578 ? 17  GLY A C   1 
ATOM   120  O O   . GLY A 1 19  ? -0.688  15.499  -2.201  1.000 21.217 ? 17  GLY A O   1 
ATOM   121  N N   . SER A 1 20  ? -2.474  14.197  -2.747  1.000 21.601 ? 18  SER A N   1 
ATOM   122  C CA  . SER A 1 20  ? -2.487  13.360  -1.516  1.000 21.432 ? 18  SER A CA  1 
ATOM   123  C C   . SER A 1 20  ? -1.256  12.446  -1.469  1.000 21.011 ? 18  SER A C   1 
ATOM   124  O O   . SER A 1 20  ? -0.850  11.934  -2.536  1.000 20.132 ? 18  SER A O   1 
ATOM   125  C CB  . SER A 1 20  ? -3.756  12.565  -1.400  1.000 22.404 ? 18  SER A CB  1 
ATOM   126  O OG  . SER A 1 20  ? -4.837  13.428  -1.128  1.000 22.451 ? 18  SER A OG  1 
ATOM   127  N N   . THR A 1 21  ? -0.685  12.266  -0.268  1.000 21.692 ? 19  THR A N   1 
ATOM   128  C CA  . THR A 1 21  ? 0.311   11.217  0.047   1.000 21.075 ? 19  THR A CA  1 
ATOM   129  C C   . THR A 1 21  ? -0.172  10.400  1.247   1.000 20.609 ? 19  THR A C   1 
ATOM   130  O O   . THR A 1 21  ? -0.695  10.991  2.210   1.000 20.932 ? 19  THR A O   1 
ATOM   131  C CB  . THR A 1 21  ? 1.702   11.829  0.236   1.000 21.937 ? 19  THR A CB  1 
ATOM   132  O OG1 . THR A 1 21  ? 2.008   12.458  -1.010  1.000 22.162 ? 19  THR A OG1 1 
ATOM   133  C CG2 . THR A 1 21  ? 2.757   10.803  0.593   1.000 23.061 ? 19  THR A CG2 1 
ATOM   134  N N   . VAL A 1 22  ? 0.005   9.085   1.169   1.000 18.633 ? 20  VAL A N   1 
ATOM   135  C CA  . VAL A 1 22  ? -0.181  8.132   2.302   1.000 19.029 ? 20  VAL A CA  1 
ATOM   136  C C   . VAL A 1 22  ? 1.204   7.627   2.691   1.000 18.194 ? 20  VAL A C   1 
ATOM   137  O O   . VAL A 1 22  ? 1.840   6.991   1.826   1.000 17.348 ? 20  VAL A O   1 
ATOM   138  C CB  . VAL A 1 22  ? -1.115  6.968   1.912   1.000 18.703 ? 20  VAL A CB  1 
ATOM   139  C CG1 . VAL A 1 22  ? -1.387  6.045   3.097   1.000 19.456 ? 20  VAL A CG1 1 
ATOM   140  C CG2 . VAL A 1 22  ? -2.407  7.485   1.300   1.000 19.418 ? 20  VAL A CG2 1 
ATOM   141  N N   . THR A 1 23  ? 1.634   7.899   3.929   1.000 18.464 ? 21  THR A N   1 
ATOM   142  C CA  . THR A 1 23  ? 2.977   7.549   4.448   1.000 19.190 ? 21  THR A CA  1 
ATOM   143  C C   . THR A 1 23  ? 2.842   6.495   5.556   1.000 19.137 ? 21  THR A C   1 
ATOM   144  O O   . THR A 1 23  ? 2.000   6.658   6.481   1.000 17.158 ? 21  THR A O   1 
ATOM   145  C CB  . THR A 1 23  ? 3.752   8.795   4.891   1.000 20.840 ? 21  THR A CB  1 
ATOM   146  O OG1 . THR A 1 23  ? 3.806   9.668   3.764   1.000 22.679 ? 21  THR A OG1 1 
ATOM   147  C CG2 . THR A 1 23  ? 5.157   8.465   5.338   1.000 21.614 ? 21  THR A CG2 1 
ATOM   148  N N   . ILE A 1 24  ? 3.616   5.426   5.416   1.000 19.454 ? 22  ILE A N   1 
ATOM   149  C CA  . ILE A 1 24  ? 3.601   4.238   6.310   1.000 20.374 ? 22  ILE A CA  1 
ATOM   150  C C   . ILE A 1 24  ? 5.042   3.989   6.761   1.000 19.888 ? 22  ILE A C   1 
ATOM   151  O O   . ILE A 1 24  ? 5.949   3.985   5.906   1.000 20.379 ? 22  ILE A O   1 
ATOM   152  C CB  . ILE A 1 24  ? 2.968   3.047   5.564   1.000 21.823 ? 22  ILE A CB  1 
ATOM   153  C CG1 . ILE A 1 24  ? 1.531   3.356   5.129   1.000 22.860 ? 22  ILE A CG1 1 
ATOM   154  C CG2 . ILE A 1 24  ? 3.041   1.778   6.393   1.000 23.257 ? 22  ILE A CG2 1 
ATOM   155  C CD1 . ILE A 1 24  ? 1.156   2.758   3.782   1.000 23.202 ? 22  ILE A CD1 1 
ATOM   156  N N   . LYS A 1 25  ? 5.259   3.844   8.068   1.000 19.444 ? 23  LYS A N   1 
ATOM   157  C CA  . LYS A 1 25  ? 6.534   3.353   8.636   1.000 20.665 ? 23  LYS A CA  1 
ATOM   158  C C   . LYS A 1 25  ? 6.242   2.051   9.376   1.000 19.211 ? 23  LYS A C   1 
ATOM   159  O O   . LYS A 1 25  ? 5.399   2.065   10.289  1.000 18.724 ? 23  LYS A O   1 
ATOM   160  C CB  . LYS A 1 25  ? 7.159   4.387   9.575   1.000 24.146 ? 23  LYS A CB  1 
ATOM   161  C CG  . LYS A 1 25  ? 8.634   4.176   9.890   1.000 26.484 ? 23  LYS A CG  1 
ATOM   162  C CD  . LYS A 1 25  ? 9.454   5.463   9.924   1.000 28.766 ? 23  LYS A CD  1 
ATOM   163  C CE  . LYS A 1 25  ? 10.062  5.762   11.278  1.000 30.901 ? 23  LYS A CE  1 
ATOM   164  N NZ  . LYS A 1 25  ? 11.086  6.827   11.186  1.000 31.922 ? 23  LYS A NZ  1 
ATOM   165  N N   . GLY A 1 26  ? 6.894   0.973   8.965   1.000 18.335 ? 24  GLY A N   1 
ATOM   166  C CA  . GLY A 1 26  ? 6.741   -0.334  9.612   1.000 18.526 ? 24  GLY A CA  1 
ATOM   167  C C   . GLY A 1 26  ? 7.974   -1.199  9.452   1.000 18.491 ? 24  GLY A C   1 
ATOM   168  O O   . GLY A 1 26  ? 8.947   -0.765  8.814   1.000 18.033 ? 24  GLY A O   1 
ATOM   169  N N   . ARG A 1 27  ? 7.894   -2.414  9.978   1.000 18.143 ? 25  ARG A N   1 
ATOM   170  C CA  . ARG A 1 27  ? 8.982   -3.414  9.915   1.000 19.480 ? 25  ARG A CA  1 
ATOM   171  C C   . ARG A 1 27  ? 8.389   -4.771  9.563   1.000 17.636 ? 25  ARG A C   1 
ATOM   172  O O   . ARG A 1 27  ? 7.380   -5.151  10.146  1.000 16.964 ? 25  ARG A O   1 
ATOM   173  C CB  . ARG A 1 27  ? 9.657   -3.436  11.287  1.000 22.845 ? 25  ARG A CB  1 
ATOM   174  C CG  . ARG A 1 27  ? 11.101  -3.908  11.271  1.000 26.771 ? 25  ARG A CG  1 
ATOM   175  C CD  . ARG A 1 27  ? 11.701  -3.751  12.655  1.000 31.294 ? 25  ARG A CD  1 
ATOM   176  N NE  . ARG A 1 27  ? 13.133  -4.010  12.638  1.000 33.915 ? 25  ARG A NE  1 
ATOM   177  C CZ  . ARG A 1 27  ? 14.106  -3.119  12.870  1.000 38.101 ? 25  ARG A CZ  1 
ATOM   178  N NH1 . ARG A 1 27  ? 13.844  -1.849  13.154  1.000 37.710 ? 25  ARG A NH1 1 
ATOM   179  N NH2 . ARG A 1 27  ? 15.368  -3.520  12.825  1.000 40.668 ? 25  ARG A NH2 1 
ATOM   180  N N   . PRO A 1 28  ? 9.011   -5.568  8.659   1.000 16.358 ? 26  PRO A N   1 
ATOM   181  C CA  . PRO A 1 28  ? 8.627   -6.970  8.506   1.000 16.393 ? 26  PRO A CA  1 
ATOM   182  C C   . PRO A 1 28  ? 8.703   -7.672  9.868   1.000 16.029 ? 26  PRO A C   1 
ATOM   183  O O   . PRO A 1 28  ? 9.612   -7.361  10.611  1.000 16.307 ? 26  PRO A O   1 
ATOM   184  C CB  . PRO A 1 28  ? 9.641   -7.532  7.495   1.000 16.609 ? 26  PRO A CB  1 
ATOM   185  C CG  . PRO A 1 28  ? 10.184  -6.317  6.791   1.000 17.614 ? 26  PRO A CG  1 
ATOM   186  C CD  . PRO A 1 28  ? 10.171  -5.219  7.830   1.000 17.246 ? 26  PRO A CD  1 
ATOM   187  N N   . LEU A 1 29  ? 7.752   -8.563  10.180  1.000 16.238 ? 27  LEU A N   1 
ATOM   188  C CA  . LEU A 1 29  ? 7.727   -9.298  11.471  1.000 16.862 ? 27  LEU A CA  1 
ATOM   189  C C   . LEU A 1 29  ? 8.875   -10.310 11.538  1.000 16.986 ? 27  LEU A C   1 
ATOM   190  O O   . LEU A 1 29  ? 9.288   -10.639 12.669  1.000 18.799 ? 27  LEU A O   1 
ATOM   191  C CB  . LEU A 1 29  ? 6.391   -10.024 11.646  1.000 16.613 ? 27  LEU A CB  1 
ATOM   192  C CG  . LEU A 1 29  ? 5.183   -9.143  11.972  1.000 17.384 ? 27  LEU A CG  1 
ATOM   193  C CD1 . LEU A 1 29  ? 3.919   -9.988  12.007  1.000 16.832 ? 27  LEU A CD1 1 
ATOM   194  C CD2 . LEU A 1 29  ? 5.368   -8.419  13.294  1.000 17.554 ? 27  LEU A CD2 1 
ATOM   195  N N   . VAL A 1 30  ? 9.331   -10.816 10.389  1.000 17.214 ? 28  VAL A N   1 
ATOM   196  C CA  . VAL A 1 30  ? 10.304  -11.941 10.310  1.000 17.553 ? 28  VAL A CA  1 
ATOM   197  C C   . VAL A 1 30  ? 11.234  -11.759 9.100   1.000 18.762 ? 28  VAL A C   1 
ATOM   198  O O   . VAL A 1 30  ? 10.985  -10.881 8.239   1.000 17.800 ? 28  VAL A O   1 
ATOM   199  C CB  . VAL A 1 30  ? 9.554   -13.284 10.266  1.000 17.038 ? 28  VAL A CB  1 
ATOM   200  C CG1 . VAL A 1 30  ? 8.578   -13.437 11.429  1.000 17.853 ? 28  VAL A CG1 1 
ATOM   201  C CG2 . VAL A 1 30  ? 8.845   -13.479 8.939   1.000 17.633 ? 28  VAL A CG2 1 
ATOM   202  N N   . CYS A 1 31  ? 12.282  -12.577 9.050   1.000 18.070 ? 29  CYS A N   1 
ATOM   203  C CA  . CYS A 1 31  ? 13.346  -12.544 8.017   1.000 19.941 ? 29  CYS A CA  1 
ATOM   204  C C   . CYS A 1 31  ? 12.746  -12.802 6.632   1.000 18.614 ? 29  CYS A C   1 
ATOM   205  O O   . CYS A 1 31  ? 11.758  -13.533 6.524   1.000 18.543 ? 29  CYS A O   1 
ATOM   206  C CB  . CYS A 1 31  ? 14.428  -13.567 8.336   1.000 21.001 ? 29  CYS A CB  1 
ATOM   207  S SG  . CYS A 1 31  ? 13.880  -15.289 8.206   1.000 26.043 ? 29  CYS A SG  1 
ATOM   208  N N   . PHE A 1 32  ? 13.357  -12.238 5.595   1.000 18.503 ? 30  PHE A N   1 
ATOM   209  C CA  . PHE A 1 32  ? 12.924  -12.353 4.180   1.000 17.071 ? 30  PHE A CA  1 
ATOM   210  C C   . PHE A 1 32  ? 12.942  -13.814 3.695   1.000 16.258 ? 30  PHE A C   1 
ATOM   211  O O   . PHE A 1 32  ? 12.115  -14.147 2.831   1.000 15.392 ? 30  PHE A O   1 
ATOM   212  C CB  . PHE A 1 32  ? 13.806  -11.483 3.283   1.000 16.916 ? 30  PHE A CB  1 
ATOM   213  C CG  . PHE A 1 32  ? 13.491  -10.008 3.245   1.000 17.480 ? 30  PHE A CG  1 
ATOM   214  C CD1 . PHE A 1 32  ? 12.663  -9.394  4.178   1.000 16.726 ? 30  PHE A CD1 1 
ATOM   215  C CD2 . PHE A 1 32  ? 14.035  -9.228  2.232   1.000 18.268 ? 30  PHE A CD2 1 
ATOM   216  C CE1 . PHE A 1 32  ? 12.407  -8.031  4.103   1.000 16.738 ? 30  PHE A CE1 1 
ATOM   217  C CE2 . PHE A 1 32  ? 13.779  -7.864  2.169   1.000 18.575 ? 30  PHE A CE2 1 
ATOM   218  C CZ  . PHE A 1 32  ? 12.966  -7.271  3.103   1.000 16.779 ? 30  PHE A CZ  1 
ATOM   219  N N   . LEU A 1 33  ? 13.846  -14.660 4.220   1.000 16.306 ? 31  LEU A N   1 
ATOM   220  C CA  . LEU A 1 33  ? 13.875  -16.123 3.935   1.000 16.858 ? 31  LEU A CA  1 
ATOM   221  C C   . LEU A 1 33  ? 12.478  -16.742 4.098   1.000 15.638 ? 31  LEU A C   1 
ATOM   222  O O   . LEU A 1 33  ? 12.135  -17.631 3.314   1.000 16.620 ? 31  LEU A O   1 
ATOM   223  C CB  . LEU A 1 33  ? 14.883  -16.838 4.846   1.000 17.247 ? 31  LEU A CB  1 
ATOM   224  C CG  . LEU A 1 33  ? 15.176  -18.288 4.448   1.000 17.923 ? 31  LEU A CG  1 
ATOM   225  C CD1 . LEU A 1 33  ? 15.774  -18.360 3.054   1.000 17.993 ? 31  LEU A CD1 1 
ATOM   226  C CD2 . LEU A 1 33  ? 16.098  -18.979 5.450   1.000 17.935 ? 31  LEU A CD2 1 
ATOM   227  N N   . ASN A 1 34  ? 11.686  -16.253 5.047   1.000 15.144 ? 32  ASN A N   1 
ATOM   228  C CA  . ASN A 1 34  ? 10.347  -16.793 5.405   1.000 15.201 ? 32  ASN A CA  1 
ATOM   229  C C   . ASN A 1 34  ? 9.218   -16.085 4.621   1.000 15.690 ? 32  ASN A C   1 
ATOM   230  O O   . ASN A 1 34  ? 8.032   -16.412 4.866   1.000 13.724 ? 32  ASN A O   1 
ATOM   231  C CB  . ASN A 1 34  ? 10.161  -16.669 6.915   1.000 15.743 ? 32  ASN A CB  1 
ATOM   232  C CG  . ASN A 1 34  ? 10.974  -17.684 7.688   1.000 15.772 ? 32  ASN A CG  1 
ATOM   233  O OD1 . ASN A 1 34  ? 11.707  -18.493 7.109   1.000 16.587 ? 32  ASN A OD1 1 
ATOM   234  N ND2 . ASN A 1 34  ? 10.812  -17.674 8.998   1.000 15.314 ? 32  ASN A ND2 1 
ATOM   235  N N   . GLU A 1 35  ? 9.551   -15.155 3.712   1.000 15.834 ? 33  GLU A N   1 
ATOM   236  C CA  . GLU A 1 35  ? 8.578   -14.489 2.801   1.000 16.465 ? 33  GLU A CA  1 
ATOM   237  C C   . GLU A 1 35  ? 7.407   -13.909 3.598   1.000 15.023 ? 33  GLU A C   1 
ATOM   238  O O   . GLU A 1 35  ? 6.240   -14.200 3.329   1.000 14.020 ? 33  GLU A O   1 
ATOM   239  C CB  . GLU A 1 35  ? 8.118   -15.476 1.728   1.000 18.098 ? 33  GLU A CB  1 
ATOM   240  C CG  . GLU A 1 35  ? 9.278   -16.038 0.913   1.000 19.197 ? 33  GLU A CG  1 
ATOM   241  C CD  . GLU A 1 35  ? 8.901   -16.765 -0.364  1.000 21.857 ? 33  GLU A CD  1 
ATOM   242  O OE1 . GLU A 1 35  ? 7.684   -17.010 -0.589  1.000 22.789 ? 33  GLU A OE1 1 
ATOM   243  O OE2 . GLU A 1 35  ? 9.830   -17.074 -1.149  1.000 25.697 ? 33  GLU A OE2 1 
ATOM   244  N N   . PRO A 1 36  ? 7.665   -12.950 4.515   1.000 15.202 ? 34  PRO A N   1 
ATOM   245  C CA  . PRO A 1 36  ? 6.578   -12.146 5.083   1.000 14.693 ? 34  PRO A CA  1 
ATOM   246  C C   . PRO A 1 36  ? 5.958   -11.313 3.950   1.000 14.389 ? 34  PRO A C   1 
ATOM   247  O O   . PRO A 1 36  ? 6.643   -11.034 2.968   1.000 15.037 ? 34  PRO A O   1 
ATOM   248  C CB  . PRO A 1 36  ? 7.261   -11.253 6.121   1.000 15.333 ? 34  PRO A CB  1 
ATOM   249  C CG  . PRO A 1 36  ? 8.673   -11.124 5.591   1.000 15.344 ? 34  PRO A CG  1 
ATOM   250  C CD  . PRO A 1 36  ? 8.984   -12.435 4.895   1.000 14.942 ? 34  PRO A CD  1 
ATOM   251  N N   . TYR A 1 37  ? 4.671   -10.996 4.071   1.000 14.703 ? 35  TYR A N   1 
ATOM   252  C CA  . TYR A 1 37  ? 3.942   -10.097 3.145   1.000 15.083 ? 35  TYR A CA  1 
ATOM   253  C C   . TYR A 1 37  ? 3.692   -8.753  3.835   1.000 13.653 ? 35  TYR A C   1 
ATOM   254  O O   . TYR A 1 37  ? 3.689   -8.677  5.064   1.000 12.418 ? 35  TYR A O   1 
ATOM   255  C CB  . TYR A 1 37  ? 2.602   -10.705 2.713   1.000 17.602 ? 35  TYR A CB  1 
ATOM   256  C CG  . TYR A 1 37  ? 2.697   -11.835 1.713   1.000 20.239 ? 35  TYR A CG  1 
ATOM   257  C CD1 . TYR A 1 37  ? 2.281   -11.672 0.398   1.000 22.394 ? 35  TYR A CD1 1 
ATOM   258  C CD2 . TYR A 1 37  ? 3.210   -13.068 2.069   1.000 21.573 ? 35  TYR A CD2 1 
ATOM   259  C CE1 . TYR A 1 37  ? 2.360   -12.708 -0.521  1.000 23.973 ? 35  TYR A CE1 1 
ATOM   260  C CE2 . TYR A 1 37  ? 3.285   -14.121 1.168   1.000 23.406 ? 35  TYR A CE2 1 
ATOM   261  C CZ  . TYR A 1 37  ? 2.861   -13.938 -0.136  1.000 24.826 ? 35  TYR A CZ  1 
ATOM   262  O OH  . TYR A 1 37  ? 2.955   -14.961 -1.042  1.000 26.888 ? 35  TYR A OH  1 
ATOM   263  N N   . LEU A 1 38  ? 3.487   -7.726  3.014   1.000 13.134 ? 36  LEU A N   1 
ATOM   264  C CA  . LEU A 1 38  ? 2.837   -6.445  3.351   1.000 13.121 ? 36  LEU A CA  1 
ATOM   265  C C   . LEU A 1 38  ? 1.704   -6.241  2.343   1.000 12.904 ? 36  LEU A C   1 
ATOM   266  O O   . LEU A 1 38  ? 1.903   -6.528  1.133   1.000 13.026 ? 36  LEU A O   1 
ATOM   267  C CB  . LEU A 1 38  ? 3.883   -5.328  3.269   1.000 13.165 ? 36  LEU A CB  1 
ATOM   268  C CG  . LEU A 1 38  ? 3.354   -3.897  3.338   1.000 12.911 ? 36  LEU A CG  1 
ATOM   269  C CD1 . LEU A 1 38  ? 2.606   -3.603  4.632   1.000 13.597 ? 36  LEU A CD1 1 
ATOM   270  C CD2 . LEU A 1 38  ? 4.483   -2.910  3.139   1.000 13.084 ? 36  LEU A CD2 1 
ATOM   271  N N   . GLN A 1 39  ? 0.558   -5.766  2.804   1.000 13.193 ? 37  GLN A N   1 
ATOM   272  C CA  . GLN A 1 39  ? -0.520  -5.361  1.886   1.000 12.378 ? 37  GLN A CA  1 
ATOM   273  C C   . GLN A 1 39  ? -1.043  -3.996  2.326   1.000 12.833 ? 37  GLN A C   1 
ATOM   274  O O   . GLN A 1 39  ? -1.266  -3.797  3.542   1.000 13.766 ? 37  GLN A O   1 
ATOM   275  C CB  . GLN A 1 39  ? -1.619  -6.424  1.823   1.000 12.345 ? 37  GLN A CB  1 
ATOM   276  C CG  . GLN A 1 39  ? -2.539  -6.276  0.608   1.000 11.953 ? 37  GLN A CG  1 
ATOM   277  C CD  . GLN A 1 39  ? -3.284  -7.550  0.294   1.000 11.471 ? 37  GLN A CD  1 
ATOM   278  O OE1 . GLN A 1 39  ? -2.682  -8.616  0.278   1.000 10.726 ? 37  GLN A OE1 1 
ATOM   279  N NE2 . GLN A 1 39  ? -4.598  -7.468  0.062   1.000 11.385 ? 37  GLN A NE2 1 
ATOM   280  N N   . VAL A 1 40  ? -1.239  -3.131  1.340   1.000 12.993 ? 38  VAL A N   1 
ATOM   281  C CA  . VAL A 1 40  ? -1.915  -1.815  1.469   1.000 12.701 ? 38  VAL A CA  1 
ATOM   282  C C   . VAL A 1 40  ? -3.033  -1.824  0.438   1.000 12.582 ? 38  VAL A C   1 
ATOM   283  O O   . VAL A 1 40  ? -2.709  -1.998  -0.743  1.000 11.723 ? 38  VAL A O   1 
ATOM   284  C CB  . VAL A 1 40  ? -0.951  -0.651  1.201   1.000 12.804 ? 38  VAL A CB  1 
ATOM   285  C CG1 . VAL A 1 40  ? -1.688  0.693   1.270   1.000 13.339 ? 38  VAL A CG1 1 
ATOM   286  C CG2 . VAL A 1 40  ? 0.233   -0.687  2.163   1.000 13.355 ? 38  VAL A CG2 1 
ATOM   287  N N   . ASP A 1 41  ? -4.278  -1.648  0.873   1.000 12.517 ? 39  ASP A N   1 
ATOM   288  C CA  . ASP A 1 41  ? -5.442  -1.635  -0.054  1.000 12.857 ? 39  ASP A CA  1 
ATOM   289  C C   . ASP A 1 41  ? -6.190  -0.307  0.122   1.000 13.500 ? 39  ASP A C   1 
ATOM   290  O O   . ASP A 1 41  ? -6.475  0.035   1.272   1.000 13.334 ? 39  ASP A O   1 
ATOM   291  C CB  . ASP A 1 41  ? -6.346  -2.837  0.203   1.000 12.593 ? 39  ASP A CB  1 
ATOM   292  C CG  . ASP A 1 41  ? -5.709  -4.192  -0.075  1.000 12.512 ? 39  ASP A CG  1 
ATOM   293  O OD1 . ASP A 1 41  ? -5.213  -4.425  -1.225  1.000 13.467 ? 39  ASP A OD1 1 
ATOM   294  O OD2 . ASP A 1 41  ? -5.794  -5.036  0.815   1.000 13.115 ? 39  ASP A OD2 1 
ATOM   295  N N   . PHE A 1 42  ? -6.456  0.396   -0.989  1.000 14.304 ? 40  PHE A N   1 
ATOM   296  C CA  . PHE A 1 42  ? -7.325  1.599   -1.063  1.000 15.407 ? 40  PHE A CA  1 
ATOM   297  C C   . PHE A 1 42  ? -8.726  1.132   -1.446  1.000 15.591 ? 40  PHE A C   1 
ATOM   298  O O   . PHE A 1 42  ? -8.907  0.711   -2.607  1.000 16.368 ? 40  PHE A O   1 
ATOM   299  C CB  . PHE A 1 42  ? -6.758  2.631   -2.045  1.000 15.380 ? 40  PHE A CB  1 
ATOM   300  C CG  . PHE A 1 42  ? -5.422  3.247   -1.682  1.000 15.524 ? 40  PHE A CG  1 
ATOM   301  C CD1 . PHE A 1 42  ? -4.761  2.946   -0.495  1.000 15.777 ? 40  PHE A CD1 1 
ATOM   302  C CD2 . PHE A 1 42  ? -4.817  4.142   -2.550  1.000 15.395 ? 40  PHE A CD2 1 
ATOM   303  C CE1 . PHE A 1 42  ? -3.545  3.530   -0.180  1.000 15.681 ? 40  PHE A CE1 1 
ATOM   304  C CE2 . PHE A 1 42  ? -3.603  4.728   -2.236  1.000 15.825 ? 40  PHE A CE2 1 
ATOM   305  C CZ  . PHE A 1 42  ? -2.961  4.415   -1.057  1.000 15.979 ? 40  PHE A CZ  1 
ATOM   306  N N   . HIS A 1 43  ? -9.662  1.166   -0.485  1.000 15.004 ? 41  HIS A N   1 
ATOM   307  C CA  . HIS A 1 43  ? -11.040 0.625   -0.616  1.000 15.744 ? 41  HIS A CA  1 
ATOM   308  C C   . HIS A 1 43  ? -12.027 1.753   -0.956  1.000 15.557 ? 41  HIS A C   1 
ATOM   309  O O   . HIS A 1 43  ? -11.777 2.929   -0.605  1.000 15.085 ? 41  HIS A O   1 
ATOM   310  C CB  . HIS A 1 43  ? -11.481 -0.085  0.665   1.000 15.514 ? 41  HIS A CB  1 
ATOM   311  C CG  . HIS A 1 43  ? -10.827 -1.408  0.892   1.000 15.078 ? 41  HIS A CG  1 
ATOM   312  N ND1 . HIS A 1 43  ? -11.434 -2.606  0.553   1.000 15.524 ? 41  HIS A ND1 1 
ATOM   313  C CD2 . HIS A 1 43  ? -9.630  -1.727  1.438   1.000 15.521 ? 41  HIS A CD2 1 
ATOM   314  C CE1 . HIS A 1 43  ? -10.640 -3.607  0.874   1.000 15.052 ? 41  HIS A CE1 1 
ATOM   315  N NE2 . HIS A 1 43  ? -9.528  -3.102  1.416   1.000 15.635 ? 41  HIS A NE2 1 
ATOM   316  N N   . THR A 1 44  ? -13.129 1.379   -1.593  1.000 16.310 ? 42  THR A N   1 
ATOM   317  C CA  . THR A 1 44  ? -14.252 2.280   -1.962  1.000 17.040 ? 42  THR A CA  1 
ATOM   318  C C   . THR A 1 44  ? -15.230 2.453   -0.802  1.000 17.440 ? 42  THR A C   1 
ATOM   319  O O   . THR A 1 44  ? -16.026 3.425   -0.852  1.000 17.468 ? 42  THR A O   1 
ATOM   320  C CB  . THR A 1 44  ? -14.986 1.714   -3.174  1.000 15.978 ? 42  THR A CB  1 
ATOM   321  O OG1 . THR A 1 44  ? -15.527 0.453   -2.783  1.000 17.076 ? 42  THR A OG1 1 
ATOM   322  C CG2 . THR A 1 44  ? -14.075 1.562   -4.373  1.000 16.833 ? 42  THR A CG2 1 
ATOM   323  N N   . GLU A 1 45  ? -15.226 1.530   0.165   1.000 17.488 ? 43  GLU A N   1 
ATOM   324  C CA  . GLU A 1 45  ? -16.040 1.649   1.407   1.000 18.987 ? 43  GLU A CA  1 
ATOM   325  C C   . GLU A 1 45  ? -15.210 1.248   2.622   1.000 19.450 ? 43  GLU A C   1 
ATOM   326  O O   . GLU A 1 45  ? -14.092 0.723   2.453   1.000 18.011 ? 43  GLU A O   1 
ATOM   327  C CB  . GLU A 1 45  ? -17.303 0.785   1.333   1.000 19.732 ? 43  GLU A CB  1 
ATOM   328  C CG  . GLU A 1 45  ? -18.181 1.102   0.125   1.000 20.486 ? 43  GLU A CG  1 
ATOM   329  C CD  . GLU A 1 45  ? -18.792 2.494   0.157   1.000 21.062 ? 43  GLU A CD  1 
ATOM   330  O OE1 . GLU A 1 45  ? -18.939 3.034   1.258   1.000 22.923 ? 43  GLU A OE1 1 
ATOM   331  O OE2 . GLU A 1 45  ? -19.121 3.041   -0.914  1.000 22.519 ? 43  GLU A OE2 1 
ATOM   332  N N   . MET A 1 46  ? -15.774 1.480   3.809   1.000 22.266 ? 44  MET A N   1 
ATOM   333  C CA  . MET A 1 46  ? -15.156 1.118   5.107   1.000 23.971 ? 44  MET A CA  1 
ATOM   334  C C   . MET A 1 46  ? -15.106 -0.406  5.266   1.000 24.405 ? 44  MET A C   1 
ATOM   335  O O   . MET A 1 46  ? -14.181 -0.863  5.955   1.000 26.719 ? 44  MET A O   1 
ATOM   336  C CB  . MET A 1 46  ? -15.935 1.740   6.273   1.000 24.496 ? 44  MET A CB  1 
ATOM   337  C CG  . MET A 1 46  ? -15.673 3.220   6.431   1.000 24.970 ? 44  MET A CG  1 
ATOM   338  S SD  . MET A 1 46  ? -13.922 3.596   6.766   1.000 28.824 ? 44  MET A SD  1 
ATOM   339  C CE  . MET A 1 46  ? -13.689 2.780   8.341   1.000 27.098 ? 44  MET A CE  1 
ATOM   340  N N   . LYS A 1 47  ? -16.039 -1.148  4.658   1.000 24.076 ? 45  LYS A N   1 
ATOM   341  C CA  . LYS A 1 47  ? -16.122 -2.635  4.739   1.000 23.948 ? 45  LYS A CA  1 
ATOM   342  C C   . LYS A 1 47  ? -14.942 -3.263  3.990   1.000 19.911 ? 45  LYS A C   1 
ATOM   343  O O   . LYS A 1 47  ? -14.648 -2.806  2.888   1.000 18.717 ? 45  LYS A O   1 
ATOM   344  C CB  . LYS A 1 47  ? -17.443 -3.127  4.140   1.000 26.233 ? 45  LYS A CB  1 
ATOM   345  C CG  . LYS A 1 47  ? -18.701 -2.671  4.871   1.000 28.457 ? 45  LYS A CG  1 
ATOM   346  C CD  . LYS A 1 47  ? -19.977 -2.950  4.094   1.000 31.135 ? 45  LYS A CD  1 
ATOM   347  C CE  . LYS A 1 47  ? -20.342 -4.419  4.051   1.000 33.422 ? 45  LYS A CE  1 
ATOM   348  N NZ  . LYS A 1 47  ? -21.439 -4.752  4.995   1.000 35.882 ? 45  LYS A NZ  1 
ATOM   349  N N   . GLU A 1 48  ? -14.285 -4.266  4.588   1.000 20.044 ? 46  GLU A N   1 
ATOM   350  C CA  . GLU A 1 48  ? -13.073 -4.952  4.042   1.000 19.334 ? 46  GLU A CA  1 
ATOM   351  C C   . GLU A 1 48  ? -13.409 -5.701  2.746   1.000 19.822 ? 46  GLU A C   1 
ATOM   352  O O   . GLU A 1 48  ? -12.506 -5.863  1.897   1.000 18.801 ? 46  GLU A O   1 
ATOM   353  C CB  . GLU A 1 48  ? -12.499 -5.918  5.081   1.000 20.562 ? 46  GLU A CB  1 
ATOM   354  C CG  . GLU A 1 48  ? -11.779 -5.214  6.216   1.000 21.394 ? 46  GLU A CG  1 
ATOM   355  C CD  . GLU A 1 48  ? -11.603 -6.017  7.501   1.000 22.091 ? 46  GLU A CD  1 
ATOM   356  O OE1 . GLU A 1 48  ? -12.174 -7.137  7.611   1.000 20.871 ? 46  GLU A OE1 1 
ATOM   357  O OE2 . GLU A 1 48  ? -10.902 -5.511  8.405   1.000 24.692 ? 46  GLU A OE2 1 
ATOM   358  N N   . GLU A 1 49  ? -14.666 -6.110  2.563   1.000 19.758 ? 47  GLU A N   1 
ATOM   359  C CA  . GLU A 1 49  ? -15.084 -6.834  1.330   1.000 20.837 ? 47  GLU A CA  1 
ATOM   360  C C   . GLU A 1 49  ? -15.352 -5.833  0.200   1.000 19.268 ? 47  GLU A C   1 
ATOM   361  O O   . GLU A 1 49  ? -15.712 -6.296  -0.899  1.000 17.389 ? 47  GLU A O   1 
ATOM   362  C CB  . GLU A 1 49  ? -16.332 -7.701  1.517   1.000 23.577 ? 47  GLU A CB  1 
ATOM   363  C CG  . GLU A 1 49  ? -16.593 -8.166  2.936   1.000 26.665 ? 47  GLU A CG  1 
ATOM   364  C CD  . GLU A 1 49  ? -17.331 -7.122  3.749   1.000 27.214 ? 47  GLU A CD  1 
ATOM   365  O OE1 . GLU A 1 49  ? -18.553 -6.948  3.530   1.000 31.166 ? 47  GLU A OE1 1 
ATOM   366  O OE2 . GLU A 1 49  ? -16.668 -6.462  4.556   1.000 29.178 ? 47  GLU A OE2 1 
ATOM   367  N N   . SER A 1 50  ? -15.206 -4.521  0.439   1.000 17.663 ? 48  SER A N   1 
ATOM   368  C CA  . SER A 1 50  ? -15.507 -3.495  -0.595  1.000 16.685 ? 48  SER A CA  1 
ATOM   369  C C   . SER A 1 50  ? -14.462 -3.587  -1.699  1.000 15.589 ? 48  SER A C   1 
ATOM   370  O O   . SER A 1 50  ? -13.394 -4.202  -1.486  1.000 13.818 ? 48  SER A O   1 
ATOM   371  C CB  . SER A 1 50  ? -15.623 -2.082  -0.057  1.000 16.269 ? 48  SER A CB  1 
ATOM   372  O OG  . SER A 1 50  ? -14.427 -1.627  0.568   1.000 15.100 ? 48  SER A OG  1 
ATOM   373  N N   . ASP A 1 51  ? -14.787 -2.981  -2.830  1.000 15.835 ? 49  ASP A N   1 
ATOM   374  C CA  . ASP A 1 51  ? -13.904 -2.901  -4.012  1.000 15.818 ? 49  ASP A CA  1 
ATOM   375  C C   . ASP A 1 51  ? -12.602 -2.211  -3.605  1.000 14.954 ? 49  ASP A C   1 
ATOM   376  O O   . ASP A 1 51  ? -12.578 -1.447  -2.588  1.000 13.348 ? 49  ASP A O   1 
ATOM   377  C CB  . ASP A 1 51  ? -14.608 -2.185  -5.160  1.000 16.050 ? 49  ASP A CB  1 
ATOM   378  C CG  . ASP A 1 51  ? -15.663 -3.033  -5.842  1.000 17.415 ? 49  ASP A CG  1 
ATOM   379  O OD1 . ASP A 1 51  ? -15.771 -4.250  -5.508  1.000 18.022 ? 49  ASP A OD1 1 
ATOM   380  O OD2 . ASP A 1 51  ? -16.365 -2.473  -6.710  1.000 17.123 ? 49  ASP A OD2 1 
ATOM   381  N N   . ILE A 1 52  ? -11.550 -2.518  -4.352  1.000 13.960 ? 50  ILE A N   1 
ATOM   382  C CA  . ILE A 1 52  ? -10.179 -2.004  -4.109  1.000 14.345 ? 50  ILE A CA  1 
ATOM   383  C C   . ILE A 1 52  ? -9.713  -1.230  -5.345  1.000 13.651 ? 50  ILE A C   1 
ATOM   384  O O   . ILE A 1 52  ? -9.512  -1.822  -6.404  1.000 13.797 ? 50  ILE A O   1 
ATOM   385  C CB  . ILE A 1 52  ? -9.254  -3.160  -3.693  1.000 13.684 ? 50  ILE A CB  1 
ATOM   386  C CG1 . ILE A 1 52  ? -9.740  -3.764  -2.370  1.000 13.374 ? 50  ILE A CG1 1 
ATOM   387  C CG2 . ILE A 1 52  ? -7.822  -2.672  -3.630  1.000 13.406 ? 50  ILE A CG2 1 
ATOM   388  C CD1 . ILE A 1 52  ? -8.937  -4.930  -1.863  1.000 14.275 ? 50  ILE A CD1 1 
ATOM   389  N N   . VAL A 1 53  ? -9.575  0.084   -5.188  1.000 14.387 ? 51  VAL A N   1 
ATOM   390  C CA  . VAL A 1 53  ? -9.077  1.007   -6.245  1.000 15.522 ? 51  VAL A CA  1 
ATOM   391  C C   . VAL A 1 53  ? -7.600  0.705   -6.496  1.000 15.077 ? 51  VAL A C   1 
ATOM   392  O O   . VAL A 1 53  ? -7.164  0.738   -7.663  1.000 15.954 ? 51  VAL A O   1 
ATOM   393  C CB  . VAL A 1 53  ? -9.317  2.464   -5.800  1.000 16.055 ? 51  VAL A CB  1 
ATOM   394  C CG1 . VAL A 1 53  ? -8.541  3.468   -6.631  1.000 15.552 ? 51  VAL A CG1 1 
ATOM   395  C CG2 . VAL A 1 53  ? -10.807 2.761   -5.781  1.000 16.390 ? 51  VAL A CG2 1 
ATOM   396  N N   . PHE A 1 54  ? -6.849  0.426   -5.438  1.000 15.519 ? 52  PHE A N   1 
ATOM   397  C CA  . PHE A 1 54  ? -5.382  0.187   -5.515  1.000 14.463 ? 52  PHE A CA  1 
ATOM   398  C C   . PHE A 1 54  ? -5.005  -0.893  -4.515  1.000 14.256 ? 52  PHE A C   1 
ATOM   399  O O   . PHE A 1 54  ? -5.146  -0.646  -3.315  1.000 14.763 ? 52  PHE A O   1 
ATOM   400  C CB  . PHE A 1 54  ? -4.577  1.461   -5.256  1.000 14.643 ? 52  PHE A CB  1 
ATOM   401  C CG  . PHE A 1 54  ? -3.080  1.292   -5.365  1.000 14.322 ? 52  PHE A CG  1 
ATOM   402  C CD1 . PHE A 1 54  ? -2.501  0.577   -6.402  1.000 14.360 ? 52  PHE A CD1 1 
ATOM   403  C CD2 . PHE A 1 54  ? -2.241  1.850   -4.412  1.000 14.858 ? 52  PHE A CD2 1 
ATOM   404  C CE1 . PHE A 1 54  ? -1.124  0.429   -6.483  1.000 14.493 ? 52  PHE A CE1 1 
ATOM   405  C CE2 . PHE A 1 54  ? -0.863  1.704   -4.498  1.000 14.581 ? 52  PHE A CE2 1 
ATOM   406  C CZ  . PHE A 1 54  ? -0.307  0.991   -5.531  1.000 14.229 ? 52  PHE A CZ  1 
ATOM   407  N N   . HIS A 1 55  ? -4.553  -2.043  -5.014  1.000 14.231 ? 53  HIS A N   1 
ATOM   408  C CA  . HIS A 1 55  ? -4.047  -3.182  -4.203  1.000 14.226 ? 53  HIS A CA  1 
ATOM   409  C C   . HIS A 1 55  ? -2.536  -3.271  -4.397  1.000 14.139 ? 53  HIS A C   1 
ATOM   410  O O   . HIS A 1 55  ? -2.088  -3.379  -5.557  1.000 14.714 ? 53  HIS A O   1 
ATOM   411  C CB  . HIS A 1 55  ? -4.834  -4.451  -4.543  1.000 14.374 ? 53  HIS A CB  1 
ATOM   412  C CG  . HIS A 1 55  ? -4.183  -5.757  -4.224  1.000 14.394 ? 53  HIS A CG  1 
ATOM   413  N ND1 . HIS A 1 55  ? -4.259  -6.350  -2.971  1.000 13.674 ? 53  HIS A ND1 1 
ATOM   414  C CD2 . HIS A 1 55  ? -3.497  -6.611  -5.015  1.000 13.895 ? 53  HIS A CD2 1 
ATOM   415  C CE1 . HIS A 1 55  ? -3.636  -7.514  -3.006  1.000 14.561 ? 53  HIS A CE1 1 
ATOM   416  N NE2 . HIS A 1 55  ? -3.196  -7.718  -4.272  1.000 14.439 ? 53  HIS A NE2 1 
ATOM   417  N N   . PHE A 1 56  ? -1.788  -3.202  -3.296  1.000 14.184 ? 54  PHE A N   1 
ATOM   418  C CA  . PHE A 1 56  ? -0.307  -3.236  -3.270  1.000 13.826 ? 54  PHE A CA  1 
ATOM   419  C C   . PHE A 1 56  ? 0.070   -4.361  -2.316  1.000 13.982 ? 54  PHE A C   1 
ATOM   420  O O   . PHE A 1 56  ? -0.292  -4.274  -1.112  1.000 13.401 ? 54  PHE A O   1 
ATOM   421  C CB  . PHE A 1 56  ? 0.248   -1.877  -2.842  1.000 14.252 ? 54  PHE A CB  1 
ATOM   422  C CG  . PHE A 1 56  ? 1.754   -1.787  -2.761  1.000 13.716 ? 54  PHE A CG  1 
ATOM   423  C CD1 . PHE A 1 56  ? 2.523   -1.626  -3.902  1.000 13.831 ? 54  PHE A CD1 1 
ATOM   424  C CD2 . PHE A 1 56  ? 2.399   -1.795  -1.536  1.000 13.138 ? 54  PHE A CD2 1 
ATOM   425  C CE1 . PHE A 1 56  ? 3.904   -1.531  -3.834  1.000 13.704 ? 54  PHE A CE1 1 
ATOM   426  C CE2 . PHE A 1 56  ? 3.783   -1.695  -1.467  1.000 13.919 ? 54  PHE A CE2 1 
ATOM   427  C CZ  . PHE A 1 56  ? 4.534   -1.549  -2.608  1.000 14.012 ? 54  PHE A CZ  1 
ATOM   428  N N   . GLN A 1 57  ? 0.703   -5.408  -2.840  1.000 14.262 ? 55  GLN A N   1 
ATOM   429  C CA  . GLN A 1 57  ? 1.085   -6.586  -2.029  1.000 15.387 ? 55  GLN A CA  1 
ATOM   430  C C   . GLN A 1 57  ? 2.560   -6.911  -2.257  1.000 15.339 ? 55  GLN A C   1 
ATOM   431  O O   . GLN A 1 57  ? 2.912   -7.288  -3.386  1.000 14.819 ? 55  GLN A O   1 
ATOM   432  C CB  . GLN A 1 57  ? 0.229   -7.783  -2.401  1.000 16.220 ? 55  GLN A CB  1 
ATOM   433  C CG  . GLN A 1 57  ? 0.551   -9.003  -1.559  1.000 17.629 ? 55  GLN A CG  1 
ATOM   434  C CD  . GLN A 1 57  ? -0.193  -10.209 -2.068  1.000 18.244 ? 55  GLN A CD  1 
ATOM   435  O OE1 . GLN A 1 57  ? 0.230   -10.874 -3.017  1.000 19.024 ? 55  GLN A OE1 1 
ATOM   436  N NE2 . GLN A 1 57  ? -1.305  -10.502 -1.428  1.000 18.517 ? 55  GLN A NE2 1 
ATOM   437  N N   . VAL A 1 58  ? 3.370   -6.763  -1.217  1.000 14.779 ? 56  VAL A N   1 
ATOM   438  C CA  . VAL A 1 58  ? 4.818   -7.113  -1.257  1.000 15.165 ? 56  VAL A CA  1 
ATOM   439  C C   . VAL A 1 58  ? 4.952   -8.546  -0.732  1.000 15.442 ? 56  VAL A C   1 
ATOM   440  O O   . VAL A 1 58  ? 4.492   -8.815  0.377   1.000 14.273 ? 56  VAL A O   1 
ATOM   441  C CB  . VAL A 1 58  ? 5.654   -6.124  -0.424  1.000 14.414 ? 56  VAL A CB  1 
ATOM   442  C CG1 . VAL A 1 58  ? 7.148   -6.430  -0.525  1.000 14.365 ? 56  VAL A CG1 1 
ATOM   443  C CG2 . VAL A 1 58  ? 5.353   -4.670  -0.771  1.000 14.612 ? 56  VAL A CG2 1 
ATOM   444  N N   . CYS A 1 59  ? 5.606   -9.428  -1.484  1.000 15.490 ? 57  CYS A N   1 
ATOM   445  C CA  . CYS A 1 59  ? 6.252   -10.636 -0.921  1.000 17.203 ? 57  CYS A CA  1 
ATOM   446  C C   . CYS A 1 59  ? 7.722   -10.289 -0.669  1.000 16.607 ? 57  CYS A C   1 
ATOM   447  O O   . CYS A 1 59  ? 8.452   -10.233 -1.649  1.000 15.613 ? 57  CYS A O   1 
ATOM   448  C CB  . CYS A 1 59  ? 6.121   -11.819 -1.865  1.000 18.627 ? 57  CYS A CB  1 
ATOM   449  S SG  . CYS A 1 59  ? 6.735   -13.349 -1.127  1.000 20.544 ? 57  CYS A SG  1 
ATOM   450  N N   . PHE A 1 60  ? 8.111   -9.980  0.574   1.000 16.128 ? 58  PHE A N   1 
ATOM   451  C CA  . PHE A 1 60  ? 9.434   -9.376  0.863   1.000 16.320 ? 58  PHE A CA  1 
ATOM   452  C C   . PHE A 1 60  ? 10.527  -10.294 0.320   1.000 16.708 ? 58  PHE A C   1 
ATOM   453  O O   . PHE A 1 60  ? 10.509  -11.502 0.631   1.000 16.881 ? 58  PHE A O   1 
ATOM   454  C CB  . PHE A 1 60  ? 9.636   -9.086  2.350   1.000 15.652 ? 58  PHE A CB  1 
ATOM   455  C CG  . PHE A 1 60  ? 8.879   -7.886  2.861   1.000 15.663 ? 58  PHE A CG  1 
ATOM   456  C CD1 . PHE A 1 60  ? 9.305   -6.594  2.583   1.000 16.095 ? 58  PHE A CD1 1 
ATOM   457  C CD2 . PHE A 1 60  ? 7.756   -8.047  3.659   1.000 16.329 ? 58  PHE A CD2 1 
ATOM   458  C CE1 . PHE A 1 60  ? 8.622   -5.497  3.086   1.000 16.884 ? 58  PHE A CE1 1 
ATOM   459  C CE2 . PHE A 1 60  ? 7.067   -6.953  4.150   1.000 16.289 ? 58  PHE A CE2 1 
ATOM   460  C CZ  . PHE A 1 60  ? 7.497   -5.676  3.862   1.000 16.758 ? 58  PHE A CZ  1 
ATOM   461  N N   . GLY A 1 61  ? 11.446  -9.715  -0.463  1.000 17.727 ? 59  GLY A N   1 
ATOM   462  C CA  . GLY A 1 61  ? 12.653  -10.391 -0.964  1.000 19.106 ? 59  GLY A CA  1 
ATOM   463  C C   . GLY A 1 61  ? 12.374  -11.192 -2.227  1.000 20.329 ? 59  GLY A C   1 
ATOM   464  O O   . GLY A 1 61  ? 13.305  -11.896 -2.669  1.000 20.150 ? 59  GLY A O   1 
ATOM   465  N N   . ARG A 1 62  ? 11.161  -11.095 -2.795  1.000 20.861 ? 60  ARG A N   1 
ATOM   466  C CA  . ARG A 1 62  ? 10.692  -11.923 -3.940  1.000 23.201 ? 60  ARG A CA  1 
ATOM   467  C C   . ARG A 1 62  ? 10.039  -11.056 -5.029  1.000 22.694 ? 60  ARG A C   1 
ATOM   468  O O   . ARG A 1 62  ? 10.570  -11.044 -6.158  1.000 24.808 ? 60  ARG A O   1 
ATOM   469  C CB  . ARG A 1 62  ? 9.739   -13.007 -3.437  1.000 25.433 ? 60  ARG A CB  1 
ATOM   470  C CG  . ARG A 1 62  ? 10.445  -14.136 -2.699  1.000 29.612 ? 60  ARG A CG  1 
ATOM   471  C CD  . ARG A 1 62  ? 11.128  -15.128 -3.625  1.000 32.258 ? 60  ARG A CD  1 
ATOM   472  N NE  . ARG A 1 62  ? 10.321  -16.334 -3.761  1.000 36.202 ? 60  ARG A NE  1 
ATOM   473  C CZ  . ARG A 1 62  ? 9.390   -16.557 -4.689  1.000 35.560 ? 60  ARG A CZ  1 
ATOM   474  N NH1 . ARG A 1 62  ? 9.115   -15.658 -5.619  1.000 35.339 ? 60  ARG A NH1 1 
ATOM   475  N NH2 . ARG A 1 62  ? 8.719   -17.695 -4.672  1.000 37.527 ? 60  ARG A NH2 1 
ATOM   476  N N   . ARG A 1 63  ? 8.908   -10.397 -4.748  1.000 21.925 ? 61  ARG A N   1 
ATOM   477  C CA  . ARG A 1 63  ? 8.152   -9.639  -5.784  1.000 20.983 ? 61  ARG A CA  1 
ATOM   478  C C   . ARG A 1 63  ? 7.094   -8.725  -5.156  1.000 19.038 ? 61  ARG A C   1 
ATOM   479  O O   . ARG A 1 63  ? 6.770   -8.913  -3.964  1.000 19.537 ? 61  ARG A O   1 
ATOM   480  C CB  . ARG A 1 63  ? 7.451   -10.597 -6.752  1.000 22.236 ? 61  ARG A CB  1 
ATOM   481  C CG  . ARG A 1 63  ? 6.385   -11.462 -6.100  1.000 23.894 ? 61  ARG A CG  1 
ATOM   482  C CD  . ARG A 1 63  ? 5.369   -12.047 -7.064  1.000 26.442 ? 61  ARG A CD  1 
ATOM   483  N NE  . ARG A 1 63  ? 4.242   -12.557 -6.289  1.000 29.599 ? 61  ARG A NE  1 
ATOM   484  C CZ  . ARG A 1 63  ? 3.129   -13.108 -6.779  1.000 32.269 ? 61  ARG A CZ  1 
ATOM   485  N NH1 . ARG A 1 63  ? 2.193   -13.514 -5.935  1.000 32.639 ? 61  ARG A NH1 1 
ATOM   486  N NH2 . ARG A 1 63  ? 2.943   -13.251 -8.085  1.000 30.890 ? 61  ARG A NH2 1 
ATOM   487  N N   . VAL A 1 64  ? 6.540   -7.830  -5.978  1.000 17.895 ? 62  VAL A N   1 
ATOM   488  C CA  . VAL A 1 64  ? 5.328   -7.017  -5.683  1.000 17.061 ? 62  VAL A CA  1 
ATOM   489  C C   . VAL A 1 64  ? 4.294   -7.313  -6.776  1.000 16.065 ? 62  VAL A C   1 
ATOM   490  O O   . VAL A 1 64  ? 4.665   -7.522  -7.952  1.000 14.808 ? 62  VAL A O   1 
ATOM   491  C CB  . VAL A 1 64  ? 5.697   -5.527  -5.560  1.000 18.447 ? 62  VAL A CB  1 
ATOM   492  C CG1 . VAL A 1 64  ? 4.491   -4.637  -5.301  1.000 17.631 ? 62  VAL A CG1 1 
ATOM   493  C CG2 . VAL A 1 64  ? 6.762   -5.331  -4.487  1.000 18.852 ? 62  VAL A CG2 1 
ATOM   494  N N   . VAL A 1 65  ? 3.028   -7.385  -6.397  1.000 16.357 ? 63  VAL A N   1 
ATOM   495  C CA  . VAL A 1 65  ? 1.907   -7.389  -7.380  1.000 16.724 ? 63  VAL A CA  1 
ATOM   496  C C   . VAL A 1 65  ? 1.014   -6.208  -7.039  1.000 17.097 ? 63  VAL A C   1 
ATOM   497  O O   . VAL A 1 65  ? 0.941   -5.819  -5.854  1.000 15.764 ? 63  VAL A O   1 
ATOM   498  C CB  . VAL A 1 65  ? 1.141   -8.723  -7.412  1.000 18.245 ? 63  VAL A CB  1 
ATOM   499  C CG1 . VAL A 1 65  ? 2.074   -9.883  -7.731  1.000 18.417 ? 63  VAL A CG1 1 
ATOM   500  C CG2 . VAL A 1 65  ? 0.374   -8.972  -6.124  1.000 17.944 ? 63  VAL A CG2 1 
ATOM   501  N N   . MET A 1 66  ? 0.402   -5.624  -8.061  1.000 16.263 ? 64  MET A N   1 
ATOM   502  C CA  . MET A 1 66  ? -0.601  -4.559  -7.858  1.000 15.969 ? 64  MET A CA  1 
ATOM   503  C C   . MET A 1 66  ? -1.818  -4.929  -8.687  1.000 15.938 ? 64  MET A C   1 
ATOM   504  O O   . MET A 1 66  ? -1.658  -5.607  -9.711  1.000 16.566 ? 64  MET A O   1 
ATOM   505  C CB  . MET A 1 66  ? -0.043  -3.198  -8.269  1.000 16.316 ? 64  MET A CB  1 
ATOM   506  C CG  . MET A 1 66  ? 1.141   -2.780  -7.400  1.000 17.004 ? 64  MET A CG  1 
ATOM   507  S SD  . MET A 1 66  ? 1.973   -1.300  -7.975  1.000 17.260 ? 64  MET A SD  1 
ATOM   508  C CE  . MET A 1 66  ? 3.018   -2.011  -9.249  1.000 18.760 ? 64  MET A CE  1 
ATOM   509  N N   . ASN A 1 67  ? -2.993  -4.524  -8.226  1.000 14.914 ? 65  ASN A N   1 
ATOM   510  C CA  . ASN A 1 67  ? -4.246  -4.837  -8.941  1.000 15.670 ? 65  ASN A CA  1 
ATOM   511  C C   . ASN A 1 67  ? -5.332  -3.872  -8.482  1.000 14.881 ? 65  ASN A C   1 
ATOM   512  O O   . ASN A 1 67  ? -5.057  -2.958  -7.674  1.000 14.805 ? 65  ASN A O   1 
ATOM   513  C CB  . ASN A 1 67  ? -4.618  -6.319  -8.778  1.000 15.395 ? 65  ASN A CB  1 
ATOM   514  C CG  . ASN A 1 67  ? -5.321  -6.896  -9.989  1.000 16.199 ? 65  ASN A CG  1 
ATOM   515  O OD1 . ASN A 1 67  ? -6.029  -6.172  -10.676 1.000 16.784 ? 65  ASN A OD1 1 
ATOM   516  N ND2 . ASN A 1 67  ? -5.222  -8.204  -10.192 1.000 16.856 ? 65  ASN A ND2 1 
ATOM   517  N N   . SER A 1 68  ? -6.515  -4.062  -9.041  1.000 15.787 ? 66  SER A N   1 
ATOM   518  C CA  . SER A 1 68  ? -7.777  -3.492  -8.541  1.000 15.075 ? 66  SER A CA  1 
ATOM   519  C C   . SER A 1 68  ? -8.762  -4.642  -8.404  1.000 15.293 ? 66  SER A C   1 
ATOM   520  O O   . SER A 1 68  ? -8.596  -5.680  -9.072  1.000 14.502 ? 66  SER A O   1 
ATOM   521  C CB  . SER A 1 68  ? -8.280  -2.410  -9.450  1.000 15.991 ? 66  SER A CB  1 
ATOM   522  O OG  . SER A 1 68  ? -8.468  -2.931  -10.743 1.000 16.330 ? 66  SER A OG  1 
ATOM   523  N N   . ARG A 1 69  ? -9.724  -4.474  -7.517  1.000 15.262 ? 67  ARG A N   1 
ATOM   524  C CA  . ARG A 1 69  ? -10.832 -5.431  -7.371  1.000 14.561 ? 67  ARG A CA  1 
ATOM   525  C C   . ARG A 1 69  ? -12.109 -4.636  -7.600  1.000 14.722 ? 67  ARG A C   1 
ATOM   526  O O   . ARG A 1 69  ? -12.394 -3.761  -6.779  1.000 14.684 ? 67  ARG A O   1 
ATOM   527  C CB  . ARG A 1 69  ? -10.783 -6.111  -6.004  1.000 14.535 ? 67  ARG A CB  1 
ATOM   528  C CG  . ARG A 1 69  ? -11.865 -7.160  -5.849  1.000 14.838 ? 67  ARG A CG  1 
ATOM   529  C CD  . ARG A 1 69  ? -11.766 -7.961  -4.585  1.000 14.872 ? 67  ARG A CD  1 
ATOM   530  N NE  . ARG A 1 69  ? -12.166 -7.196  -3.416  1.000 15.488 ? 67  ARG A NE  1 
ATOM   531  C CZ  . ARG A 1 69  ? -11.718 -7.417  -2.175  1.000 15.499 ? 67  ARG A CZ  1 
ATOM   532  N NH1 . ARG A 1 69  ? -10.862 -8.398  -1.942  1.000 16.245 ? 67  ARG A NH1 1 
ATOM   533  N NH2 . ARG A 1 69  ? -12.131 -6.663  -1.167  1.000 14.961 ? 67  ARG A NH2 1 
ATOM   534  N N   . GLU A 1 70  ? -12.789 -4.902  -8.717  1.000 14.927 ? 68  GLU A N   1 
ATOM   535  C CA  . GLU A 1 70  ? -13.929 -4.085  -9.204  1.000 16.569 ? 68  GLU A CA  1 
ATOM   536  C C   . GLU A 1 70  ? -15.182 -4.958  -9.259  1.000 16.704 ? 68  GLU A C   1 
ATOM   537  O O   . GLU A 1 70  ? -15.115 -6.043  -9.884  1.000 17.252 ? 68  GLU A O   1 
ATOM   538  C CB  . GLU A 1 70  ? -13.595 -3.471  -10.560 1.000 17.133 ? 68  GLU A CB  1 
ATOM   539  C CG  . GLU A 1 70  ? -12.289 -2.691  -10.540 1.000 18.006 ? 68  GLU A CG  1 
ATOM   540  C CD  . GLU A 1 70  ? -11.883 -2.061  -11.856 1.000 19.567 ? 68  GLU A CD  1 
ATOM   541  O OE1 . GLU A 1 70  ? -12.765 -1.903  -12.727 1.000 21.360 ? 68  GLU A OE1 1 
ATOM   542  O OE2 . GLU A 1 70  ? -10.679 -1.750  -12.006 1.000 19.755 ? 68  GLU A OE2 1 
ATOM   543  N N   . TYR A 1 71  ? -16.260 -4.501  -8.617  1.000 17.951 ? 69  TYR A N   1 
ATOM   544  C CA  . TYR A 1 71  ? -17.525 -5.256  -8.387  1.000 18.400 ? 69  TYR A CA  1 
ATOM   545  C C   . TYR A 1 71  ? -17.216 -6.684  -7.920  1.000 18.911 ? 69  TYR A C   1 
ATOM   546  O O   . TYR A 1 71  ? -17.789 -7.638  -8.447  1.000 18.421 ? 69  TYR A O   1 
ATOM   547  C CB  . TYR A 1 71  ? -18.378 -5.230  -9.659  1.000 19.162 ? 69  TYR A CB  1 
ATOM   548  C CG  . TYR A 1 71  ? -18.532 -3.837  -10.212 1.000 19.944 ? 69  TYR A CG  1 
ATOM   549  C CD1 . TYR A 1 71  ? -19.472 -2.960  -9.695  1.000 20.387 ? 69  TYR A CD1 1 
ATOM   550  C CD2 . TYR A 1 71  ? -17.672 -3.365  -11.189 1.000 21.189 ? 69  TYR A CD2 1 
ATOM   551  C CE1 . TYR A 1 71  ? -19.580 -1.658  -10.163 1.000 20.983 ? 69  TYR A CE1 1 
ATOM   552  C CE2 . TYR A 1 71  ? -17.761 -2.068  -11.663 1.000 20.876 ? 69  TYR A CE2 1 
ATOM   553  C CZ  . TYR A 1 71  ? -18.742 -1.223  -11.177 1.000 21.006 ? 69  TYR A CZ  1 
ATOM   554  O OH  . TYR A 1 71  ? -18.813 0.054   -11.660 1.000 21.493 ? 69  TYR A OH  1 
ATOM   555  N N   . GLY A 1 72  ? -16.309 -6.828  -6.957  1.000 18.053 ? 70  GLY A N   1 
ATOM   556  C CA  . GLY A 1 72  ? -15.972 -8.132  -6.357  1.000 19.100 ? 70  GLY A CA  1 
ATOM   557  C C   . GLY A 1 72  ? -14.925 -8.927  -7.125  1.000 19.127 ? 70  GLY A C   1 
ATOM   558  O O   . GLY A 1 72  ? -14.506 -9.970  -6.588  1.000 21.147 ? 70  GLY A O   1 
ATOM   559  N N   . ALA A 1 73  ? -14.502 -8.497  -8.318  1.000 18.119 ? 71  ALA A N   1 
ATOM   560  C CA  . ALA A 1 73  ? -13.658 -9.305  -9.234  1.000 18.481 ? 71  ALA A CA  1 
ATOM   561  C C   . ALA A 1 73  ? -12.280 -8.662  -9.383  1.000 18.277 ? 71  ALA A C   1 
ATOM   562  O O   . ALA A 1 73  ? -12.194 -7.453  -9.673  1.000 18.166 ? 71  ALA A O   1 
ATOM   563  C CB  . ALA A 1 73  ? -14.325 -9.477  -10.582 1.000 18.531 ? 71  ALA A CB  1 
ATOM   564  N N   . TRP A 1 74  ? -11.233 -9.463  -9.214  1.000 17.997 ? 72  TRP A N   1 
ATOM   565  C CA  . TRP A 1 74  ? -9.842  -9.026  -9.457  1.000 18.253 ? 72  TRP A CA  1 
ATOM   566  C C   . TRP A 1 74  ? -9.639  -8.772  -10.947 1.000 19.230 ? 72  TRP A C   1 
ATOM   567  O O   . TRP A 1 74  ? -10.194 -9.530  -11.750 1.000 19.168 ? 72  TRP A O   1 
ATOM   568  C CB  . TRP A 1 74  ? -8.855  -10.060 -8.936  1.000 18.503 ? 72  TRP A CB  1 
ATOM   569  C CG  . TRP A 1 74  ? -8.895  -10.207 -7.452  1.000 18.780 ? 72  TRP A CG  1 
ATOM   570  C CD1 . TRP A 1 74  ? -9.497  -11.207 -6.754  1.000 19.373 ? 72  TRP A CD1 1 
ATOM   571  C CD2 . TRP A 1 74  ? -8.295  -9.337  -6.476  1.000 18.491 ? 72  TRP A CD2 1 
ATOM   572  N NE1 . TRP A 1 74  ? -9.292  -11.037 -5.414  1.000 19.200 ? 72  TRP A NE1 1 
ATOM   573  C CE2 . TRP A 1 74  ? -8.570  -9.895  -5.211  1.000 18.812 ? 72  TRP A CE2 1 
ATOM   574  C CE3 . TRP A 1 74  ? -7.544  -8.155  -6.540  1.000 18.712 ? 72  TRP A CE3 1 
ATOM   575  C CZ2 . TRP A 1 74  ? -8.116  -9.319  -4.024  1.000 17.811 ? 72  TRP A CZ2 1 
ATOM   576  C CZ3 . TRP A 1 74  ? -7.107  -7.576  -5.364  1.000 18.192 ? 72  TRP A CZ3 1 
ATOM   577  C CH2 . TRP A 1 74  ? -7.394  -8.153  -4.128  1.000 17.373 ? 72  TRP A CH2 1 
ATOM   578  N N   . LYS A 1 75  ? -8.845  -7.757  -11.273 1.000 19.474 ? 73  LYS A N   1 
ATOM   579  C CA  . LYS A 1 75  ? -8.593  -7.284  -12.655 1.000 19.949 ? 73  LYS A CA  1 
ATOM   580  C C   . LYS A 1 75  ? -7.190  -7.728  -13.093 1.000 20.263 ? 73  LYS A C   1 
ATOM   581  O O   . LYS A 1 75  ? -6.739  -8.779  -12.615 1.000 21.600 ? 73  LYS A O   1 
ATOM   582  C CB  . LYS A 1 75  ? -8.858  -5.776  -12.687 1.000 20.792 ? 73  LYS A CB  1 
ATOM   583  C CG  . LYS A 1 75  ? -10.331 -5.409  -12.608 1.000 22.388 ? 73  LYS A CG  1 
ATOM   584  C CD  . LYS A 1 75  ? -11.134 -6.084  -13.704 1.000 24.924 ? 73  LYS A CD  1 
ATOM   585  C CE  . LYS A 1 75  ? -12.254 -5.237  -14.258 1.000 26.893 ? 73  LYS A CE  1 
ATOM   586  N NZ  . LYS A 1 75  ? -13.130 -6.051  -15.128 1.000 28.624 ? 73  LYS A NZ  1 
ATOM   587  N N   . GLN A 1 76  ? -6.548  -7.018  -14.023 1.000 20.645 ? 74  GLN A N   1 
ATOM   588  C CA  . GLN A 1 76  ? -5.246  -7.452  -14.594 1.000 22.006 ? 74  GLN A CA  1 
ATOM   589  C C   . GLN A 1 76  ? -4.167  -7.195  -13.533 1.000 21.717 ? 74  GLN A C   1 
ATOM   590  O O   . GLN A 1 76  ? -3.988  -6.036  -13.135 1.000 21.710 ? 74  GLN A O   1 
ATOM   591  C CB  . GLN A 1 76  ? -4.955  -6.749  -15.922 1.000 23.463 ? 74  GLN A CB  1 
ATOM   592  C CG  . GLN A 1 76  ? -3.691  -7.238  -16.624 1.000 25.470 ? 74  GLN A CG  1 
ATOM   593  C CD  . GLN A 1 76  ? -3.727  -8.640  -17.187 1.000 26.525 ? 74  GLN A CD  1 
ATOM   594  O OE1 . GLN A 1 76  ? -2.713  -9.151  -17.666 1.000 28.556 ? 74  GLN A OE1 1 
ATOM   595  N NE2 . GLN A 1 76  ? -4.886  -9.281  -17.159 1.000 27.890 ? 74  GLN A NE2 1 
ATOM   596  N N   . GLN A 1 77  ? -3.519  -8.256  -13.050 1.000 22.064 ? 75  GLN A N   1 
ATOM   597  C CA  . GLN A 1 77  ? -2.357  -8.144  -12.139 1.000 22.056 ? 75  GLN A CA  1 
ATOM   598  C C   . GLN A 1 77  ? -1.208  -7.459  -12.881 1.000 22.663 ? 75  GLN A C   1 
ATOM   599  O O   . GLN A 1 77  ? -0.994  -7.770  -14.077 1.000 23.346 ? 75  GLN A O   1 
ATOM   600  C CB  . GLN A 1 77  ? -1.959  -9.522  -11.625 1.000 23.308 ? 75  GLN A CB  1 
ATOM   601  C CG  . GLN A 1 77  ? -0.739  -9.487  -10.727 1.000 24.779 ? 75  GLN A CG  1 
ATOM   602  C CD  . GLN A 1 77  ? -0.627  -10.786 -9.979  1.000 25.294 ? 75  GLN A CD  1 
ATOM   603  O OE1 . GLN A 1 77  ? -1.217  -10.959 -8.918  1.000 25.278 ? 75  GLN A OE1 1 
ATOM   604  N NE2 . GLN A 1 77  ? 0.111   -11.720 -10.559 1.000 27.132 ? 75  GLN A NE2 1 
ATOM   605  N N   . VAL A 1 78  ? -0.538  -6.533  -12.205 1.000 21.226 ? 76  VAL A N   1 
ATOM   606  C CA  . VAL A 1 78  ? 0.775   -5.946  -12.598 1.000 21.834 ? 76  VAL A CA  1 
ATOM   607  C C   . VAL A 1 78  ? 1.797   -6.511  -11.618 1.000 21.144 ? 76  VAL A C   1 
ATOM   608  O O   . VAL A 1 78  ? 1.544   -6.390  -10.411 1.000 19.520 ? 76  VAL A O   1 
ATOM   609  C CB  . VAL A 1 78  ? 0.724   -4.410  -12.539 1.000 21.544 ? 76  VAL A CB  1 
ATOM   610  C CG1 . VAL A 1 78  ? 2.013   -3.757  -13.010 1.000 22.062 ? 76  VAL A CG1 1 
ATOM   611  C CG2 . VAL A 1 78  ? -0.463  -3.858  -13.319 1.000 22.115 ? 76  VAL A CG2 1 
ATOM   612  N N   . GLU A 1 79  ? 2.881   -7.105  -12.118 1.000 20.592 ? 77  GLU A N   1 
ATOM   613  C CA  . GLU A 1 79  ? 3.941   -7.729  -11.284 1.000 21.952 ? 77  GLU A CA  1 
ATOM   614  C C   . GLU A 1 79  ? 5.204   -6.878  -11.392 1.000 21.268 ? 77  GLU A C   1 
ATOM   615  O O   . GLU A 1 79  ? 5.489   -6.378  -12.491 1.000 23.077 ? 77  GLU A O   1 
ATOM   616  C CB  . GLU A 1 79  ? 4.210   -9.169  -11.724 1.000 24.533 ? 77  GLU A CB  1 
ATOM   617  C CG  . GLU A 1 79  ? 5.025   -9.964  -10.722 1.000 27.788 ? 77  GLU A CG  1 
ATOM   618  C CD  . GLU A 1 79  ? 5.171   -11.437 -11.067 1.000 31.336 ? 77  GLU A CD  1 
ATOM   619  O OE1 . GLU A 1 79  ? 5.514   -11.747 -12.232 1.000 33.459 ? 77  GLU A OE1 1 
ATOM   620  O OE2 . GLU A 1 79  ? 4.932   -12.272 -10.172 1.000 35.224 ? 77  GLU A OE2 1 
ATOM   621  N N   . SER A 1 80  ? 5.945   -6.727  -10.295 1.000 20.551 ? 78  SER A N   1 
ATOM   622  C CA  . SER A 1 80  ? 7.287   -6.097  -10.305 1.000 20.502 ? 78  SER A CA  1 
ATOM   623  C C   . SER A 1 80  ? 8.246   -6.934  -9.455  1.000 20.517 ? 78  SER A C   1 
ATOM   624  O O   . SER A 1 80  ? 7.858   -7.343  -8.352  1.000 17.870 ? 78  SER A O   1 
ATOM   625  C CB  . SER A 1 80  ? 7.218   -4.685  -9.833  1.000 20.098 ? 78  SER A CB  1 
ATOM   626  O OG  . SER A 1 80  ? 8.521   -4.176  -9.618  1.000 19.004 ? 78  SER A OG  1 
ATOM   627  N N   . LYS A 1 81  ? 9.438   -7.203  -9.986  1.000 21.551 ? 79  LYS A N   1 
ATOM   628  C CA  . LYS A 1 81  ? 10.508  -7.919  -9.246  1.000 22.580 ? 79  LYS A CA  1 
ATOM   629  C C   . LYS A 1 81  ? 11.423  -6.884  -8.579  1.000 20.735 ? 79  LYS A C   1 
ATOM   630  O O   . LYS A 1 81  ? 12.397  -7.291  -7.953  1.000 20.859 ? 79  LYS A O   1 
ATOM   631  C CB  . LYS A 1 81  ? 11.266  -8.872  -10.178 1.000 24.534 ? 79  LYS A CB  1 
ATOM   632  C CG  . LYS A 1 81  ? 10.441  -9.944  -10.895 1.000 27.535 ? 79  LYS A CG  1 
ATOM   633  C CD  . LYS A 1 81  ? 9.487   -10.783 -10.043 1.000 30.210 ? 79  LYS A CD  1 
ATOM   634  C CE  . LYS A 1 81  ? 10.156  -11.950 -9.343  1.000 33.304 ? 79  LYS A CE  1 
ATOM   635  N NZ  . LYS A 1 81  ? 10.036  -13.212 -10.115 1.000 35.858 ? 79  LYS A NZ  1 
ATOM   636  N N   . ASN A 1 82  ? 11.087  -5.597  -8.648  1.000 20.662 ? 80  ASN A N   1 
ATOM   637  C CA  . ASN A 1 82  ? 11.807  -4.515  -7.928  1.000 19.626 ? 80  ASN A CA  1 
ATOM   638  C C   . ASN A 1 82  ? 11.637  -4.712  -6.412  1.000 19.863 ? 80  ASN A C   1 
ATOM   639  O O   . ASN A 1 82  ? 10.492  -4.895  -5.960  1.000 19.048 ? 80  ASN A O   1 
ATOM   640  C CB  . ASN A 1 82  ? 11.314  -3.141  -8.391  1.000 20.855 ? 80  ASN A CB  1 
ATOM   641  C CG  . ASN A 1 82  ? 12.202  -2.008  -7.937  1.000 21.584 ? 80  ASN A CG  1 
ATOM   642  O OD1 . ASN A 1 82  ? 13.388  -2.206  -7.699  1.000 24.198 ? 80  ASN A OD1 1 
ATOM   643  N ND2 . ASN A 1 82  ? 11.638  -0.821  -7.811  1.000 22.777 ? 80  ASN A ND2 1 
ATOM   644  N N   . MET A 1 83  ? 12.741  -4.713  -5.660  1.000 19.144 ? 81  MET A N   1 
ATOM   645  C CA  . MET A 1 83  ? 12.763  -5.066  -4.213  1.000 19.033 ? 81  MET A CA  1 
ATOM   646  C C   . MET A 1 83  ? 13.748  -4.150  -3.489  1.000 19.982 ? 81  MET A C   1 
ATOM   647  O O   . MET A 1 83  ? 14.838  -4.570  -3.109  1.000 20.990 ? 81  MET A O   1 
ATOM   648  C CB  . MET A 1 83  ? 13.133  -6.543  -4.022  1.000 19.703 ? 81  MET A CB  1 
ATOM   649  C CG  . MET A 1 83  ? 12.913  -7.065  -2.606  1.000 19.957 ? 81  MET A CG  1 
ATOM   650  S SD  . MET A 1 83  ? 11.242  -6.766  -1.927  1.000 20.883 ? 81  MET A SD  1 
ATOM   651  C CE  . MET A 1 83  ? 10.206  -7.519  -3.182  1.000 21.334 ? 81  MET A CE  1 
ATOM   652  N N   . PRO A 1 84  ? 13.389  -2.860  -3.281  1.000 20.022 ? 82  PRO A N   1 
ATOM   653  C CA  . PRO A 1 84  ? 14.221  -1.929  -2.513  1.000 19.670 ? 82  PRO A CA  1 
ATOM   654  C C   . PRO A 1 84  ? 14.166  -2.107  -0.985  1.000 20.737 ? 82  PRO A C   1 
ATOM   655  O O   . PRO A 1 84  ? 15.002  -1.517  -0.295  1.000 24.884 ? 82  PRO A O   1 
ATOM   656  C CB  . PRO A 1 84  ? 13.674  -0.551  -2.916  1.000 19.632 ? 82  PRO A CB  1 
ATOM   657  C CG  . PRO A 1 84  ? 12.220  -0.824  -3.256  1.000 20.285 ? 82  PRO A CG  1 
ATOM   658  C CD  . PRO A 1 84  ? 12.181  -2.220  -3.831  1.000 20.138 ? 82  PRO A CD  1 
ATOM   659  N N   . PHE A 1 85  ? 13.224  -2.906  -0.481  1.000 19.300 ? 83  PHE A N   1 
ATOM   660  C CA  . PHE A 1 85  ? 13.101  -3.240  0.961   1.000 19.545 ? 83  PHE A CA  1 
ATOM   661  C C   . PHE A 1 85  ? 14.317  -4.064  1.377   1.000 19.799 ? 83  PHE A C   1 
ATOM   662  O O   . PHE A 1 85  ? 14.770  -4.924  0.600   1.000 17.792 ? 83  PHE A O   1 
ATOM   663  C CB  . PHE A 1 85  ? 11.823  -4.022  1.265   1.000 18.736 ? 83  PHE A CB  1 
ATOM   664  C CG  . PHE A 1 85  ? 10.559  -3.287  0.909   1.000 18.373 ? 83  PHE A CG  1 
ATOM   665  C CD1 . PHE A 1 85  ? 10.039  -2.309  1.750   1.000 17.857 ? 83  PHE A CD1 1 
ATOM   666  C CD2 . PHE A 1 85  ? 9.894   -3.565  -0.275  1.000 17.500 ? 83  PHE A CD2 1 
ATOM   667  C CE1 . PHE A 1 85  ? 8.878   -1.633  1.405   1.000 18.873 ? 83  PHE A CE1 1 
ATOM   668  C CE2 . PHE A 1 85  ? 8.746   -2.875  -0.628  1.000 17.814 ? 83  PHE A CE2 1 
ATOM   669  C CZ  . PHE A 1 85  ? 8.246   -1.903  0.208   1.000 18.420 ? 83  PHE A CZ  1 
ATOM   670  N N   . GLN A 1 86  ? 14.814  -3.809  2.581   1.000 21.441 ? 84  GLN A N   1 
ATOM   671  C CA  . GLN A 1 86  ? 16.045  -4.449  3.106   1.000 22.231 ? 84  GLN A CA  1 
ATOM   672  C C   . GLN A 1 86  ? 15.632  -5.445  4.191   1.000 20.475 ? 84  GLN A C   1 
ATOM   673  O O   . GLN A 1 86  ? 14.806  -5.086  5.054   1.000 19.333 ? 84  GLN A O   1 
ATOM   674  C CB  . GLN A 1 86  ? 17.014  -3.374  3.595   1.000 24.666 ? 84  GLN A CB  1 
ATOM   675  C CG  . GLN A 1 86  ? 17.428  -2.397  2.502   1.000 26.132 ? 84  GLN A CG  1 
ATOM   676  C CD  . GLN A 1 86  ? 18.196  -3.091  1.405   1.000 27.619 ? 84  GLN A CD  1 
ATOM   677  O OE1 . GLN A 1 86  ? 19.238  -3.696  1.649   1.000 28.849 ? 84  GLN A OE1 1 
ATOM   678  N NE2 . GLN A 1 86  ? 17.651  -3.068  0.197   1.000 29.294 ? 84  GLN A NE2 1 
ATOM   679  N N   . ASP A 1 87  ? 16.216  -6.646  4.132   1.000 21.326 ? 85  ASP A N   1 
ATOM   680  C CA  . ASP A 1 87  ? 16.012  -7.747  5.106   1.000 20.893 ? 85  ASP A CA  1 
ATOM   681  C C   . ASP A 1 87  ? 16.242  -7.211  6.519   1.000 20.701 ? 85  ASP A C   1 
ATOM   682  O O   . ASP A 1 87  ? 17.343  -6.667  6.772   1.000 21.046 ? 85  ASP A O   1 
ATOM   683  C CB  . ASP A 1 87  ? 16.940  -8.926  4.796   1.000 21.131 ? 85  ASP A CB  1 
ATOM   684  C CG  . ASP A 1 87  ? 16.507  -10.225 5.437   1.000 21.441 ? 85  ASP A CG  1 
ATOM   685  O OD1 . ASP A 1 87  ? 15.449  -10.233 6.094   1.000 21.932 ? 85  ASP A OD1 1 
ATOM   686  O OD2 . ASP A 1 87  ? 17.223  -11.226 5.259   1.000 24.607 ? 85  ASP A OD2 1 
ATOM   687  N N   . GLY A 1 88  ? 15.239  -7.353  7.393   1.000 21.324 ? 86  GLY A N   1 
ATOM   688  C CA  . GLY A 1 88  ? 15.321  -7.059  8.837   1.000 21.544 ? 86  GLY A CA  1 
ATOM   689  C C   . GLY A 1 88  ? 15.240  -5.573  9.162   1.000 22.068 ? 86  GLY A C   1 
ATOM   690  O O   . GLY A 1 88  ? 15.443  -5.238  10.332  1.000 23.870 ? 86  GLY A O   1 
ATOM   691  N N   . GLN A 1 89  ? 14.987  -4.699  8.181   1.000 22.480 ? 87  GLN A N   1 
ATOM   692  C CA  . GLN A 1 89  ? 15.059  -3.224  8.357   1.000 22.680 ? 87  GLN A CA  1 
ATOM   693  C C   . GLN A 1 89  ? 13.646  -2.648  8.424   1.000 22.499 ? 87  GLN A C   1 
ATOM   694  O O   . GLN A 1 89  ? 12.766  -3.135  7.690   1.000 23.115 ? 87  GLN A O   1 
ATOM   695  C CB  . GLN A 1 89  ? 15.826  -2.543  7.223   1.000 24.398 ? 87  GLN A CB  1 
ATOM   696  C CG  . GLN A 1 89  ? 17.247  -3.056  7.041   1.000 27.423 ? 87  GLN A CG  1 
ATOM   697  C CD  . GLN A 1 89  ? 18.023  -3.103  8.333   1.000 29.603 ? 87  GLN A CD  1 
ATOM   698  O OE1 . GLN A 1 89  ? 18.636  -4.113  8.669   1.000 34.292 ? 87  GLN A OE1 1 
ATOM   699  N NE2 . GLN A 1 89  ? 17.987  -2.011  9.079   1.000 30.719 ? 87  GLN A NE2 1 
ATOM   700  N N   . GLU A 1 90  ? 13.470  -1.617  9.252   1.000 21.440 ? 88  GLU A N   1 
ATOM   701  C CA  . GLU A 1 90  ? 12.345  -0.657  9.156   1.000 22.083 ? 88  GLU A CA  1 
ATOM   702  C C   . GLU A 1 90  ? 12.340  -0.044  7.752   1.000 20.383 ? 88  GLU A C   1 
ATOM   703  O O   . GLU A 1 90  ? 13.424  0.309   7.254   1.000 23.937 ? 88  GLU A O   1 
ATOM   704  C CB  . GLU A 1 90  ? 12.476  0.423   10.229  1.000 22.732 ? 88  GLU A CB  1 
ATOM   705  C CG  . GLU A 1 90  ? 11.285  1.354   10.313  1.000 24.800 ? 88  GLU A CG  1 
ATOM   706  C CD  . GLU A 1 90  ? 11.260  2.195   11.578  1.000 26.521 ? 88  GLU A CD  1 
ATOM   707  O OE1 . GLU A 1 90  ? 12.168  3.022   11.743  1.000 27.739 ? 88  GLU A OE1 1 
ATOM   708  O OE2 . GLU A 1 90  ? 10.330  2.034   12.379  1.000 28.716 ? 88  GLU A OE2 1 
ATOM   709  N N   . PHE A 1 91  ? 11.160  0.074   7.147   1.000 21.162 ? 89  PHE A N   1 
ATOM   710  C CA  . PHE A 1 91  ? 10.928  0.757   5.848   1.000 20.620 ? 89  PHE A CA  1 
ATOM   711  C C   . PHE A 1 91  ? 10.048  1.990   6.089   1.000 20.227 ? 89  PHE A C   1 
ATOM   712  O O   . PHE A 1 91  ? 9.234   2.011   7.050   1.000 17.967 ? 89  PHE A O   1 
ATOM   713  C CB  . PHE A 1 91  ? 10.301  -0.191  4.820   1.000 20.342 ? 89  PHE A CB  1 
ATOM   714  C CG  . PHE A 1 91  ? 8.963   -0.739  5.234   1.000 20.343 ? 89  PHE A CG  1 
ATOM   715  C CD1 . PHE A 1 91  ? 7.806   0.012   5.071   1.000 19.585 ? 89  PHE A CD1 1 
ATOM   716  C CD2 . PHE A 1 91  ? 8.865   -1.993  5.826   1.000 19.032 ? 89  PHE A CD2 1 
ATOM   717  C CE1 . PHE A 1 91  ? 6.585   -0.477  5.499   1.000 19.889 ? 89  PHE A CE1 1 
ATOM   718  C CE2 . PHE A 1 91  ? 7.636   -2.488  6.226   1.000 20.421 ? 89  PHE A CE2 1 
ATOM   719  C CZ  . PHE A 1 91  ? 6.497   -1.732  6.063   1.000 20.007 ? 89  PHE A CZ  1 
ATOM   720  N N   . GLU A 1 92  ? 10.194  2.983   5.212   1.000 20.486 ? 90  GLU A N   1 
ATOM   721  C CA  . GLU A 1 92  ? 9.217   4.082   5.030   1.000 22.308 ? 90  GLU A CA  1 
ATOM   722  C C   . GLU A 1 92  ? 8.663   4.003   3.610   1.000 22.313 ? 90  GLU A C   1 
ATOM   723  O O   . GLU A 1 92  ? 9.429   4.209   2.636   1.000 22.122 ? 90  GLU A O   1 
ATOM   724  C CB  . GLU A 1 92  ? 9.801   5.469   5.312   1.000 24.620 ? 90  GLU A CB  1 
ATOM   725  C CG  . GLU A 1 92  ? 8.708   6.525   5.420   1.000 27.493 ? 90  GLU A CG  1 
ATOM   726  C CD  . GLU A 1 92  ? 9.130   7.977   5.305   1.000 30.570 ? 90  GLU A CD  1 
ATOM   727  O OE1 . GLU A 1 92  ? 9.952   8.289   4.422   1.000 35.721 ? 90  GLU A OE1 1 
ATOM   728  O OE2 . GLU A 1 92  ? 8.610   8.805   6.083   1.000 33.338 ? 90  GLU A OE2 1 
ATOM   729  N N   . LEU A 1 93  ? 7.370   3.723   3.527   1.000 21.273 ? 91  LEU A N   1 
ATOM   730  C CA  . LEU A 1 93  ? 6.589   3.607   2.274   1.000 21.754 ? 91  LEU A CA  1 
ATOM   731  C C   . LEU A 1 93  ? 5.741   4.872   2.182   1.000 23.141 ? 91  LEU A C   1 
ATOM   732  O O   . LEU A 1 93  ? 5.059   5.209   3.184   1.000 23.257 ? 91  LEU A O   1 
ATOM   733  C CB  . LEU A 1 93  ? 5.723   2.346   2.357   1.000 22.145 ? 91  LEU A CB  1 
ATOM   734  C CG  . LEU A 1 93  ? 5.018   1.949   1.064   1.000 22.848 ? 91  LEU A CG  1 
ATOM   735  C CD1 . LEU A 1 93  ? 5.999   1.275   0.118   1.000 23.731 ? 91  LEU A CD1 1 
ATOM   736  C CD2 . LEU A 1 93  ? 3.829   1.047   1.349   1.000 23.701 ? 91  LEU A CD2 1 
ATOM   737  N N   . SER A 1 94  ? 5.798   5.581   1.058   1.000 23.544 ? 92  SER A N   1 
ATOM   738  C CA  . SER A 1 94  ? 4.822   6.664   0.781   1.000 22.986 ? 92  SER A CA  1 
ATOM   739  C C   . SER A 1 94  ? 4.204   6.484   -0.609  1.000 21.549 ? 92  SER A C   1 
ATOM   740  O O   . SER A 1 94  ? 4.935   6.172   -1.566  1.000 21.108 ? 92  SER A O   1 
ATOM   741  C CB  . SER A 1 94  ? 5.430   8.016   0.981   1.000 24.743 ? 92  SER A CB  1 
ATOM   742  O OG  . SER A 1 94  ? 6.274   8.344   -0.094  1.000 27.851 ? 92  SER A OG  1 
ATOM   743  N N   . ILE A 1 95  ? 2.882   6.628   -0.681  1.000 19.519 ? 93  ILE A N   1 
ATOM   744  C CA  . ILE A 1 95  ? 2.071   6.424   -1.914  1.000 18.918 ? 93  ILE A CA  1 
ATOM   745  C C   . ILE A 1 95  ? 1.502   7.787   -2.291  1.000 18.612 ? 93  ILE A C   1 
ATOM   746  O O   . ILE A 1 95  ? 0.602   8.246   -1.580  1.000 17.461 ? 93  ILE A O   1 
ATOM   747  C CB  . ILE A 1 95  ? 0.963   5.378   -1.708  1.000 19.636 ? 93  ILE A CB  1 
ATOM   748  C CG1 . ILE A 1 95  ? 1.538   4.025   -1.294  1.000 20.467 ? 93  ILE A CG1 1 
ATOM   749  C CG2 . ILE A 1 95  ? 0.101   5.267   -2.962  1.000 19.347 ? 93  ILE A CG2 1 
ATOM   750  C CD1 . ILE A 1 95  ? 0.627   3.215   -0.426  1.000 20.707 ? 93  ILE A CD1 1 
ATOM   751  N N   . SER A 1 96  ? 2.072   8.417   -3.320  1.000 19.229 ? 94  SER A N   1 
ATOM   752  C CA  . SER A 1 96  ? 1.646   9.745   -3.823  1.000 19.860 ? 94  SER A CA  1 
ATOM   753  C C   . SER A 1 96  ? 0.583   9.546   -4.902  1.000 19.140 ? 94  SER A C   1 
ATOM   754  O O   . SER A 1 96  ? 0.781   8.688   -5.778  1.000 17.254 ? 94  SER A O   1 
ATOM   755  C CB  . SER A 1 96  ? 2.812   10.532  -4.343  1.000 20.576 ? 94  SER A CB  1 
ATOM   756  O OG  . SER A 1 96  ? 3.799   10.675  -3.346  1.000 23.308 ? 94  SER A OG  1 
ATOM   757  N N   . VAL A 1 97  ? -0.507  10.303  -4.829  1.000 18.539 ? 95  VAL A N   1 
ATOM   758  C CA  . VAL A 1 97  ? -1.551  10.342  -5.886  1.000 19.664 ? 95  VAL A CA  1 
ATOM   759  C C   . VAL A 1 97  ? -1.149  11.442  -6.876  1.000 20.224 ? 95  VAL A C   1 
ATOM   760  O O   . VAL A 1 97  ? -1.331  12.629  -6.551  1.000 22.747 ? 95  VAL A O   1 
ATOM   761  C CB  . VAL A 1 97  ? -2.937  10.551  -5.259  1.000 19.244 ? 95  VAL A CB  1 
ATOM   762  C CG1 . VAL A 1 97  ? -4.040  10.599  -6.303  1.000 19.107 ? 95  VAL A CG1 1 
ATOM   763  C CG2 . VAL A 1 97  ? -3.219  9.484   -4.219  1.000 18.770 ? 95  VAL A CG2 1 
ATOM   764  N N   . LEU A 1 98  ? -0.585  11.040  -8.014  1.000 21.352 ? 96  LEU A N   1 
ATOM   765  C CA  . LEU A 1 98  ? -0.279  11.926  -9.165  1.000 21.972 ? 96  LEU A CA  1 
ATOM   766  C C   . LEU A 1 98  ? -1.539  12.037  -10.022 1.000 21.883 ? 96  LEU A C   1 
ATOM   767  O O   . LEU A 1 98  ? -2.522  11.316  -9.805  1.000 20.295 ? 96  LEU A O   1 
ATOM   768  C CB  . LEU A 1 98  ? 0.915   11.372  -9.955  1.000 23.584 ? 96  LEU A CB  1 
ATOM   769  C CG  . LEU A 1 98  ? 2.113   10.845  -9.159  1.000 25.097 ? 96  LEU A CG  1 
ATOM   770  C CD1 . LEU A 1 98  ? 3.325   10.690  -10.059 1.000 26.174 ? 96  LEU A CD1 1 
ATOM   771  C CD2 . LEU A 1 98  ? 2.465   11.735  -7.980  1.000 25.740 ? 96  LEU A CD2 1 
ATOM   772  N N   . PRO A 1 99  ? -1.583  12.944  -11.025 1.000 23.001 ? 97  PRO A N   1 
ATOM   773  C CA  . PRO A 1 99  ? -2.735  13.014  -11.928 1.000 22.309 ? 97  PRO A CA  1 
ATOM   774  C C   . PRO A 1 99  ? -3.163  11.671  -12.536 1.000 22.399 ? 97  PRO A C   1 
ATOM   775  O O   . PRO A 1 99  ? -4.349  11.398  -12.561 1.000 20.415 ? 97  PRO A O   1 
ATOM   776  C CB  . PRO A 1 99  ? -2.240  13.990  -13.005 1.000 23.793 ? 97  PRO A CB  1 
ATOM   777  C CG  . PRO A 1 99  ? -1.354  14.923  -12.223 1.000 23.708 ? 97  PRO A CG  1 
ATOM   778  C CD  . PRO A 1 99  ? -0.587  13.992  -11.305 1.000 22.870 ? 97  PRO A CD  1 
ATOM   779  N N   . ASP A 1 100 ? -2.209  10.864  -13.005 1.000 20.907 ? 98  ASP A N   1 
ATOM   780  C CA  . ASP A 1 100 ? -2.485  9.723   -13.910 1.000 21.959 ? 98  ASP A CA  1 
ATOM   781  C C   . ASP A 1 100 ? -2.268  8.394   -13.185 1.000 21.571 ? 98  ASP A C   1 
ATOM   782  O O   . ASP A 1 100 ? -2.681  7.374   -13.751 1.000 19.513 ? 98  ASP A O   1 
ATOM   783  C CB  . ASP A 1 100 ? -1.661  9.852   -15.194 1.000 23.928 ? 98  ASP A CB  1 
ATOM   784  C CG  . ASP A 1 100 ? -2.324  10.758  -16.222 1.000 27.293 ? 98  ASP A CG  1 
ATOM   785  O OD1 . ASP A 1 100 ? -3.486  11.180  -15.977 1.000 28.126 ? 98  ASP A OD1 1 
ATOM   786  O OD2 . ASP A 1 100 ? -1.693  11.029  -17.269 1.000 29.668 ? 98  ASP A OD2 1 
ATOM   787  N N   . LYS A 1 101 ? -1.627  8.401   -12.010 1.000 20.725 ? 99  LYS A N   1 
ATOM   788  C CA  . LYS A 1 101 ? -1.123  7.169   -11.344 1.000 20.343 ? 99  LYS A CA  1 
ATOM   789  C C   . LYS A 1 101 ? -0.893  7.419   -9.851  1.000 19.077 ? 99  LYS A C   1 
ATOM   790  O O   . LYS A 1 101 ? -0.815  8.598   -9.445  1.000 18.636 ? 99  LYS A O   1 
ATOM   791  C CB  . LYS A 1 101 ? 0.180   6.715   -12.002 1.000 21.574 ? 99  LYS A CB  1 
ATOM   792  C CG  . LYS A 1 101 ? 1.344   7.684   -11.882 1.000 23.120 ? 99  LYS A CG  1 
ATOM   793  C CD  . LYS A 1 101 ? 2.523   7.270   -12.705 1.000 25.425 ? 99  LYS A CD  1 
ATOM   794  C CE  . LYS A 1 101 ? 2.419   7.710   -14.145 1.000 27.587 ? 99  LYS A CE  1 
ATOM   795  N NZ  . LYS A 1 101 ? 2.887   9.107   -14.290 1.000 27.916 ? 99  LYS A NZ  1 
ATOM   796  N N   . TYR A 1 102 ? -0.784  6.333   -9.075  1.000 19.269 ? 100 TYR A N   1 
ATOM   797  C CA  . TYR A 1 102 ? -0.097  6.286   -7.758  1.000 18.564 ? 100 TYR A CA  1 
ATOM   798  C C   . TYR A 1 102 ? 1.392   6.052   -7.990  1.000 18.516 ? 100 TYR A C   1 
ATOM   799  O O   . TYR A 1 102 ? 1.750   5.200   -8.831  1.000 19.092 ? 100 TYR A O   1 
ATOM   800  C CB  . TYR A 1 102 ? -0.634  5.176   -6.852  1.000 17.656 ? 100 TYR A CB  1 
ATOM   801  C CG  . TYR A 1 102 ? -2.111  5.273   -6.602  1.000 17.322 ? 100 TYR A CG  1 
ATOM   802  C CD1 . TYR A 1 102 ? -2.622  6.100   -5.614  1.000 17.815 ? 100 TYR A CD1 1 
ATOM   803  C CD2 . TYR A 1 102 ? -2.998  4.564   -7.389  1.000 17.420 ? 100 TYR A CD2 1 
ATOM   804  C CE1 . TYR A 1 102 ? -3.986  6.192   -5.384  1.000 16.973 ? 100 TYR A CE1 1 
ATOM   805  C CE2 . TYR A 1 102 ? -4.360  4.663   -7.188  1.000 16.811 ? 100 TYR A CE2 1 
ATOM   806  C CZ  . TYR A 1 102 ? -4.856  5.470   -6.181  1.000 16.212 ? 100 TYR A CZ  1 
ATOM   807  O OH  . TYR A 1 102 ? -6.197  5.574   -5.995  1.000 15.610 ? 100 TYR A OH  1 
ATOM   808  N N   . GLN A 1 103 ? 2.214   6.809   -7.268  1.000 19.681 ? 101 GLN A N   1 
ATOM   809  C CA  . GLN A 1 103 ? 3.676   6.616   -7.170  1.000 19.219 ? 101 GLN A CA  1 
ATOM   810  C C   . GLN A 1 103 ? 4.023   6.091   -5.782  1.000 18.507 ? 101 GLN A C   1 
ATOM   811  O O   . GLN A 1 103 ? 3.690   6.774   -4.816  1.000 18.527 ? 101 GLN A O   1 
ATOM   812  C CB  . GLN A 1 103 ? 4.402   7.935   -7.374  1.000 20.454 ? 101 GLN A CB  1 
ATOM   813  C CG  . GLN A 1 103 ? 5.908   7.777   -7.316  1.000 20.241 ? 101 GLN A CG  1 
ATOM   814  C CD  . GLN A 1 103 ? 6.581   8.921   -8.023  1.000 20.702 ? 101 GLN A CD  1 
ATOM   815  O OE1 . GLN A 1 103 ? 6.213   10.076  -7.818  1.000 20.458 ? 101 GLN A OE1 1 
ATOM   816  N NE2 . GLN A 1 103 ? 7.546   8.602   -8.873  1.000 19.108 ? 101 GLN A NE2 1 
ATOM   817  N N   . VAL A 1 104 ? 4.765   4.988   -5.730  1.000 17.913 ? 102 VAL A N   1 
ATOM   818  C CA  . VAL A 1 104 ? 5.166   4.299   -4.473  1.000 18.561 ? 102 VAL A CA  1 
ATOM   819  C C   . VAL A 1 104 ? 6.661   4.540   -4.258  1.000 17.949 ? 102 VAL A C   1 
ATOM   820  O O   . VAL A 1 104 ? 7.478   4.038   -5.077  1.000 16.824 ? 102 VAL A O   1 
ATOM   821  C CB  . VAL A 1 104 ? 4.840   2.797   -4.555  1.000 18.737 ? 102 VAL A CB  1 
ATOM   822  C CG1 . VAL A 1 104 ? 5.196   2.084   -3.265  1.000 19.220 ? 102 VAL A CG1 1 
ATOM   823  C CG2 . VAL A 1 104 ? 3.380   2.554   -4.944  1.000 20.051 ? 102 VAL A CG2 1 
ATOM   824  N N   . MET A 1 105 ? 6.999   5.284   -3.204  1.000 18.827 ? 103 MET A N   1 
ATOM   825  C CA  . MET A 1 105 ? 8.400   5.564   -2.807  1.000 20.078 ? 103 MET A CA  1 
ATOM   826  C C   . MET A 1 105 ? 8.726   4.583   -1.679  1.000 19.558 ? 103 MET A C   1 
ATOM   827  O O   . MET A 1 105 ? 7.860   4.414   -0.788  1.000 19.665 ? 103 MET A O   1 
ATOM   828  C CB  . MET A 1 105 ? 8.588   6.998   -2.297  1.000 21.823 ? 103 MET A CB  1 
ATOM   829  C CG  . MET A 1 105 ? 7.917   8.078   -3.135  1.000 24.108 ? 103 MET A CG  1 
ATOM   830  S SD  . MET A 1 105 ? 8.606   8.263   -4.802  1.000 28.949 ? 103 MET A SD  1 
ATOM   831  C CE  . MET A 1 105 ? 10.207  8.970   -4.418  1.000 28.977 ? 103 MET A CE  1 
ATOM   832  N N   . VAL A 1 106 ? 9.887   3.933   -1.747  1.000 19.185 ? 104 VAL A N   1 
ATOM   833  C CA  . VAL A 1 106 ? 10.422  3.088   -0.638  1.000 19.905 ? 104 VAL A CA  1 
ATOM   834  C C   . VAL A 1 106 ? 11.763  3.664   -0.190  1.000 20.293 ? 104 VAL A C   1 
ATOM   835  O O   . VAL A 1 106 ? 12.723  3.615   -0.987  1.000 18.501 ? 104 VAL A O   1 
ATOM   836  C CB  . VAL A 1 106 ? 10.567  1.615   -1.053  1.000 19.258 ? 104 VAL A CB  1 
ATOM   837  C CG1 . VAL A 1 106 ? 11.059  0.753   0.099   1.000 19.905 ? 104 VAL A CG1 1 
ATOM   838  C CG2 . VAL A 1 106 ? 9.267   1.061   -1.619  1.000 20.514 ? 104 VAL A CG2 1 
ATOM   839  N N   . ASN A 1 107 ? 11.808  4.149   1.054   1.000 21.067 ? 105 ASN A N   1 
ATOM   840  C CA  . ASN A 1 107 ? 12.986  4.800   1.680   1.000 21.500 ? 105 ASN A CA  1 
ATOM   841  C C   . ASN A 1 107 ? 13.415  5.954   0.767   1.000 22.388 ? 105 ASN A C   1 
ATOM   842  O O   . ASN A 1 107 ? 14.615  6.075   0.438   1.000 22.611 ? 105 ASN A O   1 
ATOM   843  C CB  . ASN A 1 107 ? 14.051  3.751   2.009   1.000 21.351 ? 105 ASN A CB  1 
ATOM   844  C CG  . ASN A 1 107 ? 13.522  2.662   2.916   1.000 20.689 ? 105 ASN A CG  1 
ATOM   845  O OD1 . ASN A 1 107 ? 12.693  2.922   3.792   1.000 20.724 ? 105 ASN A OD1 1 
ATOM   846  N ND2 . ASN A 1 107 ? 13.982  1.438   2.716   1.000 19.624 ? 105 ASN A ND2 1 
ATOM   847  N N   . GLY A 1 108 ? 12.427  6.733   0.317   1.000 22.984 ? 106 GLY A N   1 
ATOM   848  C CA  . GLY A 1 108 ? 12.625  7.961   -0.470  1.000 23.895 ? 106 GLY A CA  1 
ATOM   849  C C   . GLY A 1 108 ? 12.932  7.706   -1.939  1.000 24.335 ? 106 GLY A C   1 
ATOM   850  O O   . GLY A 1 108 ? 13.262  8.693   -2.615  1.000 26.284 ? 106 GLY A O   1 
ATOM   851  N N   . GLN A 1 109 ? 12.818  6.468   -2.428  1.000 23.685 ? 107 GLN A N   1 
ATOM   852  C CA  . GLN A 1 109 ? 13.273  6.051   -3.786  1.000 24.148 ? 107 GLN A CA  1 
ATOM   853  C C   . GLN A 1 109 ? 12.050  5.630   -4.607  1.000 21.684 ? 107 GLN A C   1 
ATOM   854  O O   . GLN A 1 109 ? 11.339  4.738   -4.138  1.000 19.019 ? 107 GLN A O   1 
ATOM   855  C CB  . GLN A 1 109 ? 14.264  4.886   -3.692  1.000 26.725 ? 107 GLN A CB  1 
ATOM   856  C CG  . GLN A 1 109 ? 14.945  4.549   -5.012  1.000 28.718 ? 107 GLN A CG  1 
ATOM   857  C CD  . GLN A 1 109 ? 15.575  3.176   -5.050  1.000 30.828 ? 107 GLN A CD  1 
ATOM   858  O OE1 . GLN A 1 109 ? 15.407  2.433   -6.013  1.000 34.230 ? 107 GLN A OE1 1 
ATOM   859  N NE2 . GLN A 1 109 ? 16.322  2.827   -4.012  1.000 31.757 ? 107 GLN A NE2 1 
ATOM   860  N N   . SER A 1 110 ? 11.846  6.199   -5.804  1.000 21.531 ? 108 SER A N   1 
ATOM   861  C CA  . SER A 1 110 ? 10.689  5.852   -6.677  1.000 21.062 ? 108 SER A CA  1 
ATOM   862  C C   . SER A 1 110 ? 10.833  4.392   -7.094  1.000 20.289 ? 108 SER A C   1 
ATOM   863  O O   . SER A 1 110 ? 11.880  4.058   -7.686  1.000 22.854 ? 108 SER A O   1 
ATOM   864  C CB  . SER A 1 110 ? 10.557  6.744   -7.897  1.000 20.151 ? 108 SER A CB  1 
ATOM   865  O OG  . SER A 1 110 ? 9.502   6.282   -8.742  1.000 19.231 ? 108 SER A OG  1 
ATOM   866  N N   . SER A 1 111 ? 9.863   3.544   -6.743  1.000 18.744 ? 109 SER A N   1 
ATOM   867  C CA  . SER A 1 111 ? 10.018  2.070   -6.826  1.000 17.731 ? 109 SER A CA  1 
ATOM   868  C C   . SER A 1 111 ? 8.891   1.397   -7.632  1.000 17.499 ? 109 SER A C   1 
ATOM   869  O O   . SER A 1 111 ? 9.159   0.346   -8.239  1.000 17.664 ? 109 SER A O   1 
ATOM   870  C CB  . SER A 1 111 ? 10.168  1.509   -5.443  1.000 17.146 ? 109 SER A CB  1 
ATOM   871  O OG  . SER A 1 111 ? 11.338  2.026   -4.846  1.000 16.825 ? 109 SER A OG  1 
ATOM   872  N N   . TYR A 1 112 ? 7.678   1.955   -7.650  1.000 17.274 ? 110 TYR A N   1 
ATOM   873  C CA  . TYR A 1 112 ? 6.484   1.346   -8.295  1.000 17.355 ? 110 TYR A CA  1 
ATOM   874  C C   . TYR A 1 112 ? 5.519   2.450   -8.723  1.000 16.854 ? 110 TYR A C   1 
ATOM   875  O O   . TYR A 1 112 ? 5.357   3.448   -8.007  1.000 16.381 ? 110 TYR A O   1 
ATOM   876  C CB  . TYR A 1 112 ? 5.762   0.372   -7.357  1.000 17.534 ? 110 TYR A CB  1 
ATOM   877  C CG  . TYR A 1 112 ? 6.664   -0.590  -6.630  1.000 17.038 ? 110 TYR A CG  1 
ATOM   878  C CD1 . TYR A 1 112 ? 7.093   -0.320  -5.338  1.000 16.687 ? 110 TYR A CD1 1 
ATOM   879  C CD2 . TYR A 1 112 ? 7.107   -1.756  -7.230  1.000 16.725 ? 110 TYR A CD2 1 
ATOM   880  C CE1 . TYR A 1 112 ? 7.913   -1.194  -4.652  1.000 16.073 ? 110 TYR A CE1 1 
ATOM   881  C CE2 . TYR A 1 112 ? 7.950   -2.632  -6.564  1.000 15.995 ? 110 TYR A CE2 1 
ATOM   882  C CZ  . TYR A 1 112 ? 8.368   -2.340  -5.278  1.000 15.631 ? 110 TYR A CZ  1 
ATOM   883  O OH  . TYR A 1 112 ? 9.184   -3.184  -4.597  1.000 15.284 ? 110 TYR A OH  1 
ATOM   884  N N   . THR A 1 113 ? 4.905   2.295   -9.893  1.000 18.322 ? 111 THR A N   1 
ATOM   885  C CA  . THR A 1 113 ? 3.765   3.144   -10.308 1.000 18.389 ? 111 THR A CA  1 
ATOM   886  C C   . THR A 1 113 ? 2.607   2.262   -10.777 1.000 17.946 ? 111 THR A C   1 
ATOM   887  O O   . THR A 1 113 ? 2.823   1.104   -11.140 1.000 17.866 ? 111 THR A O   1 
ATOM   888  C CB  . THR A 1 113 ? 4.180   4.184   -11.352 1.000 20.197 ? 111 THR A CB  1 
ATOM   889  O OG1 . THR A 1 113 ? 4.553   3.423   -12.504 1.000 22.484 ? 111 THR A OG1 1 
ATOM   890  C CG2 . THR A 1 113 ? 5.291   5.098   -10.879 1.000 20.226 ? 111 THR A CG2 1 
ATOM   891  N N   . PHE A 1 114 ? 1.401   2.809   -10.717 1.000 18.221 ? 112 PHE A N   1 
ATOM   892  C CA  . PHE A 1 114 ? 0.145   2.116   -11.074 1.000 17.647 ? 112 PHE A CA  1 
ATOM   893  C C   . PHE A 1 114 ? -0.839  3.163   -11.570 1.000 18.647 ? 112 PHE A C   1 
ATOM   894  O O   . PHE A 1 114 ? -1.223  4.027   -10.782 1.000 17.037 ? 112 PHE A O   1 
ATOM   895  C CB  . PHE A 1 114 ? -0.410  1.390   -9.853  1.000 18.239 ? 112 PHE A CB  1 
ATOM   896  C CG  . PHE A 1 114 ? -1.644  0.558   -10.090 1.000 17.533 ? 112 PHE A CG  1 
ATOM   897  C CD1 . PHE A 1 114 ? -1.536  -0.763  -10.479 1.000 17.586 ? 112 PHE A CD1 1 
ATOM   898  C CD2 . PHE A 1 114 ? -2.906  1.086   -9.873  1.000 16.753 ? 112 PHE A CD2 1 
ATOM   899  C CE1 . PHE A 1 114 ? -2.672  -1.535  -10.670 1.000 16.678 ? 112 PHE A CE1 1 
ATOM   900  C CE2 . PHE A 1 114 ? -4.038  0.307   -10.044 1.000 16.877 ? 112 PHE A CE2 1 
ATOM   901  C CZ  . PHE A 1 114 ? -3.914  -1.001  -10.436 1.000 16.753 ? 112 PHE A CZ  1 
ATOM   902  N N   . ASP A 1 115 ? -1.188  3.085   -12.850 1.000 19.527 ? 113 ASP A N   1 
ATOM   903  C CA  . ASP A 1 115 ? -2.095  4.051   -13.506 1.000 20.431 ? 113 ASP A CA  1 
ATOM   904  C C   . ASP A 1 115 ? -3.446  3.928   -12.813 1.000 19.781 ? 113 ASP A C   1 
ATOM   905  O O   . ASP A 1 115 ? -3.837  2.791   -12.468 1.000 19.279 ? 113 ASP A O   1 
ATOM   906  C CB  . ASP A 1 115 ? -2.174  3.796   -15.012 1.000 22.163 ? 113 ASP A CB  1 
ATOM   907  C CG  . ASP A 1 115 ? -0.947  4.273   -15.765 1.000 24.941 ? 113 ASP A CG  1 
ATOM   908  O OD1 . ASP A 1 115 ? 0.055   4.620   -15.104 1.000 24.953 ? 113 ASP A OD1 1 
ATOM   909  O OD2 . ASP A 1 115 ? -1.017  4.311   -17.019 1.000 25.869 ? 113 ASP A OD2 1 
ATOM   910  N N   . HIS A 1 116 ? -4.114  5.059   -12.594 1.000 19.819 ? 114 HIS A N   1 
ATOM   911  C CA  . HIS A 1 116 ? -5.497  5.079   -12.050 1.000 19.394 ? 114 HIS A CA  1 
ATOM   912  C C   . HIS A 1 116 ? -6.397  4.258   -12.974 1.000 19.603 ? 114 HIS A C   1 
ATOM   913  O O   . HIS A 1 116 ? -6.392  4.515   -14.194 1.000 18.105 ? 114 HIS A O   1 
ATOM   914  C CB  . HIS A 1 116 ? -5.993  6.516   -11.860 1.000 20.485 ? 114 HIS A CB  1 
ATOM   915  C CG  . HIS A 1 116 ? -5.210  7.271   -10.844 1.000 21.220 ? 114 HIS A CG  1 
ATOM   916  N ND1 . HIS A 1 116 ? -4.881  6.734   -9.610  1.000 21.098 ? 114 HIS A ND1 1 
ATOM   917  C CD2 . HIS A 1 116 ? -4.680  8.509   -10.879 1.000 21.349 ? 114 HIS A CD2 1 
ATOM   918  C CE1 . HIS A 1 116 ? -4.186  7.614   -8.927  1.000 21.300 ? 114 HIS A CE1 1 
ATOM   919  N NE2 . HIS A 1 116 ? -4.035  8.710   -9.692  1.000 22.511 ? 114 HIS A NE2 1 
ATOM   920  N N   . ARG A 1 117 ? -7.124  3.297   -12.412 1.000 18.980 ? 115 ARG A N   1 
ATOM   921  C CA  . ARG A 1 117 ? -8.202  2.547   -13.110 1.000 20.029 ? 115 ARG A CA  1 
ATOM   922  C C   . ARG A 1 117 ? -9.566  3.118   -12.708 1.000 19.661 ? 115 ARG A C   1 
ATOM   923  O O   . ARG A 1 117 ? -10.498 3.086   -13.524 1.000 20.819 ? 115 ARG A O   1 
ATOM   924  C CB  . ARG A 1 117 ? -8.087  1.070   -12.743 1.000 18.663 ? 115 ARG A CB  1 
ATOM   925  C CG  . ARG A 1 117 ? -6.925  0.383   -13.438 1.000 18.860 ? 115 ARG A CG  1 
ATOM   926  C CD  . ARG A 1 117 ? -6.801  -1.036  -12.936 1.000 17.945 ? 115 ARG A CD  1 
ATOM   927  N NE  . ARG A 1 117 ? -5.535  -1.603  -13.330 1.000 18.012 ? 115 ARG A NE  1 
ATOM   928  C CZ  . ARG A 1 117 ? -5.133  -2.838  -13.058 1.000 18.198 ? 115 ARG A CZ  1 
ATOM   929  N NH1 . ARG A 1 117 ? -5.915  -3.654  -12.365 1.000 17.267 ? 115 ARG A NH1 1 
ATOM   930  N NH2 . ARG A 1 117 ? -3.946  -3.243  -13.488 1.000 17.956 ? 115 ARG A NH2 1 
ATOM   931  N N   . ILE A 1 118 ? -9.658  3.604   -11.475 1.000 21.680 ? 116 ILE A N   1 
ATOM   932  C CA  . ILE A 1 118 ? -10.814 4.348   -10.903 1.000 21.650 ? 116 ILE A CA  1 
ATOM   933  C C   . ILE A 1 118 ? -10.237 5.657   -10.368 1.000 22.914 ? 116 ILE A C   1 
ATOM   934  O O   . ILE A 1 118 ? -9.080  5.627   -9.890  1.000 20.319 ? 116 ILE A O   1 
ATOM   935  C CB  . ILE A 1 118 ? -11.504 3.511   -9.806  1.000 20.795 ? 116 ILE A CB  1 
ATOM   936  C CG1 . ILE A 1 118 ? -11.803 2.084   -10.281 1.000 21.546 ? 116 ILE A CG1 1 
ATOM   937  C CG2 . ILE A 1 118 ? -12.757 4.203   -9.273  1.000 20.806 ? 116 ILE A CG2 1 
ATOM   938  C CD1 . ILE A 1 118 ? -12.061 1.101   -9.164  1.000 20.989 ? 116 ILE A CD1 1 
ATOM   939  N N   . LYS A 1 119 ? -10.983 6.759   -10.470 1.000 23.832 ? 117 LYS A N   1 
ATOM   940  C CA  . LYS A 1 119 ? -10.580 8.062   -9.867  1.000 24.647 ? 117 LYS A CA  1 
ATOM   941  C C   . LYS A 1 119 ? -10.307 7.845   -8.378  1.000 22.985 ? 117 LYS A C   1 
ATOM   942  O O   . LYS A 1 119 ? -11.027 7.095   -7.720  1.000 21.805 ? 117 LYS A O   1 
ATOM   943  C CB  . LYS A 1 119 ? -11.633 9.152   -10.110 1.000 26.949 ? 117 LYS A CB  1 
ATOM   944  C CG  . LYS A 1 119 ? -13.050 8.822   -9.647  1.000 29.575 ? 117 LYS A CG  1 
ATOM   945  C CD  . LYS A 1 119 ? -13.911 10.040  -9.317  1.000 32.022 ? 117 LYS A CD  1 
ATOM   946  C CE  . LYS A 1 119 ? -14.865 9.809   -8.158  1.000 33.004 ? 117 LYS A CE  1 
ATOM   947  N NZ  . LYS A 1 119 ? -15.872 8.766   -8.459  1.000 34.861 ? 117 LYS A NZ  1 
ATOM   948  N N   . PRO A 1 120 ? -9.240  8.463   -7.819  1.000 21.080 ? 118 PRO A N   1 
ATOM   949  C CA  . PRO A 1 120 ? -8.898  8.306   -6.402  1.000 20.234 ? 118 PRO A CA  1 
ATOM   950  C C   . PRO A 1 120 ? -9.981  8.841   -5.448  1.000 19.081 ? 118 PRO A C   1 
ATOM   951  O O   . PRO A 1 120 ? -10.098 8.332   -4.348  1.000 17.593 ? 118 PRO A O   1 
ATOM   952  C CB  . PRO A 1 120 ? -7.573  9.074   -6.238  1.000 20.314 ? 118 PRO A CB  1 
ATOM   953  C CG  . PRO A 1 120 ? -7.457  9.961   -7.463  1.000 21.313 ? 118 PRO A CG  1 
ATOM   954  C CD  . PRO A 1 120 ? -8.273  9.296   -8.549  1.000 21.053 ? 118 PRO A CD  1 
ATOM   955  N N   . GLU A 1 121 ? -10.799 9.791   -5.916  1.000 19.356 ? 119 GLU A N   1 
ATOM   956  C CA  . GLU A 1 121 ? -11.979 10.313  -5.171  1.000 20.237 ? 119 GLU A CA  1 
ATOM   957  C C   . GLU A 1 121 ? -12.935 9.170   -4.776  1.000 18.777 ? 119 GLU A C   1 
ATOM   958  O O   . GLU A 1 121 ? -13.703 9.379   -3.847  1.000 18.608 ? 119 GLU A O   1 
ATOM   959  C CB  . GLU A 1 121 ? -12.693 11.394  -5.997  1.000 20.791 ? 119 GLU A CB  1 
ATOM   960  C CG  . GLU A 1 121 ? -11.919 12.697  -6.085  1.000 22.524 ? 119 GLU A CG  1 
ATOM   961  C CD  . GLU A 1 121 ? -10.854 12.773  -7.168  1.000 23.836 ? 119 GLU A CD  1 
ATOM   962  O OE1 . GLU A 1 121 ? -10.732 11.816  -7.964  1.000 24.163 ? 119 GLU A OE1 1 
ATOM   963  O OE2 . GLU A 1 121 ? -10.144 13.802  -7.219  1.000 27.366 ? 119 GLU A OE2 1 
ATOM   964  N N   . ALA A 1 122 ? -12.886 7.997   -5.419  1.000 17.653 ? 120 ALA A N   1 
ATOM   965  C CA  . ALA A 1 122 ? -13.685 6.799   -5.054  1.000 16.810 ? 120 ALA A CA  1 
ATOM   966  C C   . ALA A 1 122 ? -13.220 6.210   -3.708  1.000 16.966 ? 120 ALA A C   1 
ATOM   967  O O   . ALA A 1 122 ? -13.983 5.455   -3.101  1.000 16.684 ? 120 ALA A O   1 
ATOM   968  C CB  . ALA A 1 122 ? -13.599 5.771   -6.154  1.000 16.467 ? 120 ALA A CB  1 
ATOM   969  N N   . VAL A 1 123 ? -11.997 6.502   -3.261  1.000 16.978 ? 121 VAL A N   1 
ATOM   970  C CA  . VAL A 1 123 ? -11.431 5.860   -2.035  1.000 16.923 ? 121 VAL A CA  1 
ATOM   971  C C   . VAL A 1 123 ? -12.119 6.459   -0.809  1.000 16.979 ? 121 VAL A C   1 
ATOM   972  O O   . VAL A 1 123 ? -12.188 7.697   -0.736  1.000 15.616 ? 121 VAL A O   1 
ATOM   973  C CB  . VAL A 1 123 ? -9.899  5.997   -1.960  1.000 17.249 ? 121 VAL A CB  1 
ATOM   974  C CG1 . VAL A 1 123 ? -9.338  5.492   -0.635  1.000 17.099 ? 121 VAL A CG1 1 
ATOM   975  C CG2 . VAL A 1 123 ? -9.259  5.254   -3.117  1.000 17.114 ? 121 VAL A CG2 1 
ATOM   976  N N   . LYS A 1 124 ? -12.567 5.597   0.111   1.000 16.434 ? 122 LYS A N   1 
ATOM   977  C CA  . LYS A 1 124 ? -13.097 5.979   1.448   1.000 18.093 ? 122 LYS A CA  1 
ATOM   978  C C   . LYS A 1 124 ? -12.317 5.330   2.598   1.000 17.428 ? 122 LYS A C   1 
ATOM   979  O O   . LYS A 1 124 ? -12.629 5.651   3.764   1.000 19.888 ? 122 LYS A O   1 
ATOM   980  C CB  . LYS A 1 124 ? -14.573 5.606   1.519   1.000 20.521 ? 122 LYS A CB  1 
ATOM   981  C CG  . LYS A 1 124 ? -15.418 6.303   0.469   1.000 22.783 ? 122 LYS A CG  1 
ATOM   982  C CD  . LYS A 1 124 ? -16.869 6.289   0.810   1.000 25.092 ? 122 LYS A CD  1 
ATOM   983  C CE  . LYS A 1 124 ? -17.774 6.350   -0.401  1.000 26.340 ? 122 LYS A CE  1 
ATOM   984  N NZ  . LYS A 1 124 ? -18.871 7.323   -0.193  1.000 29.296 ? 122 LYS A NZ  1 
ATOM   985  N N   . MET A 1 125 ? -11.352 4.442   2.327   1.000 15.578 ? 123 MET A N   1 
ATOM   986  C CA  . MET A 1 125 ? -10.713 3.631   3.396   1.000 15.833 ? 123 MET A CA  1 
ATOM   987  C C   . MET A 1 125 ? -9.385  3.066   2.898   1.000 15.213 ? 123 MET A C   1 
ATOM   988  O O   . MET A 1 125 ? -9.302  2.662   1.716   1.000 16.409 ? 123 MET A O   1 
ATOM   989  C CB  . MET A 1 125 ? -11.634 2.487   3.842   1.000 15.191 ? 123 MET A CB  1 
ATOM   990  C CG  . MET A 1 125 ? -11.053 1.661   4.967   1.000 15.558 ? 123 MET A CG  1 
ATOM   991  S SD  . MET A 1 125 ? -10.128 0.220   4.414   1.000 16.253 ? 123 MET A SD  1 
ATOM   992  C CE  . MET A 1 125 ? -11.403 -1.033  4.397   1.000 16.213 ? 123 MET A CE  1 
ATOM   993  N N   . VAL A 1 126 ? -8.391  3.075   3.785   1.000 15.144 ? 124 VAL A N   1 
ATOM   994  C CA  . VAL A 1 126 ? -7.050  2.471   3.569   1.000 14.780 ? 124 VAL A CA  1 
ATOM   995  C C   . VAL A 1 126 ? -6.841  1.421   4.657   1.000 14.731 ? 124 VAL A C   1 
ATOM   996  O O   . VAL A 1 126 ? -7.001  1.744   5.846   1.000 15.286 ? 124 VAL A O   1 
ATOM   997  C CB  . VAL A 1 126 ? -5.910  3.506   3.588   1.000 14.212 ? 124 VAL A CB  1 
ATOM   998  C CG1 . VAL A 1 126 ? -4.558  2.825   3.431   1.000 13.975 ? 124 VAL A CG1 1 
ATOM   999  C CG2 . VAL A 1 126 ? -6.086  4.560   2.506   1.000 14.138 ? 124 VAL A CG2 1 
ATOM   1000 N N   . GLN A 1 127 ? -6.457  0.210   4.258   1.000 15.525 ? 125 GLN A N   1 
ATOM   1001 C CA  . GLN A 1 127 ? -6.138  -0.891  5.196   1.000 15.238 ? 125 GLN A CA  1 
ATOM   1002 C C   . GLN A 1 127 ? -4.690  -1.316  4.955   1.000 14.867 ? 125 GLN A C   1 
ATOM   1003 O O   . GLN A 1 127 ? -4.312  -1.519  3.788   1.000 13.452 ? 125 GLN A O   1 
ATOM   1004 C CB  . GLN A 1 127 ? -7.076  -2.086  5.033   1.000 16.610 ? 125 GLN A CB  1 
ATOM   1005 C CG  . GLN A 1 127 ? -6.723  -3.226  5.975   1.000 17.943 ? 125 GLN A CG  1 
ATOM   1006 C CD  . GLN A 1 127 ? -7.851  -4.213  6.133   1.000 17.884 ? 125 GLN A CD  1 
ATOM   1007 O OE1 . GLN A 1 127 ? -8.187  -4.939  5.210   1.000 19.296 ? 125 GLN A OE1 1 
ATOM   1008 N NE2 . GLN A 1 127 ? -8.468  -4.208  7.302   1.000 19.099 ? 125 GLN A NE2 1 
ATOM   1009 N N   . VAL A 1 128 ? -3.920  -1.428  6.027   1.000 13.553 ? 126 VAL A N   1 
ATOM   1010 C CA  . VAL A 1 128 ? -2.510  -1.898  5.961   1.000 13.606 ? 126 VAL A CA  1 
ATOM   1011 C C   . VAL A 1 128 ? -2.424  -3.164  6.799   1.000 13.519 ? 126 VAL A C   1 
ATOM   1012 O O   . VAL A 1 128 ? -2.814  -3.095  7.970   1.000 15.139 ? 126 VAL A O   1 
ATOM   1013 C CB  . VAL A 1 128 ? -1.528  -0.838  6.484   1.000 13.446 ? 126 VAL A CB  1 
ATOM   1014 C CG1 . VAL A 1 128 ? -0.096  -1.334  6.356   1.000 13.515 ? 126 VAL A CG1 1 
ATOM   1015 C CG2 . VAL A 1 128 ? -1.709  0.510   5.805   1.000 13.984 ? 126 VAL A CG2 1 
ATOM   1016 N N   . TRP A 1 129 ? -1.936  -4.270  6.238   1.000 13.408 ? 127 TRP A N   1 
ATOM   1017 C CA  . TRP A 1 129 ? -2.071  -5.573  6.927   1.000 13.627 ? 127 TRP A CA  1 
ATOM   1018 C C   . TRP A 1 129 ? -1.038  -6.585  6.450   1.000 13.769 ? 127 TRP A C   1 
ATOM   1019 O O   . TRP A 1 129 ? -0.135  -6.215  5.639   1.000 14.444 ? 127 TRP A O   1 
ATOM   1020 C CB  . TRP A 1 129 ? -3.531  -6.045  6.826   1.000 12.839 ? 127 TRP A CB  1 
ATOM   1021 C CG  . TRP A 1 129 ? -4.049  -6.447  5.476   1.000 12.349 ? 127 TRP A CG  1 
ATOM   1022 C CD1 . TRP A 1 129 ? -4.351  -5.636  4.420   1.000 12.479 ? 127 TRP A CD1 1 
ATOM   1023 C CD2 . TRP A 1 129 ? -4.514  -7.757  5.107   1.000 12.935 ? 127 TRP A CD2 1 
ATOM   1024 N NE1 . TRP A 1 129 ? -4.876  -6.365  3.392   1.000 12.735 ? 127 TRP A NE1 1 
ATOM   1025 C CE2 . TRP A 1 129 ? -5.003  -7.672  3.784   1.000 12.736 ? 127 TRP A CE2 1 
ATOM   1026 C CE3 . TRP A 1 129 ? -4.519  -9.001  5.739   1.000 13.592 ? 127 TRP A CE3 1 
ATOM   1027 C CZ2 . TRP A 1 129 ? -5.480  -8.782  3.089   1.000 13.353 ? 127 TRP A CZ2 1 
ATOM   1028 C CZ3 . TRP A 1 129 ? -4.968  -10.100 5.048   1.000 13.908 ? 127 TRP A CZ3 1 
ATOM   1029 C CH2 . TRP A 1 129 ? -5.464  -9.988  3.745   1.000 13.924 ? 127 TRP A CH2 1 
ATOM   1030 N N   . ARG A 1 130 ? -1.126  -7.778  7.041   1.000 14.115 ? 128 ARG A N   1 
ATOM   1031 C CA  . ARG A 1 130 ? -0.209  -8.933  6.878   1.000 14.093 ? 128 ARG A CA  1 
ATOM   1032 C C   . ARG A 1 130 ? 1.020   -8.738  7.765   1.000 13.572 ? 128 ARG A C   1 
ATOM   1033 O O   . ARG A 1 130 ? 0.867   -8.185  8.859   1.000 14.542 ? 128 ARG A O   1 
ATOM   1034 C CB  . ARG A 1 130 ? 0.069   -9.186  5.399   1.000 14.475 ? 128 ARG A CB  1 
ATOM   1035 C CG  . ARG A 1 130 ? -1.214  -9.337  4.591   1.000 14.850 ? 128 ARG A CG  1 
ATOM   1036 C CD  . ARG A 1 130 ? -0.885  -10.051 3.309   1.000 15.421 ? 128 ARG A CD  1 
ATOM   1037 N NE  . ARG A 1 130 ? -1.989  -10.145 2.364   1.000 14.289 ? 128 ARG A NE  1 
ATOM   1038 C CZ  . ARG A 1 130 ? -2.829  -11.175 2.232   1.000 14.448 ? 128 ARG A CZ  1 
ATOM   1039 N NH1 . ARG A 1 130 ? -2.824  -12.189 3.083   1.000 14.491 ? 128 ARG A NH1 1 
ATOM   1040 N NH2 . ARG A 1 130 ? -3.744  -11.135 1.275   1.000 13.981 ? 128 ARG A NH2 1 
ATOM   1041 N N   . ASP A 1 131 ? 2.174   -9.279  7.381   1.000 12.882 ? 129 ASP A N   1 
ATOM   1042 C CA  . ASP A 1 131 ? 3.184   -9.711  8.381   1.000 13.271 ? 129 ASP A CA  1 
ATOM   1043 C C   . ASP A 1 131 ? 4.110   -8.541  8.699   1.000 13.836 ? 129 ASP A C   1 
ATOM   1044 O O   . ASP A 1 131 ? 5.332   -8.707  8.512   1.000 15.370 ? 129 ASP A O   1 
ATOM   1045 C CB  . ASP A 1 131 ? 3.940   -10.922 7.862   1.000 13.067 ? 129 ASP A CB  1 
ATOM   1046 C CG  . ASP A 1 131 ? 2.966   -11.992 7.440   1.000 13.479 ? 129 ASP A CG  1 
ATOM   1047 O OD1 . ASP A 1 131 ? 2.235   -12.477 8.325   1.000 13.809 ? 129 ASP A OD1 1 
ATOM   1048 O OD2 . ASP A 1 131 ? 2.880   -12.242 6.224   1.000 13.683 ? 129 ASP A OD2 1 
ATOM   1049 N N   . ILE A 1 132 ? 3.564   -7.417  9.181   1.000 14.813 ? 130 ILE A N   1 
ATOM   1050 C CA  . ILE A 1 132 ? 4.372   -6.229  9.570   1.000 15.392 ? 130 ILE A CA  1 
ATOM   1051 C C   . ILE A 1 132 ? 3.929   -5.722  10.947  1.000 15.935 ? 130 ILE A C   1 
ATOM   1052 O O   . ILE A 1 132 ? 2.793   -5.980  11.346  1.000 16.023 ? 130 ILE A O   1 
ATOM   1053 C CB  . ILE A 1 132 ? 4.258   -5.128  8.511   1.000 16.246 ? 130 ILE A CB  1 
ATOM   1054 C CG1 . ILE A 1 132 ? 2.820   -4.611  8.369   1.000 16.686 ? 130 ILE A CG1 1 
ATOM   1055 C CG2 . ILE A 1 132 ? 4.821   -5.613  7.182   1.000 15.679 ? 130 ILE A CG2 1 
ATOM   1056 C CD1 . ILE A 1 132 ? 2.767   -3.140  8.151   1.000 18.244 ? 130 ILE A CD1 1 
ATOM   1057 N N   . SER A 1 133 ? 4.839   -5.052  11.638  1.000 17.061 ? 131 SER A N   1 
ATOM   1058 C CA  . SER A 1 133 ? 4.536   -4.059  12.697  1.000 17.008 ? 131 SER A CA  1 
ATOM   1059 C C   . SER A 1 133 ? 4.509   -2.670  12.054  1.000 17.632 ? 131 SER A C   1 
ATOM   1060 O O   . SER A 1 133 ? 5.256   -2.453  11.074  1.000 16.489 ? 131 SER A O   1 
ATOM   1061 C CB  . SER A 1 133 ? 5.534   -4.131  13.801  1.000 16.839 ? 131 SER A CB  1 
ATOM   1062 O OG  . SER A 1 133 ? 6.820   -3.909  13.282  1.000 17.571 ? 131 SER A OG  1 
ATOM   1063 N N   . LEU A 1 134 ? 3.691   -1.781  12.614  1.000 18.367 ? 132 LEU A N   1 
ATOM   1064 C CA  . LEU A 1 134 ? 3.351   -0.433  12.083  1.000 20.012 ? 132 LEU A CA  1 
ATOM   1065 C C   . LEU A 1 134 ? 3.635   0.607   13.173  1.000 19.423 ? 132 LEU A C   1 
ATOM   1066 O O   . LEU A 1 134 ? 3.053   0.482   14.256  1.000 20.629 ? 132 LEU A O   1 
ATOM   1067 C CB  . LEU A 1 134 ? 1.858   -0.460  11.736  1.000 22.833 ? 132 LEU A CB  1 
ATOM   1068 C CG  . LEU A 1 134 ? 1.404   0.408   10.570  1.000 26.674 ? 132 LEU A CG  1 
ATOM   1069 C CD1 . LEU A 1 134 ? 1.848   -0.208  9.258   1.000 29.087 ? 132 LEU A CD1 1 
ATOM   1070 C CD2 . LEU A 1 134 ? -0.113  0.566   10.577  1.000 27.061 ? 132 LEU A CD2 1 
ATOM   1071 N N   . THR A 1 135 ? 4.496   1.597   12.927  1.000 20.509 ? 133 THR A N   1 
ATOM   1072 C CA  . THR A 1 135 ? 4.735   2.710   13.892  1.000 19.796 ? 133 THR A CA  1 
ATOM   1073 C C   . THR A 1 135 ? 4.114   4.017   13.395  1.000 20.443 ? 133 THR A C   1 
ATOM   1074 O O   . THR A 1 135 ? 3.853   4.867   14.241  1.000 19.788 ? 133 THR A O   1 
ATOM   1075 C CB  . THR A 1 135 ? 6.223   2.918   14.210  1.000 20.550 ? 133 THR A CB  1 
ATOM   1076 O OG1 . THR A 1 135 ? 6.901   3.156   12.982  1.000 19.070 ? 133 THR A OG1 1 
ATOM   1077 C CG2 . THR A 1 135 ? 6.849   1.739   14.921  1.000 21.068 ? 133 THR A CG2 1 
ATOM   1078 N N   . LYS A 1 136 ? 3.875   4.182   12.094  1.000 20.741 ? 134 LYS A N   1 
ATOM   1079 C CA  . LYS A 1 136 ? 3.463   5.487   11.510  1.000 22.848 ? 134 LYS A CA  1 
ATOM   1080 C C   . LYS A 1 136 ? 2.446   5.200   10.401  1.000 20.552 ? 134 LYS A C   1 
ATOM   1081 O O   . LYS A 1 136 ? 2.756   4.387   9.524   1.000 18.976 ? 134 LYS A O   1 
ATOM   1082 C CB  . LYS A 1 136 ? 4.707   6.239   11.010  1.000 25.731 ? 134 LYS A CB  1 
ATOM   1083 C CG  . LYS A 1 136 ? 4.646   7.762   11.084  1.000 30.603 ? 134 LYS A CG  1 
ATOM   1084 C CD  . LYS A 1 136 ? 5.879   8.473   10.525  1.000 33.701 ? 134 LYS A CD  1 
ATOM   1085 C CE  . LYS A 1 136 ? 7.091   8.421   11.437  1.000 35.552 ? 134 LYS A CE  1 
ATOM   1086 N NZ  . LYS A 1 136 ? 7.084   9.512   12.445  1.000 38.766 ? 134 LYS A NZ  1 
ATOM   1087 N N   . PHE A 1 137 ? 1.275   5.837   10.459  1.000 18.966 ? 135 PHE A N   1 
ATOM   1088 C CA  . PHE A 1 137 ? 0.335   5.952   9.319   1.000 19.316 ? 135 PHE A CA  1 
ATOM   1089 C C   . PHE A 1 137 ? -0.155  7.401   9.222   1.000 19.741 ? 135 PHE A C   1 
ATOM   1090 O O   . PHE A 1 137 ? -0.759  7.906   10.183  1.000 18.750 ? 135 PHE A O   1 
ATOM   1091 C CB  . PHE A 1 137 ? -0.813  4.941   9.428   1.000 18.687 ? 135 PHE A CB  1 
ATOM   1092 C CG  . PHE A 1 137 ? -1.738  4.948   8.236   1.000 18.643 ? 135 PHE A CG  1 
ATOM   1093 C CD1 . PHE A 1 137 ? -2.706  5.935   8.096   1.000 19.209 ? 135 PHE A CD1 1 
ATOM   1094 C CD2 . PHE A 1 137 ? -1.625  3.994   7.237   1.000 18.231 ? 135 PHE A CD2 1 
ATOM   1095 C CE1 . PHE A 1 137 ? -3.538  5.971   6.989   1.000 18.775 ? 135 PHE A CE1 1 
ATOM   1096 C CE2 . PHE A 1 137 ? -2.473  4.017   6.144   1.000 18.666 ? 135 PHE A CE2 1 
ATOM   1097 C CZ  . PHE A 1 137 ? -3.434  5.000   6.023   1.000 17.988 ? 135 PHE A CZ  1 
ATOM   1098 N N   . ASN A 1 138 ? 0.095   8.052   8.084   1.000 21.498 ? 136 ASN A N   1 
ATOM   1099 C CA  . ASN A 1 138 ? -0.379  9.441   7.855   1.000 24.086 ? 136 ASN A CA  1 
ATOM   1100 C C   . ASN A 1 138 ? -0.794  9.644   6.396   1.000 25.044 ? 136 ASN A C   1 
ATOM   1101 O O   . ASN A 1 138 ? -0.016  9.292   5.482   1.000 21.511 ? 136 ASN A O   1 
ATOM   1102 C CB  . ASN A 1 138 ? 0.666   10.462  8.288   1.000 27.599 ? 136 ASN A CB  1 
ATOM   1103 C CG  . ASN A 1 138 ? 0.008   11.769  8.664   1.000 30.015 ? 136 ASN A CG  1 
ATOM   1104 O OD1 . ASN A 1 138 ? -0.074  12.662  7.832   1.000 31.827 ? 136 ASN A OD1 1 
ATOM   1105 N ND2 . ASN A 1 138 ? -0.496  11.858  9.891   1.000 29.711 ? 136 ASN A ND2 1 
ATOM   1106 N N   . VAL A 1 139 ? -1.974  10.245  6.222   1.000 25.652 ? 137 VAL A N   1 
ATOM   1107 C CA  . VAL A 1 139 ? -2.479  10.808  4.939   1.000 26.829 ? 137 VAL A CA  1 
ATOM   1108 C C   . VAL A 1 139 ? -2.273  12.327  5.005   1.000 28.814 ? 137 VAL A C   1 
ATOM   1109 O O   . VAL A 1 139 ? -2.629  12.927  6.033   1.000 29.732 ? 137 VAL A O   1 
ATOM   1110 C CB  . VAL A 1 139 ? -3.953  10.422  4.709   1.000 26.621 ? 137 VAL A CB  1 
ATOM   1111 C CG1 . VAL A 1 139 ? -4.489  10.949  3.385   1.000 27.605 ? 137 VAL A CG1 1 
ATOM   1112 C CG2 . VAL A 1 139 ? -4.169  8.920   4.806   1.000 26.616 ? 137 VAL A CG2 1 
ATOM   1113 N N   . SER A 1 140 ? -1.697  12.919  3.962   1.000 28.168 ? 138 SER A N   1 
ATOM   1114 C CA  . SER A 1 140 ? -1.297  14.352  3.922   1.000 30.251 ? 138 SER A CA  1 
ATOM   1115 C C   . SER A 1 140 ? -1.487  14.891  2.505   1.000 30.595 ? 138 SER A C   1 
ATOM   1116 O O   . SER A 1 140 ? -1.910  14.109  1.646   1.000 29.304 ? 138 SER A O   1 
ATOM   1117 C CB  . SER A 1 140 ? 0.122   14.521  4.410   1.000 30.810 ? 138 SER A CB  1 
ATOM   1118 O OG  . SER A 1 140 ? 1.057   13.923  3.521   1.000 32.225 ? 138 SER A OG  1 
ATOM   1119 N N   . TYR A 1 141 ? -1.191  16.173  2.278   1.000 34.282 ? 139 TYR A N   1 
ATOM   1120 C CA  . TYR A 1 141 ? -1.522  16.877  1.010   1.000 38.740 ? 139 TYR A CA  1 
ATOM   1121 C C   . TYR A 1 141 ? -0.483  17.970  0.719   1.000 38.657 ? 139 TYR A C   1 
ATOM   1122 O O   . TYR A 1 141 ? -0.040  18.634  1.676   1.000 37.473 ? 139 TYR A O   1 
ATOM   1123 C CB  . TYR A 1 141 ? -2.945  17.434  1.097   1.000 39.668 ? 139 TYR A CB  1 
ATOM   1124 C CG  . TYR A 1 141 ? -3.463  18.005  -0.200  1.000 40.410 ? 139 TYR A CG  1 
ATOM   1125 C CD1 . TYR A 1 141 ? -4.118  17.201  -1.122  1.000 41.601 ? 139 TYR A CD1 1 
ATOM   1126 C CD2 . TYR A 1 141 ? -3.282  19.346  -0.514  1.000 40.241 ? 139 TYR A CD2 1 
ATOM   1127 C CE1 . TYR A 1 141 ? -4.579  17.714  -2.324  1.000 40.723 ? 139 TYR A CE1 1 
ATOM   1128 C CE2 . TYR A 1 141 ? -3.742  19.876  -1.709  1.000 39.820 ? 139 TYR A CE2 1 
ATOM   1129 C CZ  . TYR A 1 141 ? -4.394  19.056  -2.615  1.000 40.599 ? 139 TYR A CZ  1 
ATOM   1130 O OH  . TYR A 1 141 ? -4.867  19.562  -3.792  1.000 39.809 ? 139 TYR A OH  1 
ATOM   1131 N N   . LEU A 1 142 ? -0.107  18.131  -0.559  1.000 42.336 ? 140 LEU A N   1 
ATOM   1132 C CA  . LEU A 1 142 ? 0.515   19.364  -1.128  1.000 45.625 ? 140 LEU A CA  1 
ATOM   1133 C C   . LEU A 1 142 ? -0.381  19.889  -2.264  1.000 47.121 ? 140 LEU A C   1 
ATOM   1134 O O   . LEU A 1 142 ? 0.004   20.437  -3.305  1.000 49.232 ? 140 LEU A O   1 
ATOM   1135 C CB  . LEU A 1 142 ? 1.942   19.045  -1.606  1.000 46.364 ? 140 LEU A CB  1 
ATOM   1136 C CG  . LEU A 1 142 ? 3.037   20.033  -1.186  1.000 47.232 ? 140 LEU A CG  1 
ATOM   1137 C CD1 . LEU A 1 142 ? 4.333   19.746  -1.927  1.000 47.017 ? 140 LEU A CD1 1 
ATOM   1138 C CD2 . LEU A 1 142 ? 2.612   21.478  -1.407  1.000 48.251 ? 140 LEU A CD2 1 
HETATM 1139 O O2  . 64K B 2 .   ? -3.412  -9.515  -7.929  1.000 22.401 ? 201 64K A O2  1 
HETATM 1140 C C2  . 64K B 2 .   ? -3.925  -10.754 -7.472  1.000 25.698 ? 201 64K A C2  1 
HETATM 1141 C C3  . 64K B 2 .   ? -4.323  -10.609 -6.008  1.000 25.522 ? 201 64K A C3  1 
HETATM 1142 O O3  . 64K B 2 .   ? -3.149  -10.369 -5.204  1.000 25.731 ? 201 64K A O3  1 
HETATM 1143 C C4  . 64K B 2 .   ? -5.047  -11.882 -5.551  1.000 26.551 ? 201 64K A C4  1 
HETATM 1144 O O4  . 64K B 2 .   ? -4.123  -12.935 -5.245  1.000 26.009 ? 201 64K A O4  1 
HETATM 1145 C C5  . 64K B 2 .   ? -6.034  -12.432 -6.582  1.000 25.595 ? 201 64K A C5  1 
HETATM 1146 O O5  . 64K B 2 .   ? -5.472  -12.519 -7.883  1.000 27.871 ? 201 64K A O5  1 
HETATM 1147 C C1  . 64K B 2 .   ? -5.082  -11.228 -8.353  1.000 26.899 ? 201 64K A C1  1 
HETATM 1148 O O1  . 64K B 2 .   ? -4.728  -11.354 -9.730  1.000 27.301 ? 201 64K A O1  1 
HETATM 1149 O O2  . 64K C 2 .   ? 11.086  4.839   -10.545 1.000 62.255 ? 202 64K A O2  1 
HETATM 1150 C C2  . 64K C 2 .   ? 10.265  4.074   -11.434 1.000 63.033 ? 202 64K A C2  1 
HETATM 1151 C C3  . 64K C 2 .   ? 10.188  2.608   -10.988 1.000 60.902 ? 202 64K A C3  1 
HETATM 1152 O O3  . 64K C 2 .   ? 11.462  2.006   -11.195 1.000 61.346 ? 202 64K A O3  1 
HETATM 1153 C C4  . 64K C 2 .   ? 9.119   1.766   -11.708 1.000 59.956 ? 202 64K A C4  1 
HETATM 1154 O O4  . 64K C 2 .   ? 9.592   1.225   -12.954 1.000 58.601 ? 202 64K A O4  1 
HETATM 1155 C C5  . 64K C 2 .   ? 7.842   2.574   -11.944 1.000 61.590 ? 202 64K A C5  1 
HETATM 1156 O O5  . 64K C 2 .   ? 8.117   3.911   -12.396 1.000 65.321 ? 202 64K A O5  1 
HETATM 1157 C C1  . 64K C 2 .   ? 8.879   4.697   -11.475 1.000 63.752 ? 202 64K A C1  1 
HETATM 1158 O O1  . 64K C 2 .   ? 8.943   6.090   -11.852 1.000 65.949 ? 202 64K A O1  1 
HETATM 1159 O O   . HOH D 3 .   ? 6.686   12.214  -8.556  1.000 23.546 ? 301 HOH A O   1 
HETATM 1160 O O   . HOH D 3 .   ? -16.422 5.044   -3.119  1.000 24.900 ? 302 HOH A O   1 
HETATM 1161 O O   . HOH D 3 .   ? -17.693 0.389   -4.092  1.000 29.854 ? 303 HOH A O   1 
HETATM 1162 O O   . HOH D 3 .   ? -7.034  5.290   -8.382  1.000 15.379 ? 304 HOH A O   1 
HETATM 1163 O O   . HOH D 3 .   ? -2.550  18.569  -6.069  1.000 34.437 ? 305 HOH A O   1 
HETATM 1164 O O   . HOH D 3 .   ? -0.143  -11.575 8.907   0.500 16.817 ? 306 HOH A O   1 
HETATM 1165 O O   . HOH D 3 .   ? -4.064  13.697  -16.365 1.000 38.734 ? 307 HOH A O   1 
HETATM 1166 O O   . HOH D 3 .   ? -6.753  -11.144 -11.505 1.000 36.941 ? 308 HOH A O   1 
HETATM 1167 O O   . HOH D 3 .   ? 16.115  0.798   0.241   1.000 25.897 ? 309 HOH A O   1 
HETATM 1168 O O   . HOH D 3 .   ? -6.366  -4.725  14.120  1.000 36.216 ? 310 HOH A O   1 
HETATM 1169 O O   . HOH D 3 .   ? -13.521 -6.759  -11.885 1.000 52.947 ? 311 HOH A O   1 
HETATM 1170 O O   . HOH D 3 .   ? -7.829  -4.891  2.571   1.000 23.107 ? 312 HOH A O   1 
HETATM 1171 O O   . HOH D 3 .   ? -11.017 9.708   -2.032  1.000 21.411 ? 313 HOH A O   1 
HETATM 1172 O O   . HOH D 3 .   ? 12.991  -8.759  7.662   1.000 17.131 ? 314 HOH A O   1 
HETATM 1173 O O   . HOH D 3 .   ? -8.239  -7.573  4.803   1.000 21.716 ? 315 HOH A O   1 
HETATM 1174 O O   . HOH D 3 .   ? 12.172  -13.833 0.182   1.000 19.090 ? 316 HOH A O   1 
HETATM 1175 O O   . HOH D 3 .   ? -13.454 -9.086  6.312   1.000 25.171 ? 317 HOH A O   1 
HETATM 1176 O O   . HOH D 3 .   ? -6.148  3.012   -16.394 1.000 33.026 ? 318 HOH A O   1 
HETATM 1177 O O   . HOH D 3 .   ? -13.550 9.768   0.804   1.000 27.703 ? 319 HOH A O   1 
HETATM 1178 O O   . HOH D 3 .   ? -3.169  0.590   -13.854 1.000 25.439 ? 320 HOH A O   1 
HETATM 1179 O O   . HOH D 3 .   ? 19.448  -6.123  5.193   1.000 27.792 ? 321 HOH A O   1 
HETATM 1180 O O   . HOH D 3 .   ? 16.443  -13.800 5.516   1.000 18.088 ? 322 HOH A O   1 
HETATM 1181 O O   . HOH D 3 .   ? 12.546  -17.906 0.651   1.000 21.883 ? 323 HOH A O   1 
HETATM 1182 O O   . HOH D 3 .   ? 7.696   -18.965 4.002   1.000 18.611 ? 324 HOH A O   1 
HETATM 1183 O O   . HOH D 3 .   ? 13.751  -1.719  3.960   1.000 23.712 ? 325 HOH A O   1 
HETATM 1184 O O   . HOH D 3 .   ? -0.428  -12.987 -7.262  1.000 23.184 ? 326 HOH A O   1 
HETATM 1185 O O   . HOH D 3 .   ? -16.027 -8.622  6.113   1.000 36.950 ? 327 HOH A O   1 
HETATM 1186 O O   . HOH D 3 .   ? 7.551   -1.273  13.505  1.000 27.938 ? 328 HOH A O   1 
HETATM 1187 O O   . HOH D 3 .   ? -9.298  -5.941  10.599  1.000 33.629 ? 329 HOH A O   1 
HETATM 1188 O O   . HOH D 3 .   ? -8.495  -2.999  11.197  1.000 30.881 ? 330 HOH A O   1 
HETATM 1189 O O   . HOH D 3 .   ? 1.756   -7.121  13.639  1.000 25.133 ? 331 HOH A O   1 
HETATM 1190 O O   . HOH D 3 .   ? 2.857   -10.453 -3.770  1.000 27.204 ? 332 HOH A O   1 
HETATM 1191 O O   . HOH D 3 .   ? 13.585  8.179   -6.659  1.000 26.678 ? 333 HOH A O   1 
HETATM 1192 O O   . HOH D 3 .   ? 15.479  2.806   -1.365  1.000 32.909 ? 334 HOH A O   1 
HETATM 1193 O O   . HOH D 3 .   ? 15.335  -1.342  -5.904  1.000 35.885 ? 335 HOH A O   1 
HETATM 1194 O O   . HOH D 3 .   ? 2.170   -2.780  14.868  1.000 17.485 ? 336 HOH A O   1 
HETATM 1195 O O   . HOH D 3 .   ? -13.965 0.515   -13.458 1.000 28.049 ? 337 HOH A O   1 
HETATM 1196 O O   . HOH D 3 .   ? -0.972  -8.496  13.521  1.000 27.781 ? 338 HOH A O   1 
HETATM 1197 O O   . HOH D 3 .   ? -17.494 -2.276  -3.000  1.000 28.033 ? 339 HOH A O   1 
HETATM 1198 O O   . HOH D 3 .   ? -7.105  2.811   -9.650  1.000 14.466 ? 340 HOH A O   1 
HETATM 1199 O O   . HOH D 3 .   ? -13.556 -12.568 -7.067  1.000 32.992 ? 341 HOH A O   1 
HETATM 1200 O O   . HOH D 3 .   ? -12.154 -8.548  10.041  1.000 30.588 ? 342 HOH A O   1 
HETATM 1201 O O   . HOH D 3 .   ? 17.118  -12.324 7.850   1.000 37.961 ? 343 HOH A O   1 
HETATM 1202 O O   . HOH D 3 .   ? 2.369   -13.284 11.027  1.000 18.171 ? 344 HOH A O   1 
HETATM 1203 O O   . HOH D 3 .   ? 9.678   6.550   0.955   1.000 24.510 ? 345 HOH A O   1 
HETATM 1204 O O   . HOH D 3 .   ? -4.513  -10.868 -13.564 1.000 24.512 ? 346 HOH A O   1 
HETATM 1205 O O   . HOH D 3 .   ? 17.759  -7.284  1.797   1.000 27.560 ? 347 HOH A O   1 
HETATM 1206 O O   . HOH D 3 .   ? -14.907 -6.297  -3.660  1.000 19.704 ? 348 HOH A O   1 
HETATM 1207 O O   . HOH D 3 .   ? 0.313   -13.000 5.084   0.500 15.449 ? 349 HOH A O   1 
HETATM 1208 O O   . HOH D 3 .   ? 5.603   -0.153  -11.305 1.000 40.306 ? 350 HOH A O   1 
HETATM 1209 O O   . HOH D 3 .   ? -13.931 -5.136  -17.790 1.000 38.461 ? 351 HOH A O   1 
HETATM 1210 O O   . HOH D 3 .   ? 10.225  -6.082  -12.673 1.000 29.737 ? 352 HOH A O   1 
HETATM 1211 O O   . HOH D 3 .   ? 3.652   8.511   8.253   1.000 28.520 ? 353 HOH A O   1 
HETATM 1212 O O   . HOH D 3 .   ? -1.042  -9.511  10.848  1.000 26.703 ? 354 HOH A O   1 
HETATM 1213 O O   . HOH D 3 .   ? 15.681  -4.529  -6.534  1.000 35.625 ? 355 HOH A O   1 
HETATM 1214 O O   . HOH D 3 .   ? -7.201  0.204   12.909  1.000 25.540 ? 356 HOH A O   1 
HETATM 1215 O O   . HOH D 3 .   ? -7.162  -4.543  -15.744 1.000 30.200 ? 357 HOH A O   1 
HETATM 1216 O O   . HOH D 3 .   ? 16.317  -10.433 9.048   1.000 38.432 ? 358 HOH A O   1 
HETATM 1217 O O   . HOH D 3 .   ? 11.238  9.960   7.302   1.000 43.967 ? 359 HOH A O   1 
HETATM 1218 O O   . HOH D 3 .   ? 6.362   -18.759 1.712   1.000 24.568 ? 360 HOH A O   1 
HETATM 1219 O O   . HOH D 3 .   ? -5.838  1.951   14.765  1.000 36.857 ? 361 HOH A O   1 
# 
loop_
_pdbx_poly_seq_scheme.asym_id 
_pdbx_poly_seq_scheme.entity_id 
_pdbx_poly_seq_scheme.seq_id 
_pdbx_poly_seq_scheme.mon_id 
_pdbx_poly_seq_scheme.ndb_seq_num 
_pdbx_poly_seq_scheme.pdb_seq_num 
_pdbx_poly_seq_scheme.auth_seq_num 
_pdbx_poly_seq_scheme.pdb_mon_id 
_pdbx_poly_seq_scheme.auth_mon_id 
_pdbx_poly_seq_scheme.pdb_strand_id 
_pdbx_poly_seq_scheme.pdb_ins_code 
_pdbx_poly_seq_scheme.hetero 
A 1 1   GLY 1   -1  ?   ?   ?   A . n 
A 1 2   SER 2   0   ?   ?   ?   A . n 
A 1 3   MET 3   1   1   MET MET A . n 
A 1 4   SER 4   2   2   SER SER A . n 
A 1 5   LEU 5   3   3   LEU LEU A . n 
A 1 6   LEU 6   4   4   LEU LEU A . n 
A 1 7   PRO 7   5   5   PRO PRO A . n 
A 1 8   VAL 8   6   6   VAL VAL A . n 
A 1 9   PRO 9   7   7   PRO PRO A . n 
A 1 10  TYR 10  8   8   TYR TYR A . n 
A 1 11  THR 11  9   9   THR THR A . n 
A 1 12  GLU 12  10  10  GLU GLU A . n 
A 1 13  ALA 13  11  11  ALA ALA A . n 
A 1 14  ALA 14  12  12  ALA ALA A . n 
A 1 15  SER 15  13  13  SER SER A . n 
A 1 16  LEU 16  14  14  LEU LEU A . n 
A 1 17  SER 17  15  15  SER SER A . n 
A 1 18  THR 18  16  16  THR THR A . n 
A 1 19  GLY 19  17  17  GLY GLY A . n 
A 1 20  SER 20  18  18  SER SER A . n 
A 1 21  THR 21  19  19  THR THR A . n 
A 1 22  VAL 22  20  20  VAL VAL A . n 
A 1 23  THR 23  21  21  THR THR A . n 
A 1 24  ILE 24  22  22  ILE ILE A . n 
A 1 25  LYS 25  23  23  LYS LYS A . n 
A 1 26  GLY 26  24  24  GLY GLY A . n 
A 1 27  ARG 27  25  25  ARG ARG A . n 
A 1 28  PRO 28  26  26  PRO PRO A . n 
A 1 29  LEU 29  27  27  LEU LEU A . n 
A 1 30  VAL 30  28  28  VAL VAL A . n 
A 1 31  CYS 31  29  29  CYS CYS A . n 
A 1 32  PHE 32  30  30  PHE PHE A . n 
A 1 33  LEU 33  31  31  LEU LEU A . n 
A 1 34  ASN 34  32  32  ASN ASN A . n 
A 1 35  GLU 35  33  33  GLU GLU A . n 
A 1 36  PRO 36  34  34  PRO PRO A . n 
A 1 37  TYR 37  35  35  TYR TYR A . n 
A 1 38  LEU 38  36  36  LEU LEU A . n 
A 1 39  GLN 39  37  37  GLN GLN A . n 
A 1 40  VAL 40  38  38  VAL VAL A . n 
A 1 41  ASP 41  39  39  ASP ASP A . n 
A 1 42  PHE 42  40  40  PHE PHE A . n 
A 1 43  HIS 43  41  41  HIS HIS A . n 
A 1 44  THR 44  42  42  THR THR A . n 
A 1 45  GLU 45  43  43  GLU GLU A . n 
A 1 46  MET 46  44  44  MET MET A . n 
A 1 47  LYS 47  45  45  LYS LYS A . n 
A 1 48  GLU 48  46  46  GLU GLU A . n 
A 1 49  GLU 49  47  47  GLU GLU A . n 
A 1 50  SER 50  48  48  SER SER A . n 
A 1 51  ASP 51  49  49  ASP ASP A . n 
A 1 52  ILE 52  50  50  ILE ILE A . n 
A 1 53  VAL 53  51  51  VAL VAL A . n 
A 1 54  PHE 54  52  52  PHE PHE A . n 
A 1 55  HIS 55  53  53  HIS HIS A . n 
A 1 56  PHE 56  54  54  PHE PHE A . n 
A 1 57  GLN 57  55  55  GLN GLN A . n 
A 1 58  VAL 58  56  56  VAL VAL A . n 
A 1 59  CYS 59  57  57  CYS CYS A . n 
A 1 60  PHE 60  58  58  PHE PHE A . n 
A 1 61  GLY 61  59  59  GLY GLY A . n 
A 1 62  ARG 62  60  60  ARG ARG A . n 
A 1 63  ARG 63  61  61  ARG ARG A . n 
A 1 64  VAL 64  62  62  VAL VAL A . n 
A 1 65  VAL 65  63  63  VAL VAL A . n 
A 1 66  MET 66  64  64  MET MET A . n 
A 1 67  ASN 67  65  65  ASN ASN A . n 
A 1 68  SER 68  66  66  SER SER A . n 
A 1 69  ARG 69  67  67  ARG ARG A . n 
A 1 70  GLU 70  68  68  GLU GLU A . n 
A 1 71  TYR 71  69  69  TYR TYR A . n 
A 1 72  GLY 72  70  70  GLY GLY A . n 
A 1 73  ALA 73  71  71  ALA ALA A . n 
A 1 74  TRP 74  72  72  TRP TRP A . n 
A 1 75  LYS 75  73  73  LYS LYS A . n 
A 1 76  GLN 76  74  74  GLN GLN A . n 
A 1 77  GLN 77  75  75  GLN GLN A . n 
A 1 78  VAL 78  76  76  VAL VAL A . n 
A 1 79  GLU 79  77  77  GLU GLU A . n 
A 1 80  SER 80  78  78  SER SER A . n 
A 1 81  LYS 81  79  79  LYS LYS A . n 
A 1 82  ASN 82  80  80  ASN ASN A . n 
A 1 83  MET 83  81  81  MET MET A . n 
A 1 84  PRO 84  82  82  PRO PRO A . n 
A 1 85  PHE 85  83  83  PHE PHE A . n 
A 1 86  GLN 86  84  84  GLN GLN A . n 
A 1 87  ASP 87  85  85  ASP ASP A . n 
A 1 88  GLY 88  86  86  GLY GLY A . n 
A 1 89  GLN 89  87  87  GLN GLN A . n 
A 1 90  GLU 90  88  88  GLU GLU A . n 
A 1 91  PHE 91  89  89  PHE PHE A . n 
A 1 92  GLU 92  90  90  GLU GLU A . n 
A 1 93  LEU 93  91  91  LEU LEU A . n 
A 1 94  SER 94  92  92  SER SER A . n 
A 1 95  ILE 95  93  93  ILE ILE A . n 
A 1 96  SER 96  94  94  SER SER A . n 
A 1 97  VAL 97  95  95  VAL VAL A . n 
A 1 98  LEU 98  96  96  LEU LEU A . n 
A 1 99  PRO 99  97  97  PRO PRO A . n 
A 1 100 ASP 100 98  98  ASP ASP A . n 
A 1 101 LYS 101 99  99  LYS LYS A . n 
A 1 102 TYR 102 100 100 TYR TYR A . n 
A 1 103 GLN 103 101 101 GLN GLN A . n 
A 1 104 VAL 104 102 102 VAL VAL A . n 
A 1 105 MET 105 103 103 MET MET A . n 
A 1 106 VAL 106 104 104 VAL VAL A . n 
A 1 107 ASN 107 105 105 ASN ASN A . n 
A 1 108 GLY 108 106 106 GLY GLY A . n 
A 1 109 GLN 109 107 107 GLN GLN A . n 
A 1 110 SER 110 108 108 SER SER A . n 
A 1 111 SER 111 109 109 SER SER A . n 
A 1 112 TYR 112 110 110 TYR TYR A . n 
A 1 113 THR 113 111 111 THR THR A . n 
A 1 114 PHE 114 112 112 PHE PHE A . n 
A 1 115 ASP 115 113 113 ASP ASP A . n 
A 1 116 HIS 116 114 114 HIS HIS A . n 
A 1 117 ARG 117 115 115 ARG ARG A . n 
A 1 118 ILE 118 116 116 ILE ILE A . n 
A 1 119 LYS 119 117 117 LYS LYS A . n 
A 1 120 PRO 120 118 118 PRO PRO A . n 
A 1 121 GLU 121 119 119 GLU GLU A . n 
A 1 122 ALA 122 120 120 ALA ALA A . n 
A 1 123 VAL 123 121 121 VAL VAL A . n 
A 1 124 LYS 124 122 122 LYS LYS A . n 
A 1 125 MET 125 123 123 MET MET A . n 
A 1 126 VAL 126 124 124 VAL VAL A . n 
A 1 127 GLN 127 125 125 GLN GLN A . n 
A 1 128 VAL 128 126 126 VAL VAL A . n 
A 1 129 TRP 129 127 127 TRP TRP A . n 
A 1 130 ARG 130 128 128 ARG ARG A . n 
A 1 131 ASP 131 129 129 ASP ASP A . n 
A 1 132 ILE 132 130 130 ILE ILE A . n 
A 1 133 SER 133 131 131 SER SER A . n 
A 1 134 LEU 134 132 132 LEU LEU A . n 
A 1 135 THR 135 133 133 THR THR A . n 
A 1 136 LYS 136 134 134 LYS LYS A . n 
A 1 137 PHE 137 135 135 PHE PHE A . n 
A 1 138 ASN 138 136 136 ASN ASN A . n 
A 1 139 VAL 139 137 137 VAL VAL A . n 
A 1 140 SER 140 138 138 SER SER A . n 
A 1 141 TYR 141 139 139 TYR TYR A . n 
A 1 142 LEU 142 140 140 LEU LEU A . n 
A 1 143 LYS 143 141 ?   ?   ?   A . n 
A 1 144 ARG 144 142 ?   ?   ?   A . n 
# 
loop_
_pdbx_nonpoly_scheme.asym_id 
_pdbx_nonpoly_scheme.entity_id 
_pdbx_nonpoly_scheme.mon_id 
_pdbx_nonpoly_scheme.ndb_seq_num 
_pdbx_nonpoly_scheme.pdb_seq_num 
_pdbx_nonpoly_scheme.auth_seq_num 
_pdbx_nonpoly_scheme.pdb_mon_id 
_pdbx_nonpoly_scheme.auth_mon_id 
_pdbx_nonpoly_scheme.pdb_strand_id 
_pdbx_nonpoly_scheme.pdb_ins_code 
B 2 64K 1  201 201 64K AR5 A . 
C 2 64K 1  202 203 64K AR5 A . 
D 3 HOH 1  301 17  HOH HOH A . 
D 3 HOH 2  302 22  HOH HOH A . 
D 3 HOH 3  303 39  HOH HOH A . 
D 3 HOH 4  304 2   HOH HOH A . 
D 3 HOH 5  305 24  HOH HOH A . 
D 3 HOH 6  306 3   HOH HOH A . 
D 3 HOH 7  307 48  HOH HOH A . 
D 3 HOH 8  308 49  HOH HOH A . 
D 3 HOH 9  309 30  HOH HOH A . 
D 3 HOH 10 310 27  HOH HOH A . 
D 3 HOH 11 311 53  HOH HOH A . 
D 3 HOH 12 312 31  HOH HOH A . 
D 3 HOH 13 313 10  HOH HOH A . 
D 3 HOH 14 314 15  HOH HOH A . 
D 3 HOH 15 315 25  HOH HOH A . 
D 3 HOH 16 316 6   HOH HOH A . 
D 3 HOH 17 317 11  HOH HOH A . 
D 3 HOH 18 318 26  HOH HOH A . 
D 3 HOH 19 319 23  HOH HOH A . 
D 3 HOH 20 320 14  HOH HOH A . 
D 3 HOH 21 321 38  HOH HOH A . 
D 3 HOH 22 322 5   HOH HOH A . 
D 3 HOH 23 323 16  HOH HOH A . 
D 3 HOH 24 324 9   HOH HOH A . 
D 3 HOH 25 325 12  HOH HOH A . 
D 3 HOH 26 326 58  HOH HOH A . 
D 3 HOH 27 327 41  HOH HOH A . 
D 3 HOH 28 328 56  HOH HOH A . 
D 3 HOH 29 329 59  HOH HOH A . 
D 3 HOH 30 330 44  HOH HOH A . 
D 3 HOH 31 331 42  HOH HOH A . 
D 3 HOH 32 332 43  HOH HOH A . 
D 3 HOH 33 333 32  HOH HOH A . 
D 3 HOH 34 334 29  HOH HOH A . 
D 3 HOH 35 335 46  HOH HOH A . 
D 3 HOH 36 336 7   HOH HOH A . 
D 3 HOH 37 337 52  HOH HOH A . 
D 3 HOH 38 338 47  HOH HOH A . 
D 3 HOH 39 339 18  HOH HOH A . 
D 3 HOH 40 340 8   HOH HOH A . 
D 3 HOH 41 341 45  HOH HOH A . 
D 3 HOH 42 342 55  HOH HOH A . 
D 3 HOH 43 343 34  HOH HOH A . 
D 3 HOH 44 344 13  HOH HOH A . 
D 3 HOH 45 345 19  HOH HOH A . 
D 3 HOH 46 346 54  HOH HOH A . 
D 3 HOH 47 347 37  HOH HOH A . 
D 3 HOH 48 348 4   HOH HOH A . 
D 3 HOH 49 349 1   HOH HOH A . 
D 3 HOH 50 350 60  HOH HOH A . 
D 3 HOH 51 351 51  HOH HOH A . 
D 3 HOH 52 352 40  HOH HOH A . 
D 3 HOH 53 353 21  HOH HOH A . 
D 3 HOH 54 354 36  HOH HOH A . 
D 3 HOH 55 355 50  HOH HOH A . 
D 3 HOH 56 356 28  HOH HOH A . 
D 3 HOH 57 357 33  HOH HOH A . 
D 3 HOH 58 358 20  HOH HOH A . 
D 3 HOH 59 359 57  HOH HOH A . 
D 3 HOH 60 360 61  HOH HOH A . 
D 3 HOH 61 361 35  HOH HOH A . 
# 
_pdbx_struct_assembly.id                   1 
_pdbx_struct_assembly.details              author_defined_assembly 
_pdbx_struct_assembly.method_details       ? 
_pdbx_struct_assembly.oligomeric_details   dimeric 
_pdbx_struct_assembly.oligomeric_count     2 
# 
loop_
_pdbx_struct_assembly_gen.assembly_id 
_pdbx_struct_assembly_gen.oper_expression 
_pdbx_struct_assembly_gen.asym_id_list 
1 1 A,B,C,D 
1 2 A,B,C,D 
# 
loop_
_pdbx_struct_oper_list.id 
_pdbx_struct_oper_list.type 
_pdbx_struct_oper_list.name 
_pdbx_struct_oper_list.symmetry_operation 
_pdbx_struct_oper_list.matrix[1][1] 
_pdbx_struct_oper_list.matrix[1][2] 
_pdbx_struct_oper_list.matrix[1][3] 
_pdbx_struct_oper_list.vector[1] 
_pdbx_struct_oper_list.matrix[2][1] 
_pdbx_struct_oper_list.matrix[2][2] 
_pdbx_struct_oper_list.matrix[2][3] 
_pdbx_struct_oper_list.vector[2] 
_pdbx_struct_oper_list.matrix[3][1] 
_pdbx_struct_oper_list.matrix[3][2] 
_pdbx_struct_oper_list.matrix[3][3] 
_pdbx_struct_oper_list.vector[3] 
1 'identity operation'         1_555  x,y,z         1.0000000000  0.0000000000  0.0000000000  0.0000000000 0.0000000000  1.0000000000  0.0000000000 0.0000000000   0.0000000000  0.0000000000 1.0000000000 0.0000000000 
2 'crystal symmetry operation' 11_555 -x+y,y,-z+1/2 -0.9752881168 -0.0771758384 -0.2070192723 0.6671656643 -0.0771758384 -0.7589778977 0.6465264425 -26.1281065973 -0.2070192723 0.6465264425 0.7342660145 9.8200782437 
# 
loop_
_pdbx_struct_special_symmetry.id 
_pdbx_struct_special_symmetry.PDB_model_num 
_pdbx_struct_special_symmetry.auth_asym_id 
_pdbx_struct_special_symmetry.auth_comp_id 
_pdbx_struct_special_symmetry.auth_seq_id 
_pdbx_struct_special_symmetry.PDB_ins_code 
_pdbx_struct_special_symmetry.label_asym_id 
_pdbx_struct_special_symmetry.label_comp_id 
_pdbx_struct_special_symmetry.label_seq_id 
1 1 A HOH 306 ? D HOH . 
2 1 A HOH 349 ? D HOH . 
# 
loop_
_pdbx_audit_revision_history.ordinal 
_pdbx_audit_revision_history.data_content_type 
_pdbx_audit_revision_history.major_revision 
_pdbx_audit_revision_history.minor_revision 
_pdbx_audit_revision_history.revision_date 
1 'Structure model' 1 0 2020-03-04 
2 'Structure model' 2 0 2020-07-29 
3 'Structure model' 2 1 2023-11-22 
# 
loop_
_pdbx_audit_revision_details.ordinal 
_pdbx_audit_revision_details.revision_ordinal 
_pdbx_audit_revision_details.data_content_type 
_pdbx_audit_revision_details.provider 
_pdbx_audit_revision_details.type 
_pdbx_audit_revision_details.description 
_pdbx_audit_revision_details.details 
1 1 'Structure model' repository 'Initial release' ?                          ? 
2 2 'Structure model' repository Remediation       'Carbohydrate remediation' ? 
# 
loop_
_pdbx_audit_revision_group.ordinal 
_pdbx_audit_revision_group.revision_ordinal 
_pdbx_audit_revision_group.data_content_type 
_pdbx_audit_revision_group.group 
1 2 'Structure model' 'Atomic model'           
2 2 'Structure model' 'Data collection'        
3 3 'Structure model' 'Data collection'        
4 3 'Structure model' 'Database references'    
5 3 'Structure model' 'Derived calculations'   
6 3 'Structure model' 'Refinement description' 
7 3 'Structure model' 'Structure summary'      
# 
loop_
_pdbx_audit_revision_category.ordinal 
_pdbx_audit_revision_category.revision_ordinal 
_pdbx_audit_revision_category.data_content_type 
_pdbx_audit_revision_category.category 
1 2 'Structure model' atom_site                     
2 2 'Structure model' pdbx_chem_comp_identifier     
3 3 'Structure model' atom_type                     
4 3 'Structure model' chem_comp                     
5 3 'Structure model' chem_comp_atom                
6 3 'Structure model' chem_comp_bond                
7 3 'Structure model' database_2                    
8 3 'Structure model' pdbx_initial_refinement_model 
# 
loop_
_pdbx_audit_revision_item.ordinal 
_pdbx_audit_revision_item.revision_ordinal 
_pdbx_audit_revision_item.data_content_type 
_pdbx_audit_revision_item.item 
1 2 'Structure model' '_atom_site.auth_atom_id'             
2 2 'Structure model' '_atom_site.label_atom_id'            
3 3 'Structure model' '_atom_type.pdbx_N_electrons'         
4 3 'Structure model' '_atom_type.pdbx_scat_Z'              
5 3 'Structure model' '_chem_comp.pdbx_synonyms'            
6 3 'Structure model' '_database_2.pdbx_DOI'                
7 3 'Structure model' '_database_2.pdbx_database_accession' 
# 
loop_
_software.citation_id 
_software.classification 
_software.compiler_name 
_software.compiler_version 
_software.contact_author 
_software.contact_author_email 
_software.date 
_software.description 
_software.dependencies 
_software.hardware 
_software.language 
_software.location 
_software.mods 
_software.name 
_software.os 
_software.os_version 
_software.type 
_software.version 
_software.pdbx_ordinal 
? refinement       ? ? ? ? ? ? ? ? ? ? ? REFMAC ? ? ? 5.8.0253 1 
? 'data reduction' ? ? ? ? ? ? ? ? ? ? ? XDS    ? ? ? .        2 
? 'data scaling'   ? ? ? ? ? ? ? ? ? ? ? XDS    ? ? ? .        3 
? phasing          ? ? ? ? ? ? ? ? ? ? ? MOLREP ? ? ? .        4 
# 
_pdbx_entry_details.entry_id                 6L6C 
_pdbx_entry_details.has_ligand_of_interest   Y 
_pdbx_entry_details.compound_details         ? 
_pdbx_entry_details.source_details           ? 
_pdbx_entry_details.nonpolymer_details       ? 
_pdbx_entry_details.sequence_details         ? 
# 
loop_
_pdbx_validate_torsion.id 
_pdbx_validate_torsion.PDB_model_num 
_pdbx_validate_torsion.auth_comp_id 
_pdbx_validate_torsion.auth_asym_id 
_pdbx_validate_torsion.auth_seq_id 
_pdbx_validate_torsion.PDB_ins_code 
_pdbx_validate_torsion.label_alt_id 
_pdbx_validate_torsion.phi 
_pdbx_validate_torsion.psi 
1 1 ARG A 60  ? ? -132.41 -64.78  
2 1 LYS A 73  ? ? -105.48 -153.92 
3 1 ARG A 128 ? ? 81.39   -151.06 
# 
loop_
_pdbx_unobs_or_zero_occ_residues.id 
_pdbx_unobs_or_zero_occ_residues.PDB_model_num 
_pdbx_unobs_or_zero_occ_residues.polymer_flag 
_pdbx_unobs_or_zero_occ_residues.occupancy_flag 
_pdbx_unobs_or_zero_occ_residues.auth_asym_id 
_pdbx_unobs_or_zero_occ_residues.auth_comp_id 
_pdbx_unobs_or_zero_occ_residues.auth_seq_id 
_pdbx_unobs_or_zero_occ_residues.PDB_ins_code 
_pdbx_unobs_or_zero_occ_residues.label_asym_id 
_pdbx_unobs_or_zero_occ_residues.label_comp_id 
_pdbx_unobs_or_zero_occ_residues.label_seq_id 
1 1 Y 1 A GLY -1  ? A GLY 1   
2 1 Y 1 A SER 0   ? A SER 2   
3 1 Y 1 A LYS 141 ? A LYS 143 
4 1 Y 1 A ARG 142 ? A ARG 144 
# 
loop_
_chem_comp_atom.comp_id 
_chem_comp_atom.atom_id 
_chem_comp_atom.type_symbol 
_chem_comp_atom.pdbx_aromatic_flag 
_chem_comp_atom.pdbx_stereo_config 
_chem_comp_atom.pdbx_ordinal 
64K O2   O N N 1   
64K C2   C N S 2   
64K C3   C N R 3   
64K O3   O N N 4   
64K C4   C N R 5   
64K O4   O N N 6   
64K C5   C N N 7   
64K O5   O N N 8   
64K C1   C N S 9   
64K O1   O N N 10  
64K HO2  H N N 11  
64K H2   H N N 12  
64K H3   H N N 13  
64K HO3  H N N 14  
64K H4   H N N 15  
64K HO4  H N N 16  
64K H51  H N N 17  
64K H52  H N N 18  
64K H1   H N N 19  
64K HO1  H N N 20  
ALA N    N N N 21  
ALA CA   C N S 22  
ALA C    C N N 23  
ALA O    O N N 24  
ALA CB   C N N 25  
ALA OXT  O N N 26  
ALA H    H N N 27  
ALA H2   H N N 28  
ALA HA   H N N 29  
ALA HB1  H N N 30  
ALA HB2  H N N 31  
ALA HB3  H N N 32  
ALA HXT  H N N 33  
ARG N    N N N 34  
ARG CA   C N S 35  
ARG C    C N N 36  
ARG O    O N N 37  
ARG CB   C N N 38  
ARG CG   C N N 39  
ARG CD   C N N 40  
ARG NE   N N N 41  
ARG CZ   C N N 42  
ARG NH1  N N N 43  
ARG NH2  N N N 44  
ARG OXT  O N N 45  
ARG H    H N N 46  
ARG H2   H N N 47  
ARG HA   H N N 48  
ARG HB2  H N N 49  
ARG HB3  H N N 50  
ARG HG2  H N N 51  
ARG HG3  H N N 52  
ARG HD2  H N N 53  
ARG HD3  H N N 54  
ARG HE   H N N 55  
ARG HH11 H N N 56  
ARG HH12 H N N 57  
ARG HH21 H N N 58  
ARG HH22 H N N 59  
ARG HXT  H N N 60  
ASN N    N N N 61  
ASN CA   C N S 62  
ASN C    C N N 63  
ASN O    O N N 64  
ASN CB   C N N 65  
ASN CG   C N N 66  
ASN OD1  O N N 67  
ASN ND2  N N N 68  
ASN OXT  O N N 69  
ASN H    H N N 70  
ASN H2   H N N 71  
ASN HA   H N N 72  
ASN HB2  H N N 73  
ASN HB3  H N N 74  
ASN HD21 H N N 75  
ASN HD22 H N N 76  
ASN HXT  H N N 77  
ASP N    N N N 78  
ASP CA   C N S 79  
ASP C    C N N 80  
ASP O    O N N 81  
ASP CB   C N N 82  
ASP CG   C N N 83  
ASP OD1  O N N 84  
ASP OD2  O N N 85  
ASP OXT  O N N 86  
ASP H    H N N 87  
ASP H2   H N N 88  
ASP HA   H N N 89  
ASP HB2  H N N 90  
ASP HB3  H N N 91  
ASP HD2  H N N 92  
ASP HXT  H N N 93  
CYS N    N N N 94  
CYS CA   C N R 95  
CYS C    C N N 96  
CYS O    O N N 97  
CYS CB   C N N 98  
CYS SG   S N N 99  
CYS OXT  O N N 100 
CYS H    H N N 101 
CYS H2   H N N 102 
CYS HA   H N N 103 
CYS HB2  H N N 104 
CYS HB3  H N N 105 
CYS HG   H N N 106 
CYS HXT  H N N 107 
GLN N    N N N 108 
GLN CA   C N S 109 
GLN C    C N N 110 
GLN O    O N N 111 
GLN CB   C N N 112 
GLN CG   C N N 113 
GLN CD   C N N 114 
GLN OE1  O N N 115 
GLN NE2  N N N 116 
GLN OXT  O N N 117 
GLN H    H N N 118 
GLN H2   H N N 119 
GLN HA   H N N 120 
GLN HB2  H N N 121 
GLN HB3  H N N 122 
GLN HG2  H N N 123 
GLN HG3  H N N 124 
GLN HE21 H N N 125 
GLN HE22 H N N 126 
GLN HXT  H N N 127 
GLU N    N N N 128 
GLU CA   C N S 129 
GLU C    C N N 130 
GLU O    O N N 131 
GLU CB   C N N 132 
GLU CG   C N N 133 
GLU CD   C N N 134 
GLU OE1  O N N 135 
GLU OE2  O N N 136 
GLU OXT  O N N 137 
GLU H    H N N 138 
GLU H2   H N N 139 
GLU HA   H N N 140 
GLU HB2  H N N 141 
GLU HB3  H N N 142 
GLU HG2  H N N 143 
GLU HG3  H N N 144 
GLU HE2  H N N 145 
GLU HXT  H N N 146 
GLY N    N N N 147 
GLY CA   C N N 148 
GLY C    C N N 149 
GLY O    O N N 150 
GLY OXT  O N N 151 
GLY H    H N N 152 
GLY H2   H N N 153 
GLY HA2  H N N 154 
GLY HA3  H N N 155 
GLY HXT  H N N 156 
HIS N    N N N 157 
HIS CA   C N S 158 
HIS C    C N N 159 
HIS O    O N N 160 
HIS CB   C N N 161 
HIS CG   C Y N 162 
HIS ND1  N Y N 163 
HIS CD2  C Y N 164 
HIS CE1  C Y N 165 
HIS NE2  N Y N 166 
HIS OXT  O N N 167 
HIS H    H N N 168 
HIS H2   H N N 169 
HIS HA   H N N 170 
HIS HB2  H N N 171 
HIS HB3  H N N 172 
HIS HD1  H N N 173 
HIS HD2  H N N 174 
HIS HE1  H N N 175 
HIS HE2  H N N 176 
HIS HXT  H N N 177 
HOH O    O N N 178 
HOH H1   H N N 179 
HOH H2   H N N 180 
ILE N    N N N 181 
ILE CA   C N S 182 
ILE C    C N N 183 
ILE O    O N N 184 
ILE CB   C N S 185 
ILE CG1  C N N 186 
ILE CG2  C N N 187 
ILE CD1  C N N 188 
ILE OXT  O N N 189 
ILE H    H N N 190 
ILE H2   H N N 191 
ILE HA   H N N 192 
ILE HB   H N N 193 
ILE HG12 H N N 194 
ILE HG13 H N N 195 
ILE HG21 H N N 196 
ILE HG22 H N N 197 
ILE HG23 H N N 198 
ILE HD11 H N N 199 
ILE HD12 H N N 200 
ILE HD13 H N N 201 
ILE HXT  H N N 202 
LEU N    N N N 203 
LEU CA   C N S 204 
LEU C    C N N 205 
LEU O    O N N 206 
LEU CB   C N N 207 
LEU CG   C N N 208 
LEU CD1  C N N 209 
LEU CD2  C N N 210 
LEU OXT  O N N 211 
LEU H    H N N 212 
LEU H2   H N N 213 
LEU HA   H N N 214 
LEU HB2  H N N 215 
LEU HB3  H N N 216 
LEU HG   H N N 217 
LEU HD11 H N N 218 
LEU HD12 H N N 219 
LEU HD13 H N N 220 
LEU HD21 H N N 221 
LEU HD22 H N N 222 
LEU HD23 H N N 223 
LEU HXT  H N N 224 
LYS N    N N N 225 
LYS CA   C N S 226 
LYS C    C N N 227 
LYS O    O N N 228 
LYS CB   C N N 229 
LYS CG   C N N 230 
LYS CD   C N N 231 
LYS CE   C N N 232 
LYS NZ   N N N 233 
LYS OXT  O N N 234 
LYS H    H N N 235 
LYS H2   H N N 236 
LYS HA   H N N 237 
LYS HB2  H N N 238 
LYS HB3  H N N 239 
LYS HG2  H N N 240 
LYS HG3  H N N 241 
LYS HD2  H N N 242 
LYS HD3  H N N 243 
LYS HE2  H N N 244 
LYS HE3  H N N 245 
LYS HZ1  H N N 246 
LYS HZ2  H N N 247 
LYS HZ3  H N N 248 
LYS HXT  H N N 249 
MET N    N N N 250 
MET CA   C N S 251 
MET C    C N N 252 
MET O    O N N 253 
MET CB   C N N 254 
MET CG   C N N 255 
MET SD   S N N 256 
MET CE   C N N 257 
MET OXT  O N N 258 
MET H    H N N 259 
MET H2   H N N 260 
MET HA   H N N 261 
MET HB2  H N N 262 
MET HB3  H N N 263 
MET HG2  H N N 264 
MET HG3  H N N 265 
MET HE1  H N N 266 
MET HE2  H N N 267 
MET HE3  H N N 268 
MET HXT  H N N 269 
PHE N    N N N 270 
PHE CA   C N S 271 
PHE C    C N N 272 
PHE O    O N N 273 
PHE CB   C N N 274 
PHE CG   C Y N 275 
PHE CD1  C Y N 276 
PHE CD2  C Y N 277 
PHE CE1  C Y N 278 
PHE CE2  C Y N 279 
PHE CZ   C Y N 280 
PHE OXT  O N N 281 
PHE H    H N N 282 
PHE H2   H N N 283 
PHE HA   H N N 284 
PHE HB2  H N N 285 
PHE HB3  H N N 286 
PHE HD1  H N N 287 
PHE HD2  H N N 288 
PHE HE1  H N N 289 
PHE HE2  H N N 290 
PHE HZ   H N N 291 
PHE HXT  H N N 292 
PRO N    N N N 293 
PRO CA   C N S 294 
PRO C    C N N 295 
PRO O    O N N 296 
PRO CB   C N N 297 
PRO CG   C N N 298 
PRO CD   C N N 299 
PRO OXT  O N N 300 
PRO H    H N N 301 
PRO HA   H N N 302 
PRO HB2  H N N 303 
PRO HB3  H N N 304 
PRO HG2  H N N 305 
PRO HG3  H N N 306 
PRO HD2  H N N 307 
PRO HD3  H N N 308 
PRO HXT  H N N 309 
SER N    N N N 310 
SER CA   C N S 311 
SER C    C N N 312 
SER O    O N N 313 
SER CB   C N N 314 
SER OG   O N N 315 
SER OXT  O N N 316 
SER H    H N N 317 
SER H2   H N N 318 
SER HA   H N N 319 
SER HB2  H N N 320 
SER HB3  H N N 321 
SER HG   H N N 322 
SER HXT  H N N 323 
THR N    N N N 324 
THR CA   C N S 325 
THR C    C N N 326 
THR O    O N N 327 
THR CB   C N R 328 
THR OG1  O N N 329 
THR CG2  C N N 330 
THR OXT  O N N 331 
THR H    H N N 332 
THR H2   H N N 333 
THR HA   H N N 334 
THR HB   H N N 335 
THR HG1  H N N 336 
THR HG21 H N N 337 
THR HG22 H N N 338 
THR HG23 H N N 339 
THR HXT  H N N 340 
TRP N    N N N 341 
TRP CA   C N S 342 
TRP C    C N N 343 
TRP O    O N N 344 
TRP CB   C N N 345 
TRP CG   C Y N 346 
TRP CD1  C Y N 347 
TRP CD2  C Y N 348 
TRP NE1  N Y N 349 
TRP CE2  C Y N 350 
TRP CE3  C Y N 351 
TRP CZ2  C Y N 352 
TRP CZ3  C Y N 353 
TRP CH2  C Y N 354 
TRP OXT  O N N 355 
TRP H    H N N 356 
TRP H2   H N N 357 
TRP HA   H N N 358 
TRP HB2  H N N 359 
TRP HB3  H N N 360 
TRP HD1  H N N 361 
TRP HE1  H N N 362 
TRP HE3  H N N 363 
TRP HZ2  H N N 364 
TRP HZ3  H N N 365 
TRP HH2  H N N 366 
TRP HXT  H N N 367 
TYR N    N N N 368 
TYR CA   C N S 369 
TYR C    C N N 370 
TYR O    O N N 371 
TYR CB   C N N 372 
TYR CG   C Y N 373 
TYR CD1  C Y N 374 
TYR CD2  C Y N 375 
TYR CE1  C Y N 376 
TYR CE2  C Y N 377 
TYR CZ   C Y N 378 
TYR OH   O N N 379 
TYR OXT  O N N 380 
TYR H    H N N 381 
TYR H2   H N N 382 
TYR HA   H N N 383 
TYR HB2  H N N 384 
TYR HB3  H N N 385 
TYR HD1  H N N 386 
TYR HD2  H N N 387 
TYR HE1  H N N 388 
TYR HE2  H N N 389 
TYR HH   H N N 390 
TYR HXT  H N N 391 
VAL N    N N N 392 
VAL CA   C N S 393 
VAL C    C N N 394 
VAL O    O N N 395 
VAL CB   C N N 396 
VAL CG1  C N N 397 
VAL CG2  C N N 398 
VAL OXT  O N N 399 
VAL H    H N N 400 
VAL H2   H N N 401 
VAL HA   H N N 402 
VAL HB   H N N 403 
VAL HG11 H N N 404 
VAL HG12 H N N 405 
VAL HG13 H N N 406 
VAL HG21 H N N 407 
VAL HG22 H N N 408 
VAL HG23 H N N 409 
VAL HXT  H N N 410 
# 
loop_
_chem_comp_bond.comp_id 
_chem_comp_bond.atom_id_1 
_chem_comp_bond.atom_id_2 
_chem_comp_bond.value_order 
_chem_comp_bond.pdbx_aromatic_flag 
_chem_comp_bond.pdbx_stereo_config 
_chem_comp_bond.pdbx_ordinal 
64K O1  C1   sing N N 1   
64K C2  C1   sing N N 2   
64K C2  O2   sing N N 3   
64K C2  C3   sing N N 4   
64K C1  O5   sing N N 5   
64K O5  C5   sing N N 6   
64K O4  C4   sing N N 7   
64K O3  C3   sing N N 8   
64K C3  C4   sing N N 9   
64K C4  C5   sing N N 10  
64K O2  HO2  sing N N 11  
64K C2  H2   sing N N 12  
64K C3  H3   sing N N 13  
64K O3  HO3  sing N N 14  
64K C4  H4   sing N N 15  
64K O4  HO4  sing N N 16  
64K C5  H51  sing N N 17  
64K C5  H52  sing N N 18  
64K C1  H1   sing N N 19  
64K O1  HO1  sing N N 20  
ALA N   CA   sing N N 21  
ALA N   H    sing N N 22  
ALA N   H2   sing N N 23  
ALA CA  C    sing N N 24  
ALA CA  CB   sing N N 25  
ALA CA  HA   sing N N 26  
ALA C   O    doub N N 27  
ALA C   OXT  sing N N 28  
ALA CB  HB1  sing N N 29  
ALA CB  HB2  sing N N 30  
ALA CB  HB3  sing N N 31  
ALA OXT HXT  sing N N 32  
ARG N   CA   sing N N 33  
ARG N   H    sing N N 34  
ARG N   H2   sing N N 35  
ARG CA  C    sing N N 36  
ARG CA  CB   sing N N 37  
ARG CA  HA   sing N N 38  
ARG C   O    doub N N 39  
ARG C   OXT  sing N N 40  
ARG CB  CG   sing N N 41  
ARG CB  HB2  sing N N 42  
ARG CB  HB3  sing N N 43  
ARG CG  CD   sing N N 44  
ARG CG  HG2  sing N N 45  
ARG CG  HG3  sing N N 46  
ARG CD  NE   sing N N 47  
ARG CD  HD2  sing N N 48  
ARG CD  HD3  sing N N 49  
ARG NE  CZ   sing N N 50  
ARG NE  HE   sing N N 51  
ARG CZ  NH1  sing N N 52  
ARG CZ  NH2  doub N N 53  
ARG NH1 HH11 sing N N 54  
ARG NH1 HH12 sing N N 55  
ARG NH2 HH21 sing N N 56  
ARG NH2 HH22 sing N N 57  
ARG OXT HXT  sing N N 58  
ASN N   CA   sing N N 59  
ASN N   H    sing N N 60  
ASN N   H2   sing N N 61  
ASN CA  C    sing N N 62  
ASN CA  CB   sing N N 63  
ASN CA  HA   sing N N 64  
ASN C   O    doub N N 65  
ASN C   OXT  sing N N 66  
ASN CB  CG   sing N N 67  
ASN CB  HB2  sing N N 68  
ASN CB  HB3  sing N N 69  
ASN CG  OD1  doub N N 70  
ASN CG  ND2  sing N N 71  
ASN ND2 HD21 sing N N 72  
ASN ND2 HD22 sing N N 73  
ASN OXT HXT  sing N N 74  
ASP N   CA   sing N N 75  
ASP N   H    sing N N 76  
ASP N   H2   sing N N 77  
ASP CA  C    sing N N 78  
ASP CA  CB   sing N N 79  
ASP CA  HA   sing N N 80  
ASP C   O    doub N N 81  
ASP C   OXT  sing N N 82  
ASP CB  CG   sing N N 83  
ASP CB  HB2  sing N N 84  
ASP CB  HB3  sing N N 85  
ASP CG  OD1  doub N N 86  
ASP CG  OD2  sing N N 87  
ASP OD2 HD2  sing N N 88  
ASP OXT HXT  sing N N 89  
CYS N   CA   sing N N 90  
CYS N   H    sing N N 91  
CYS N   H2   sing N N 92  
CYS CA  C    sing N N 93  
CYS CA  CB   sing N N 94  
CYS CA  HA   sing N N 95  
CYS C   O    doub N N 96  
CYS C   OXT  sing N N 97  
CYS CB  SG   sing N N 98  
CYS CB  HB2  sing N N 99  
CYS CB  HB3  sing N N 100 
CYS SG  HG   sing N N 101 
CYS OXT HXT  sing N N 102 
GLN N   CA   sing N N 103 
GLN N   H    sing N N 104 
GLN N   H2   sing N N 105 
GLN CA  C    sing N N 106 
GLN CA  CB   sing N N 107 
GLN CA  HA   sing N N 108 
GLN C   O    doub N N 109 
GLN C   OXT  sing N N 110 
GLN CB  CG   sing N N 111 
GLN CB  HB2  sing N N 112 
GLN CB  HB3  sing N N 113 
GLN CG  CD   sing N N 114 
GLN CG  HG2  sing N N 115 
GLN CG  HG3  sing N N 116 
GLN CD  OE1  doub N N 117 
GLN CD  NE2  sing N N 118 
GLN NE2 HE21 sing N N 119 
GLN NE2 HE22 sing N N 120 
GLN OXT HXT  sing N N 121 
GLU N   CA   sing N N 122 
GLU N   H    sing N N 123 
GLU N   H2   sing N N 124 
GLU CA  C    sing N N 125 
GLU CA  CB   sing N N 126 
GLU CA  HA   sing N N 127 
GLU C   O    doub N N 128 
GLU C   OXT  sing N N 129 
GLU CB  CG   sing N N 130 
GLU CB  HB2  sing N N 131 
GLU CB  HB3  sing N N 132 
GLU CG  CD   sing N N 133 
GLU CG  HG2  sing N N 134 
GLU CG  HG3  sing N N 135 
GLU CD  OE1  doub N N 136 
GLU CD  OE2  sing N N 137 
GLU OE2 HE2  sing N N 138 
GLU OXT HXT  sing N N 139 
GLY N   CA   sing N N 140 
GLY N   H    sing N N 141 
GLY N   H2   sing N N 142 
GLY CA  C    sing N N 143 
GLY CA  HA2  sing N N 144 
GLY CA  HA3  sing N N 145 
GLY C   O    doub N N 146 
GLY C   OXT  sing N N 147 
GLY OXT HXT  sing N N 148 
HIS N   CA   sing N N 149 
HIS N   H    sing N N 150 
HIS N   H2   sing N N 151 
HIS CA  C    sing N N 152 
HIS CA  CB   sing N N 153 
HIS CA  HA   sing N N 154 
HIS C   O    doub N N 155 
HIS C   OXT  sing N N 156 
HIS CB  CG   sing N N 157 
HIS CB  HB2  sing N N 158 
HIS CB  HB3  sing N N 159 
HIS CG  ND1  sing Y N 160 
HIS CG  CD2  doub Y N 161 
HIS ND1 CE1  doub Y N 162 
HIS ND1 HD1  sing N N 163 
HIS CD2 NE2  sing Y N 164 
HIS CD2 HD2  sing N N 165 
HIS CE1 NE2  sing Y N 166 
HIS CE1 HE1  sing N N 167 
HIS NE2 HE2  sing N N 168 
HIS OXT HXT  sing N N 169 
HOH O   H1   sing N N 170 
HOH O   H2   sing N N 171 
ILE N   CA   sing N N 172 
ILE N   H    sing N N 173 
ILE N   H2   sing N N 174 
ILE CA  C    sing N N 175 
ILE CA  CB   sing N N 176 
ILE CA  HA   sing N N 177 
ILE C   O    doub N N 178 
ILE C   OXT  sing N N 179 
ILE CB  CG1  sing N N 180 
ILE CB  CG2  sing N N 181 
ILE CB  HB   sing N N 182 
ILE CG1 CD1  sing N N 183 
ILE CG1 HG12 sing N N 184 
ILE CG1 HG13 sing N N 185 
ILE CG2 HG21 sing N N 186 
ILE CG2 HG22 sing N N 187 
ILE CG2 HG23 sing N N 188 
ILE CD1 HD11 sing N N 189 
ILE CD1 HD12 sing N N 190 
ILE CD1 HD13 sing N N 191 
ILE OXT HXT  sing N N 192 
LEU N   CA   sing N N 193 
LEU N   H    sing N N 194 
LEU N   H2   sing N N 195 
LEU CA  C    sing N N 196 
LEU CA  CB   sing N N 197 
LEU CA  HA   sing N N 198 
LEU C   O    doub N N 199 
LEU C   OXT  sing N N 200 
LEU CB  CG   sing N N 201 
LEU CB  HB2  sing N N 202 
LEU CB  HB3  sing N N 203 
LEU CG  CD1  sing N N 204 
LEU CG  CD2  sing N N 205 
LEU CG  HG   sing N N 206 
LEU CD1 HD11 sing N N 207 
LEU CD1 HD12 sing N N 208 
LEU CD1 HD13 sing N N 209 
LEU CD2 HD21 sing N N 210 
LEU CD2 HD22 sing N N 211 
LEU CD2 HD23 sing N N 212 
LEU OXT HXT  sing N N 213 
LYS N   CA   sing N N 214 
LYS N   H    sing N N 215 
LYS N   H2   sing N N 216 
LYS CA  C    sing N N 217 
LYS CA  CB   sing N N 218 
LYS CA  HA   sing N N 219 
LYS C   O    doub N N 220 
LYS C   OXT  sing N N 221 
LYS CB  CG   sing N N 222 
LYS CB  HB2  sing N N 223 
LYS CB  HB3  sing N N 224 
LYS CG  CD   sing N N 225 
LYS CG  HG2  sing N N 226 
LYS CG  HG3  sing N N 227 
LYS CD  CE   sing N N 228 
LYS CD  HD2  sing N N 229 
LYS CD  HD3  sing N N 230 
LYS CE  NZ   sing N N 231 
LYS CE  HE2  sing N N 232 
LYS CE  HE3  sing N N 233 
LYS NZ  HZ1  sing N N 234 
LYS NZ  HZ2  sing N N 235 
LYS NZ  HZ3  sing N N 236 
LYS OXT HXT  sing N N 237 
MET N   CA   sing N N 238 
MET N   H    sing N N 239 
MET N   H2   sing N N 240 
MET CA  C    sing N N 241 
MET CA  CB   sing N N 242 
MET CA  HA   sing N N 243 
MET C   O    doub N N 244 
MET C   OXT  sing N N 245 
MET CB  CG   sing N N 246 
MET CB  HB2  sing N N 247 
MET CB  HB3  sing N N 248 
MET CG  SD   sing N N 249 
MET CG  HG2  sing N N 250 
MET CG  HG3  sing N N 251 
MET SD  CE   sing N N 252 
MET CE  HE1  sing N N 253 
MET CE  HE2  sing N N 254 
MET CE  HE3  sing N N 255 
MET OXT HXT  sing N N 256 
PHE N   CA   sing N N 257 
PHE N   H    sing N N 258 
PHE N   H2   sing N N 259 
PHE CA  C    sing N N 260 
PHE CA  CB   sing N N 261 
PHE CA  HA   sing N N 262 
PHE C   O    doub N N 263 
PHE C   OXT  sing N N 264 
PHE CB  CG   sing N N 265 
PHE CB  HB2  sing N N 266 
PHE CB  HB3  sing N N 267 
PHE CG  CD1  doub Y N 268 
PHE CG  CD2  sing Y N 269 
PHE CD1 CE1  sing Y N 270 
PHE CD1 HD1  sing N N 271 
PHE CD2 CE2  doub Y N 272 
PHE CD2 HD2  sing N N 273 
PHE CE1 CZ   doub Y N 274 
PHE CE1 HE1  sing N N 275 
PHE CE2 CZ   sing Y N 276 
PHE CE2 HE2  sing N N 277 
PHE CZ  HZ   sing N N 278 
PHE OXT HXT  sing N N 279 
PRO N   CA   sing N N 280 
PRO N   CD   sing N N 281 
PRO N   H    sing N N 282 
PRO CA  C    sing N N 283 
PRO CA  CB   sing N N 284 
PRO CA  HA   sing N N 285 
PRO C   O    doub N N 286 
PRO C   OXT  sing N N 287 
PRO CB  CG   sing N N 288 
PRO CB  HB2  sing N N 289 
PRO CB  HB3  sing N N 290 
PRO CG  CD   sing N N 291 
PRO CG  HG2  sing N N 292 
PRO CG  HG3  sing N N 293 
PRO CD  HD2  sing N N 294 
PRO CD  HD3  sing N N 295 
PRO OXT HXT  sing N N 296 
SER N   CA   sing N N 297 
SER N   H    sing N N 298 
SER N   H2   sing N N 299 
SER CA  C    sing N N 300 
SER CA  CB   sing N N 301 
SER CA  HA   sing N N 302 
SER C   O    doub N N 303 
SER C   OXT  sing N N 304 
SER CB  OG   sing N N 305 
SER CB  HB2  sing N N 306 
SER CB  HB3  sing N N 307 
SER OG  HG   sing N N 308 
SER OXT HXT  sing N N 309 
THR N   CA   sing N N 310 
THR N   H    sing N N 311 
THR N   H2   sing N N 312 
THR CA  C    sing N N 313 
THR CA  CB   sing N N 314 
THR CA  HA   sing N N 315 
THR C   O    doub N N 316 
THR C   OXT  sing N N 317 
THR CB  OG1  sing N N 318 
THR CB  CG2  sing N N 319 
THR CB  HB   sing N N 320 
THR OG1 HG1  sing N N 321 
THR CG2 HG21 sing N N 322 
THR CG2 HG22 sing N N 323 
THR CG2 HG23 sing N N 324 
THR OXT HXT  sing N N 325 
TRP N   CA   sing N N 326 
TRP N   H    sing N N 327 
TRP N   H2   sing N N 328 
TRP CA  C    sing N N 329 
TRP CA  CB   sing N N 330 
TRP CA  HA   sing N N 331 
TRP C   O    doub N N 332 
TRP C   OXT  sing N N 333 
TRP CB  CG   sing N N 334 
TRP CB  HB2  sing N N 335 
TRP CB  HB3  sing N N 336 
TRP CG  CD1  doub Y N 337 
TRP CG  CD2  sing Y N 338 
TRP CD1 NE1  sing Y N 339 
TRP CD1 HD1  sing N N 340 
TRP CD2 CE2  doub Y N 341 
TRP CD2 CE3  sing Y N 342 
TRP NE1 CE2  sing Y N 343 
TRP NE1 HE1  sing N N 344 
TRP CE2 CZ2  sing Y N 345 
TRP CE3 CZ3  doub Y N 346 
TRP CE3 HE3  sing N N 347 
TRP CZ2 CH2  doub Y N 348 
TRP CZ2 HZ2  sing N N 349 
TRP CZ3 CH2  sing Y N 350 
TRP CZ3 HZ3  sing N N 351 
TRP CH2 HH2  sing N N 352 
TRP OXT HXT  sing N N 353 
TYR N   CA   sing N N 354 
TYR N   H    sing N N 355 
TYR N   H2   sing N N 356 
TYR CA  C    sing N N 357 
TYR CA  CB   sing N N 358 
TYR CA  HA   sing N N 359 
TYR C   O    doub N N 360 
TYR C   OXT  sing N N 361 
TYR CB  CG   sing N N 362 
TYR CB  HB2  sing N N 363 
TYR CB  HB3  sing N N 364 
TYR CG  CD1  doub Y N 365 
TYR CG  CD2  sing Y N 366 
TYR CD1 CE1  sing Y N 367 
TYR CD1 HD1  sing N N 368 
TYR CD2 CE2  doub Y N 369 
TYR CD2 HD2  sing N N 370 
TYR CE1 CZ   doub Y N 371 
TYR CE1 HE1  sing N N 372 
TYR CE2 CZ   sing Y N 373 
TYR CE2 HE2  sing N N 374 
TYR CZ  OH   sing N N 375 
TYR OH  HH   sing N N 376 
TYR OXT HXT  sing N N 377 
VAL N   CA   sing N N 378 
VAL N   H    sing N N 379 
VAL N   H2   sing N N 380 
VAL CA  C    sing N N 381 
VAL CA  CB   sing N N 382 
VAL CA  HA   sing N N 383 
VAL C   O    doub N N 384 
VAL C   OXT  sing N N 385 
VAL CB  CG1  sing N N 386 
VAL CB  CG2  sing N N 387 
VAL CB  HB   sing N N 388 
VAL CG1 HG11 sing N N 389 
VAL CG1 HG12 sing N N 390 
VAL CG1 HG13 sing N N 391 
VAL CG2 HG21 sing N N 392 
VAL CG2 HG22 sing N N 393 
VAL CG2 HG23 sing N N 394 
VAL OXT HXT  sing N N 395 
# 
loop_
_pdbx_chem_comp_identifier.comp_id 
_pdbx_chem_comp_identifier.type 
_pdbx_chem_comp_identifier.program 
_pdbx_chem_comp_identifier.program_version 
_pdbx_chem_comp_identifier.identifier 
64K 'CONDENSED IUPAC CARBOHYDRATE SYMBOL' GMML     1.0 DArapa              
64K 'COMMON NAME'                         GMML     1.0 a-D-arabinopyranose 
64K 'IUPAC CARBOHYDRATE SYMBOL'           PDB-CARE 1.0 a-D-Arap            
64K 'SNFG CARBOHYDRATE SYMBOL'            GMML     1.0 Ara                 
# 
_pdbx_entity_instance_feature.ordinal        1 
_pdbx_entity_instance_feature.comp_id        64K 
_pdbx_entity_instance_feature.asym_id        ? 
_pdbx_entity_instance_feature.seq_num        ? 
_pdbx_entity_instance_feature.auth_comp_id   64K 
_pdbx_entity_instance_feature.auth_asym_id   ? 
_pdbx_entity_instance_feature.auth_seq_num   ? 
_pdbx_entity_instance_feature.feature_type   'SUBJECT OF INVESTIGATION' 
_pdbx_entity_instance_feature.details        ? 
# 
loop_
_pdbx_entity_nonpoly.entity_id 
_pdbx_entity_nonpoly.name 
_pdbx_entity_nonpoly.comp_id 
2 alpha-D-arabinopyranose 64K 
3 water                   HOH 
# 
_pdbx_initial_refinement_model.id               1 
_pdbx_initial_refinement_model.entity_id_list   ? 
_pdbx_initial_refinement_model.type             'experimental model' 
_pdbx_initial_refinement_model.source_name      PDB 
_pdbx_initial_refinement_model.accession_code   1QKQ 
_pdbx_initial_refinement_model.details          ? 
# 
_pdbx_struct_assembly_auth_evidence.id                     1 
_pdbx_struct_assembly_auth_evidence.assembly_id            1 
_pdbx_struct_assembly_auth_evidence.experimental_support   'light scattering' 
_pdbx_struct_assembly_auth_evidence.details                ? 
# 
